data_9E6D
#
_entry.id   9E6D
#
_cell.length_a   1.00
_cell.length_b   1.00
_cell.length_c   1.00
_cell.angle_alpha   90.00
_cell.angle_beta   90.00
_cell.angle_gamma   90.00
#
_symmetry.space_group_name_H-M   'P 1'
#
loop_
_entity.id
_entity.type
_entity.pdbx_description
1 polymer 'Chemotactile receptor CRT1'
2 non-polymer 2-acetamido-2-deoxy-beta-D-glucopyranose
3 non-polymer LUMICHROME
#
_entity_poly.entity_id   1
_entity_poly.type   'polypeptide(L)'
_entity_poly.pdbx_seq_one_letter_code
;MIFVIYLVFILISSIPIVKSTPTYGDERLLREKLLTNYSKSIRPVINLTKVVDVTALLYLQTLYDLDFVNNFIMARYYLG
LIWIDEKLTWNPLDYNNITSIYLPKDKIWTPPIKMCNSMDKSEENDGVGELMLTYTGWINMWSFRLLHTYCQINAYTYPF
DEHTCEIYLCVALHTINHTRIKELIYEDSKFTQNYKWDINVSGKVNGTDELFSYAFAPMYLRRKLTVGIIAMLIPTVMMT
ILTIFVFLLPPESGEKVSLATTIFLSNVLYLVQIDKTTPTNTKYPSLLMLYLMLLSMLSGIATLGSVVISKLYVIQSPSL
RKSNPSDQNMNKSHTNKVADISTISKVQSDLPIREKPNEKRIYCISDYIRLDDIFLKLSIATSVIISMIFTCLLFIPLES
SAWSHPQFEK
;
_entity_poly.pdbx_strand_id   A,B,C,D,E
#
# COMPACT_ATOMS: atom_id res chain seq x y z
N THR A 21 -40.94 29.44 -18.85
CA THR A 21 -39.94 28.36 -18.59
C THR A 21 -39.26 28.60 -17.25
N PRO A 22 -38.81 27.54 -16.58
CA PRO A 22 -38.16 27.74 -15.28
C PRO A 22 -36.86 28.48 -15.42
N THR A 23 -36.53 29.25 -14.38
CA THR A 23 -35.35 30.11 -14.37
C THR A 23 -34.49 29.84 -13.14
N TYR A 24 -33.30 30.44 -13.18
CA TYR A 24 -32.36 30.30 -12.07
C TYR A 24 -32.95 30.87 -10.79
N GLY A 25 -33.64 32.01 -10.89
CA GLY A 25 -34.29 32.56 -9.71
C GLY A 25 -35.40 31.67 -9.19
N ASP A 26 -36.14 31.01 -10.09
CA ASP A 26 -37.19 30.11 -9.66
C ASP A 26 -36.61 28.93 -8.88
N GLU A 27 -35.54 28.34 -9.39
CA GLU A 27 -34.92 27.23 -8.66
C GLU A 27 -34.34 27.70 -7.33
N ARG A 28 -33.78 28.91 -7.31
CA ARG A 28 -33.25 29.44 -6.06
C ARG A 28 -34.35 29.60 -5.02
N LEU A 29 -35.49 30.16 -5.45
CA LEU A 29 -36.62 30.32 -4.53
C LEU A 29 -37.10 28.97 -4.03
N LEU A 30 -37.21 27.99 -4.93
CA LEU A 30 -37.68 26.67 -4.54
C LEU A 30 -36.77 26.07 -3.48
N ARG A 31 -35.46 26.11 -3.72
CA ARG A 31 -34.52 25.51 -2.78
C ARG A 31 -34.55 26.24 -1.44
N GLU A 32 -34.64 27.57 -1.47
CA GLU A 32 -34.66 28.34 -0.23
C GLU A 32 -35.89 28.01 0.59
N LYS A 33 -37.03 27.81 -0.06
CA LYS A 33 -38.23 27.45 0.70
C LYS A 33 -38.18 25.99 1.12
N LEU A 34 -37.52 25.15 0.32
CA LEU A 34 -37.50 23.72 0.58
C LEU A 34 -36.70 23.39 1.83
N LEU A 35 -35.54 24.02 2.00
CA LEU A 35 -34.63 23.70 3.10
C LEU A 35 -34.87 24.57 4.33
N THR A 36 -36.04 25.21 4.43
CA THR A 36 -36.26 26.21 5.49
C THR A 36 -36.11 25.60 6.88
N ASN A 37 -36.81 24.50 7.17
CA ASN A 37 -36.81 23.88 8.49
C ASN A 37 -36.36 22.42 8.42
N TYR A 38 -35.45 22.11 7.52
CA TYR A 38 -34.97 20.75 7.36
C TYR A 38 -33.85 20.48 8.35
N SER A 39 -34.00 19.41 9.12
CA SER A 39 -32.96 18.92 10.02
C SER A 39 -32.36 17.66 9.41
N LYS A 40 -31.06 17.70 9.13
CA LYS A 40 -30.41 16.57 8.48
C LYS A 40 -30.44 15.31 9.33
N SER A 41 -30.59 15.44 10.64
CA SER A 41 -30.47 14.29 11.55
C SER A 41 -31.81 13.66 11.90
N ILE A 42 -32.92 14.27 11.49
CA ILE A 42 -34.25 13.75 11.77
C ILE A 42 -34.70 12.95 10.57
N ARG A 43 -35.15 11.72 10.80
CA ARG A 43 -35.61 10.88 9.71
C ARG A 43 -36.72 11.61 8.94
N PRO A 44 -36.77 11.50 7.62
CA PRO A 44 -37.77 12.29 6.88
C PRO A 44 -39.14 11.62 6.85
N VAL A 45 -39.83 11.68 7.97
CA VAL A 45 -41.17 11.10 8.09
C VAL A 45 -42.01 12.04 8.93
N ILE A 46 -43.24 12.31 8.48
CA ILE A 46 -44.14 13.14 9.26
C ILE A 46 -44.44 12.50 10.61
N ASN A 47 -44.81 11.22 10.60
CA ASN A 47 -45.05 10.46 11.81
C ASN A 47 -43.86 9.55 12.06
N LEU A 48 -43.20 9.74 13.19
CA LEU A 48 -41.97 8.99 13.44
C LEU A 48 -42.21 7.50 13.66
N THR A 49 -43.46 7.07 13.81
CA THR A 49 -43.74 5.66 14.00
C THR A 49 -43.60 4.85 12.72
N LYS A 50 -43.62 5.50 11.56
CA LYS A 50 -43.53 4.82 10.29
C LYS A 50 -42.06 4.63 9.89
N VAL A 51 -41.79 3.55 9.18
CA VAL A 51 -40.44 3.24 8.73
C VAL A 51 -40.24 3.86 7.36
N VAL A 52 -38.97 4.08 7.01
CA VAL A 52 -38.58 4.51 5.66
C VAL A 52 -38.08 3.28 4.90
N ASP A 53 -38.77 2.94 3.82
CA ASP A 53 -38.43 1.77 3.03
C ASP A 53 -37.39 2.15 1.98
N VAL A 54 -36.21 1.56 2.10
CA VAL A 54 -35.10 1.82 1.18
C VAL A 54 -34.98 0.60 0.27
N THR A 55 -34.95 0.86 -1.04
CA THR A 55 -34.67 -0.17 -2.04
C THR A 55 -33.34 0.14 -2.70
N ALA A 56 -32.43 -0.82 -2.67
CA ALA A 56 -31.07 -0.65 -3.16
C ALA A 56 -30.91 -1.36 -4.50
N LEU A 57 -30.12 -0.75 -5.39
CA LEU A 57 -29.85 -1.28 -6.72
C LEU A 57 -28.34 -1.39 -6.89
N LEU A 58 -27.84 -2.62 -7.07
CA LEU A 58 -26.41 -2.89 -7.16
C LEU A 58 -26.11 -3.49 -8.53
N TYR A 59 -25.62 -2.67 -9.46
CA TYR A 59 -25.27 -3.10 -10.81
C TYR A 59 -23.76 -3.26 -10.90
N LEU A 60 -23.29 -4.51 -10.93
CA LEU A 60 -21.88 -4.78 -11.16
C LEU A 60 -21.41 -4.16 -12.47
N GLN A 61 -20.16 -3.69 -12.47
CA GLN A 61 -19.52 -3.15 -13.66
C GLN A 61 -18.41 -4.05 -14.18
N THR A 62 -17.38 -4.31 -13.38
CA THR A 62 -16.26 -5.15 -13.78
C THR A 62 -15.82 -5.98 -12.59
N LEU A 63 -15.39 -7.19 -12.86
CA LEU A 63 -14.83 -8.08 -11.85
C LEU A 63 -13.32 -8.08 -12.05
N TYR A 64 -12.64 -7.19 -11.34
CA TYR A 64 -11.20 -7.01 -11.52
C TYR A 64 -10.44 -8.30 -11.31
N ASP A 65 -10.66 -8.97 -10.19
CA ASP A 65 -9.82 -10.12 -9.86
C ASP A 65 -10.49 -10.89 -8.74
N LEU A 66 -10.10 -12.16 -8.59
CA LEU A 66 -10.53 -13.04 -7.50
C LEU A 66 -9.26 -13.50 -6.80
N ASP A 67 -8.91 -12.84 -5.70
CA ASP A 67 -7.67 -13.12 -5.00
C ASP A 67 -7.85 -14.37 -4.16
N PHE A 68 -7.15 -15.45 -4.54
CA PHE A 68 -7.33 -16.71 -3.84
C PHE A 68 -6.67 -16.70 -2.47
N VAL A 69 -5.46 -16.14 -2.37
CA VAL A 69 -4.73 -16.25 -1.12
C VAL A 69 -5.40 -15.43 -0.02
N ASN A 70 -5.90 -14.25 -0.36
CA ASN A 70 -6.52 -13.36 0.62
C ASN A 70 -8.04 -13.52 0.73
N ASN A 71 -8.65 -14.38 -0.09
CA ASN A 71 -10.08 -14.67 -0.02
C ASN A 71 -10.94 -13.45 -0.33
N PHE A 72 -10.49 -12.59 -1.24
CA PHE A 72 -11.22 -11.38 -1.62
C PHE A 72 -11.56 -11.42 -3.10
N ILE A 73 -12.55 -10.62 -3.48
CA ILE A 73 -12.87 -10.35 -4.88
C ILE A 73 -12.94 -8.86 -5.06
N MET A 74 -12.27 -8.35 -6.09
CA MET A 74 -12.22 -6.92 -6.38
C MET A 74 -13.16 -6.62 -7.53
N ALA A 75 -14.10 -5.70 -7.30
CA ALA A 75 -15.06 -5.34 -8.32
C ALA A 75 -15.48 -3.90 -8.13
N ARG A 76 -16.12 -3.34 -9.16
CA ARG A 76 -16.64 -1.98 -9.15
C ARG A 76 -18.13 -2.04 -9.48
N TYR A 77 -18.94 -1.42 -8.63
CA TYR A 77 -20.40 -1.49 -8.72
C TYR A 77 -20.97 -0.10 -9.03
N TYR A 78 -22.30 -0.03 -9.04
CA TYR A 78 -23.08 1.19 -9.23
C TYR A 78 -24.16 1.29 -8.19
N LEU A 79 -23.79 1.18 -6.91
CA LEU A 79 -24.77 1.11 -5.83
C LEU A 79 -25.67 2.34 -5.86
N GLY A 80 -26.97 2.10 -6.03
CA GLY A 80 -27.95 3.15 -6.00
C GLY A 80 -28.92 2.90 -4.87
N LEU A 81 -29.44 3.99 -4.30
CA LEU A 81 -30.34 3.93 -3.17
C LEU A 81 -31.55 4.81 -3.48
N ILE A 82 -32.74 4.25 -3.28
CA ILE A 82 -33.99 4.95 -3.56
C ILE A 82 -34.87 4.85 -2.33
N TRP A 83 -35.41 5.99 -1.91
CA TRP A 83 -36.38 6.03 -0.82
C TRP A 83 -37.31 7.22 -1.08
N ILE A 84 -38.20 7.49 -0.12
CA ILE A 84 -39.19 8.53 -0.25
C ILE A 84 -39.05 9.49 0.92
N ASP A 85 -38.98 10.78 0.61
CA ASP A 85 -38.94 11.85 1.60
C ASP A 85 -40.30 12.53 1.65
N GLU A 86 -40.86 12.66 2.86
CA GLU A 86 -42.17 13.26 3.02
C GLU A 86 -42.11 14.76 3.30
N LYS A 87 -40.95 15.30 3.67
CA LYS A 87 -40.84 16.74 3.92
C LYS A 87 -40.47 17.52 2.67
N LEU A 88 -39.80 16.89 1.72
CA LEU A 88 -39.28 17.57 0.53
C LEU A 88 -40.20 17.33 -0.64
N THR A 89 -41.26 18.14 -0.72
CA THR A 89 -42.23 18.06 -1.80
C THR A 89 -42.65 19.46 -2.20
N TRP A 90 -43.24 19.57 -3.39
CA TRP A 90 -43.70 20.86 -3.88
C TRP A 90 -44.66 20.62 -5.03
N ASN A 91 -45.58 21.56 -5.20
CA ASN A 91 -46.43 21.54 -6.38
C ASN A 91 -45.67 22.21 -7.53
N PRO A 92 -45.27 21.48 -8.57
CA PRO A 92 -44.44 22.12 -9.62
C PRO A 92 -45.14 23.25 -10.36
N LEU A 93 -46.47 23.29 -10.37
CA LEU A 93 -47.17 24.40 -11.01
C LEU A 93 -46.93 25.70 -10.28
N ASP A 94 -46.52 25.66 -9.02
CA ASP A 94 -46.24 26.85 -8.25
C ASP A 94 -44.82 27.38 -8.45
N TYR A 95 -43.98 26.68 -9.21
CA TYR A 95 -42.59 27.07 -9.41
C TYR A 95 -42.18 26.90 -10.87
N ASN A 96 -43.07 27.29 -11.79
CA ASN A 96 -42.76 27.29 -13.22
C ASN A 96 -42.33 25.92 -13.72
N ASN A 97 -42.97 24.87 -13.20
CA ASN A 97 -42.83 23.52 -13.73
C ASN A 97 -41.46 22.91 -13.44
N ILE A 98 -40.79 23.36 -12.38
CA ILE A 98 -39.55 22.71 -11.97
C ILE A 98 -39.92 21.35 -11.38
N THR A 99 -39.53 20.27 -12.04
CA THR A 99 -39.89 18.92 -11.63
C THR A 99 -38.79 18.19 -10.88
N SER A 100 -37.55 18.66 -10.92
CA SER A 100 -36.47 17.97 -10.24
C SER A 100 -35.32 18.93 -10.00
N ILE A 101 -34.61 18.71 -8.89
CA ILE A 101 -33.45 19.51 -8.52
C ILE A 101 -32.31 18.58 -8.12
N TYR A 102 -31.15 19.18 -7.93
CA TYR A 102 -29.95 18.49 -7.48
C TYR A 102 -29.47 19.15 -6.20
N LEU A 103 -29.31 18.35 -5.14
CA LEU A 103 -28.91 18.84 -3.83
C LEU A 103 -27.55 18.28 -3.45
N PRO A 104 -26.73 19.00 -2.69
CA PRO A 104 -25.50 18.38 -2.17
C PRO A 104 -25.81 17.25 -1.21
N LYS A 105 -25.01 16.19 -1.31
CA LYS A 105 -25.32 14.97 -0.58
C LYS A 105 -25.32 15.17 0.93
N ASP A 106 -24.57 16.15 1.44
CA ASP A 106 -24.40 16.32 2.87
C ASP A 106 -25.42 17.26 3.51
N LYS A 107 -26.37 17.78 2.75
CA LYS A 107 -27.41 18.65 3.29
C LYS A 107 -28.71 17.93 3.58
N ILE A 108 -28.86 16.68 3.18
CA ILE A 108 -30.12 15.95 3.27
C ILE A 108 -29.88 14.66 4.05
N TRP A 109 -30.93 14.18 4.70
CA TRP A 109 -30.83 12.91 5.39
C TRP A 109 -30.60 11.80 4.39
N THR A 110 -29.67 10.89 4.73
CA THR A 110 -29.26 9.82 3.84
C THR A 110 -29.24 8.53 4.65
N PRO A 111 -29.87 7.44 4.18
CA PRO A 111 -29.89 6.21 4.98
C PRO A 111 -28.48 5.70 5.19
N PRO A 112 -28.16 5.15 6.37
CA PRO A 112 -26.78 4.75 6.63
C PRO A 112 -26.47 3.32 6.17
N ILE A 113 -26.62 3.08 4.87
CA ILE A 113 -26.36 1.76 4.32
C ILE A 113 -24.85 1.58 4.22
N LYS A 114 -24.37 0.41 4.66
CA LYS A 114 -22.94 0.12 4.75
C LYS A 114 -22.62 -1.12 3.95
N MET A 115 -21.40 -1.15 3.40
CA MET A 115 -20.85 -2.34 2.76
C MET A 115 -20.35 -3.28 3.86
N CYS A 116 -21.32 -3.86 4.55
CA CYS A 116 -21.09 -4.55 5.82
C CYS A 116 -19.99 -5.60 5.75
N ASN A 117 -19.94 -6.38 4.67
CA ASN A 117 -19.03 -7.51 4.56
C ASN A 117 -17.86 -7.21 3.65
N SER A 118 -17.44 -5.95 3.57
CA SER A 118 -16.45 -5.54 2.59
C SER A 118 -15.57 -4.44 3.13
N MET A 119 -14.35 -4.36 2.61
CA MET A 119 -13.49 -3.21 2.79
C MET A 119 -13.70 -2.29 1.60
N ASP A 120 -14.22 -1.09 1.86
CA ASP A 120 -14.48 -0.13 0.80
C ASP A 120 -13.22 0.67 0.56
N LYS A 121 -12.73 0.63 -0.68
CA LYS A 121 -11.49 1.30 -1.07
C LYS A 121 -11.76 2.38 -2.12
N SER A 122 -12.97 2.92 -2.14
CA SER A 122 -13.27 4.03 -3.02
C SER A 122 -12.61 5.30 -2.50
N GLU A 123 -12.28 6.20 -3.42
CA GLU A 123 -11.69 7.47 -3.08
C GLU A 123 -12.75 8.57 -3.05
N GLU A 124 -12.37 9.72 -2.51
CA GLU A 124 -13.24 10.88 -2.56
C GLU A 124 -13.42 11.40 -3.98
N ASN A 125 -12.51 11.04 -4.90
CA ASN A 125 -12.67 11.39 -6.30
C ASN A 125 -13.76 10.57 -6.96
N ASP A 126 -14.14 9.43 -6.38
CA ASP A 126 -15.26 8.63 -6.85
C ASP A 126 -16.53 8.87 -6.07
N GLY A 127 -16.57 9.89 -5.22
CA GLY A 127 -17.76 10.23 -4.47
C GLY A 127 -18.49 11.36 -5.17
N VAL A 128 -19.74 11.09 -5.55
CA VAL A 128 -20.50 12.08 -6.30
C VAL A 128 -20.80 13.31 -5.44
N GLY A 129 -21.18 13.10 -4.17
CA GLY A 129 -21.49 14.21 -3.30
C GLY A 129 -22.65 15.04 -3.80
N GLU A 130 -23.69 14.40 -4.33
CA GLU A 130 -24.85 15.09 -4.88
C GLU A 130 -25.91 14.04 -5.14
N LEU A 131 -27.17 14.47 -5.15
CA LEU A 131 -28.27 13.54 -5.30
C LEU A 131 -29.41 14.19 -6.05
N MET A 132 -30.26 13.35 -6.65
CA MET A 132 -31.41 13.78 -7.44
C MET A 132 -32.67 13.61 -6.63
N LEU A 133 -33.45 14.69 -6.53
CA LEU A 133 -34.71 14.71 -5.81
C LEU A 133 -35.83 15.10 -6.75
N THR A 134 -36.94 14.38 -6.68
CA THR A 134 -38.10 14.58 -7.53
C THR A 134 -39.23 15.22 -6.72
N TYR A 135 -40.13 15.92 -7.42
CA TYR A 135 -41.16 16.70 -6.73
C TYR A 135 -42.10 15.84 -5.91
N THR A 136 -42.17 14.53 -6.17
CA THR A 136 -42.99 13.64 -5.37
C THR A 136 -42.29 13.20 -4.08
N GLY A 137 -41.02 13.56 -3.89
CA GLY A 137 -40.25 13.15 -2.75
C GLY A 137 -39.28 12.01 -3.01
N TRP A 138 -39.33 11.38 -4.17
CA TRP A 138 -38.46 10.25 -4.44
C TRP A 138 -37.05 10.74 -4.70
N ILE A 139 -36.08 10.16 -4.01
CA ILE A 139 -34.67 10.54 -4.10
C ILE A 139 -33.89 9.39 -4.71
N ASN A 140 -33.05 9.71 -5.70
CA ASN A 140 -32.09 8.76 -6.25
C ASN A 140 -30.69 9.19 -5.86
N MET A 141 -29.91 8.26 -5.32
CA MET A 141 -28.53 8.54 -4.90
C MET A 141 -27.64 7.40 -5.40
N TRP A 142 -26.98 7.65 -6.52
CA TRP A 142 -26.16 6.66 -7.22
C TRP A 142 -24.68 6.98 -7.06
N SER A 143 -23.89 5.96 -6.70
CA SER A 143 -22.48 6.15 -6.40
C SER A 143 -21.65 4.96 -6.88
N PHE A 144 -20.51 5.24 -7.53
CA PHE A 144 -19.55 4.19 -7.81
C PHE A 144 -18.93 3.68 -6.51
N ARG A 145 -18.64 2.39 -6.48
CA ARG A 145 -18.11 1.75 -5.28
C ARG A 145 -17.17 0.64 -5.71
N LEU A 146 -15.90 0.74 -5.31
CA LEU A 146 -14.92 -0.32 -5.51
C LEU A 146 -14.74 -1.05 -4.18
N LEU A 147 -14.99 -2.36 -4.17
CA LEU A 147 -15.09 -3.13 -2.94
C LEU A 147 -14.07 -4.26 -2.93
N HIS A 148 -13.45 -4.45 -1.76
CA HIS A 148 -12.64 -5.61 -1.45
C HIS A 148 -13.46 -6.43 -0.46
N THR A 149 -14.24 -7.38 -0.98
CA THR A 149 -15.26 -8.07 -0.20
C THR A 149 -14.86 -9.51 0.08
N TYR A 150 -15.09 -9.93 1.32
CA TYR A 150 -14.67 -11.26 1.77
C TYR A 150 -15.52 -12.32 1.10
N CYS A 151 -14.87 -13.38 0.62
CA CYS A 151 -15.54 -14.53 0.02
C CYS A 151 -14.94 -15.81 0.56
N GLN A 152 -15.80 -16.78 0.85
CA GLN A 152 -15.36 -18.09 1.29
C GLN A 152 -15.03 -18.89 0.04
N ILE A 153 -13.74 -18.99 -0.26
CA ILE A 153 -13.26 -19.52 -1.54
C ILE A 153 -12.86 -20.97 -1.33
N ASN A 154 -13.60 -21.88 -1.95
CA ASN A 154 -13.36 -23.32 -1.87
C ASN A 154 -12.75 -23.79 -3.18
N ALA A 155 -11.49 -24.22 -3.12
CA ALA A 155 -10.77 -24.72 -4.29
C ALA A 155 -10.82 -26.23 -4.40
N TYR A 156 -11.93 -26.84 -4.00
CA TYR A 156 -12.06 -28.29 -4.03
C TYR A 156 -11.90 -28.82 -5.45
N THR A 157 -12.80 -28.41 -6.35
CA THR A 157 -12.87 -28.93 -7.71
C THR A 157 -11.96 -28.17 -8.67
N TYR A 158 -10.83 -27.64 -8.19
CA TYR A 158 -9.93 -26.90 -9.05
C TYR A 158 -9.44 -27.79 -10.19
N PRO A 159 -9.27 -27.28 -11.41
CA PRO A 159 -9.57 -25.93 -11.93
C PRO A 159 -10.97 -25.82 -12.53
N PHE A 160 -11.81 -26.85 -12.43
CA PHE A 160 -13.20 -26.79 -12.87
C PHE A 160 -14.10 -26.40 -11.72
N ASP A 161 -13.75 -25.31 -11.02
CA ASP A 161 -14.38 -24.96 -9.76
C ASP A 161 -15.38 -23.84 -9.94
N GLU A 162 -16.40 -23.85 -9.08
CA GLU A 162 -17.39 -22.80 -8.99
C GLU A 162 -17.37 -22.24 -7.58
N HIS A 163 -17.86 -21.01 -7.42
CA HIS A 163 -17.79 -20.32 -6.15
C HIS A 163 -18.98 -19.37 -6.02
N THR A 164 -19.33 -19.07 -4.78
CA THR A 164 -20.42 -18.17 -4.46
C THR A 164 -19.91 -17.10 -3.50
N CYS A 165 -19.98 -15.85 -3.93
CA CYS A 165 -19.61 -14.70 -3.10
C CYS A 165 -20.84 -13.86 -2.85
N GLU A 166 -21.12 -13.58 -1.59
CA GLU A 166 -22.29 -12.82 -1.18
C GLU A 166 -21.88 -11.40 -0.81
N ILE A 167 -22.48 -10.41 -1.47
CA ILE A 167 -22.23 -9.01 -1.21
C ILE A 167 -23.31 -8.53 -0.26
N TYR A 168 -22.93 -8.10 0.94
CA TYR A 168 -23.88 -7.79 1.99
C TYR A 168 -24.14 -6.30 2.07
N LEU A 169 -25.41 -5.94 2.28
CA LEU A 169 -25.83 -4.62 2.68
C LEU A 169 -26.56 -4.73 4.01
N CYS A 170 -26.28 -3.81 4.94
CA CYS A 170 -27.02 -3.79 6.19
C CYS A 170 -27.06 -2.37 6.73
N VAL A 171 -28.28 -1.91 7.04
CA VAL A 171 -28.47 -0.64 7.74
C VAL A 171 -27.54 -0.56 8.93
N ALA A 172 -27.00 0.62 9.16
CA ALA A 172 -25.94 0.75 10.15
C ALA A 172 -26.50 0.63 11.55
N LEU A 173 -27.33 1.59 11.96
CA LEU A 173 -27.71 1.76 13.36
C LEU A 173 -29.21 1.83 13.62
N HIS A 174 -30.03 2.05 12.62
CA HIS A 174 -31.45 2.22 12.88
C HIS A 174 -32.09 0.85 13.02
N THR A 175 -32.96 0.71 14.03
CA THR A 175 -33.65 -0.54 14.23
C THR A 175 -34.72 -0.72 13.17
N ILE A 176 -35.19 -1.96 13.02
CA ILE A 176 -36.11 -2.31 11.95
C ILE A 176 -37.39 -1.49 12.02
N ASN A 177 -37.70 -0.93 13.18
CA ASN A 177 -38.88 -0.09 13.35
C ASN A 177 -38.58 1.37 13.05
N HIS A 178 -37.38 1.67 12.58
CA HIS A 178 -37.03 2.97 12.00
C HIS A 178 -36.72 2.90 10.51
N THR A 179 -35.78 2.04 10.10
CA THR A 179 -35.33 1.97 8.72
C THR A 179 -35.23 0.51 8.29
N ARG A 180 -35.70 0.22 7.07
CA ARG A 180 -35.71 -1.12 6.52
C ARG A 180 -35.24 -1.10 5.07
N ILE A 181 -34.59 -2.18 4.67
CA ILE A 181 -34.20 -2.38 3.28
C ILE A 181 -35.33 -3.15 2.60
N LYS A 182 -36.14 -2.44 1.80
CA LYS A 182 -37.29 -3.07 1.17
C LYS A 182 -36.87 -4.21 0.24
N GLU A 183 -35.87 -3.97 -0.61
CA GLU A 183 -35.46 -4.95 -1.60
C GLU A 183 -34.04 -4.67 -2.03
N LEU A 184 -33.44 -5.66 -2.68
CA LEU A 184 -32.14 -5.53 -3.32
C LEU A 184 -32.26 -6.07 -4.72
N ILE A 185 -32.08 -5.21 -5.72
CA ILE A 185 -32.14 -5.58 -7.13
C ILE A 185 -30.72 -5.56 -7.65
N TYR A 186 -30.19 -6.74 -7.99
CA TYR A 186 -28.82 -6.87 -8.46
C TYR A 186 -28.82 -7.40 -9.89
N GLU A 187 -27.97 -6.83 -10.73
CA GLU A 187 -27.84 -7.25 -12.12
C GLU A 187 -26.38 -7.09 -12.52
N ASP A 188 -26.07 -7.52 -13.74
CA ASP A 188 -24.76 -7.32 -14.35
C ASP A 188 -24.92 -6.34 -15.50
N SER A 189 -24.07 -5.32 -15.52
CA SER A 189 -24.19 -4.26 -16.51
C SER A 189 -23.52 -4.61 -17.83
N LYS A 190 -22.73 -5.68 -17.89
CA LYS A 190 -22.08 -6.13 -19.12
C LYS A 190 -21.17 -5.05 -19.69
N PHE A 191 -20.61 -4.21 -18.82
CA PHE A 191 -19.74 -3.14 -19.30
C PHE A 191 -18.52 -3.70 -20.00
N THR A 192 -17.88 -4.71 -19.41
CA THR A 192 -16.73 -5.38 -20.00
C THR A 192 -16.92 -6.88 -19.91
N GLN A 193 -16.22 -7.60 -20.78
CA GLN A 193 -16.21 -9.05 -20.75
C GLN A 193 -15.01 -9.54 -19.95
N ASN A 194 -15.18 -10.67 -19.28
CA ASN A 194 -14.15 -11.16 -18.38
C ASN A 194 -13.13 -12.05 -19.09
N TYR A 195 -13.58 -13.14 -19.70
CA TYR A 195 -12.79 -14.16 -20.38
C TYR A 195 -12.08 -15.10 -19.42
N LYS A 196 -12.28 -14.97 -18.11
CA LYS A 196 -11.66 -15.87 -17.13
C LYS A 196 -12.71 -16.46 -16.20
N TRP A 197 -13.74 -15.67 -15.87
CA TRP A 197 -14.82 -16.09 -15.00
C TRP A 197 -16.15 -15.84 -15.67
N ASP A 198 -17.05 -16.81 -15.56
CA ASP A 198 -18.43 -16.65 -16.00
C ASP A 198 -19.24 -16.15 -14.80
N ILE A 199 -19.68 -14.90 -14.86
CA ILE A 199 -20.37 -14.25 -13.75
C ILE A 199 -21.87 -14.37 -13.97
N ASN A 200 -22.60 -14.63 -12.88
CA ASN A 200 -24.05 -14.80 -12.91
C ASN A 200 -24.62 -14.05 -11.71
N VAL A 201 -24.90 -12.77 -11.88
CA VAL A 201 -25.44 -11.91 -10.83
C VAL A 201 -26.75 -11.37 -11.35
N SER A 202 -27.85 -12.05 -11.06
CA SER A 202 -29.17 -11.55 -11.41
C SER A 202 -30.18 -12.07 -10.40
N GLY A 203 -31.18 -11.24 -10.12
CA GLY A 203 -32.26 -11.62 -9.21
C GLY A 203 -32.67 -10.53 -8.25
N LYS A 204 -33.84 -10.73 -7.63
CA LYS A 204 -34.42 -9.81 -6.67
C LYS A 204 -34.67 -10.54 -5.36
N VAL A 205 -34.33 -9.89 -4.24
CA VAL A 205 -34.52 -10.47 -2.91
C VAL A 205 -35.02 -9.41 -1.95
N ASN A 206 -36.00 -9.78 -1.13
CA ASN A 206 -36.45 -8.90 -0.06
C ASN A 206 -35.39 -8.79 1.04
N GLY A 207 -35.50 -7.73 1.83
CA GLY A 207 -34.60 -7.56 2.94
C GLY A 207 -34.90 -8.52 4.08
N THR A 208 -33.86 -8.87 4.83
CA THR A 208 -33.96 -9.79 5.95
C THR A 208 -33.95 -8.98 7.24
N ASP A 209 -34.92 -9.25 8.12
CA ASP A 209 -35.11 -8.51 9.36
C ASP A 209 -34.69 -9.35 10.56
N GLU A 210 -33.51 -9.07 11.14
CA GLU A 210 -33.11 -9.67 12.42
C GLU A 210 -32.43 -8.56 13.24
N LEU A 211 -33.27 -7.78 13.92
CA LEU A 211 -32.88 -6.66 14.79
C LEU A 211 -32.33 -5.44 14.05
N PHE A 212 -31.73 -5.63 12.87
CA PHE A 212 -31.42 -4.54 11.95
C PHE A 212 -31.48 -5.13 10.56
N SER A 213 -32.13 -4.44 9.63
CA SER A 213 -32.37 -4.99 8.31
C SER A 213 -31.06 -5.20 7.56
N TYR A 214 -31.06 -6.16 6.64
CA TYR A 214 -29.90 -6.43 5.82
C TYR A 214 -30.30 -7.37 4.70
N ALA A 215 -29.58 -7.28 3.59
CA ALA A 215 -29.81 -8.13 2.43
C ALA A 215 -28.46 -8.46 1.81
N PHE A 216 -28.44 -9.45 0.91
CA PHE A 216 -27.21 -9.77 0.22
C PHE A 216 -27.51 -10.32 -1.17
N ALA A 217 -26.64 -10.00 -2.13
CA ALA A 217 -26.74 -10.48 -3.50
C ALA A 217 -25.83 -11.68 -3.69
N PRO A 218 -26.31 -12.86 -4.08
CA PRO A 218 -25.38 -13.98 -4.34
C PRO A 218 -24.80 -13.89 -5.73
N MET A 219 -23.47 -13.91 -5.81
CA MET A 219 -22.74 -13.87 -7.08
C MET A 219 -22.05 -15.20 -7.33
N TYR A 220 -22.47 -15.90 -8.38
CA TYR A 220 -21.90 -17.17 -8.75
C TYR A 220 -20.80 -16.97 -9.78
N LEU A 221 -19.64 -17.60 -9.56
CA LEU A 221 -18.47 -17.44 -10.40
C LEU A 221 -17.95 -18.80 -10.80
N ARG A 222 -17.90 -19.05 -12.11
CA ARG A 222 -17.39 -20.29 -12.69
C ARG A 222 -16.14 -19.97 -13.51
N ARG A 223 -15.05 -20.65 -13.19
CA ARG A 223 -13.83 -20.47 -13.98
C ARG A 223 -14.03 -21.01 -15.39
N LYS A 224 -13.71 -20.19 -16.39
CA LYS A 224 -13.83 -20.60 -17.78
C LYS A 224 -12.62 -21.42 -18.18
N LEU A 225 -12.86 -22.53 -18.86
CA LEU A 225 -11.78 -23.44 -19.24
C LEU A 225 -11.03 -22.82 -20.43
N THR A 226 -9.84 -22.32 -20.17
CA THR A 226 -9.00 -21.70 -21.19
C THR A 226 -7.96 -22.68 -21.71
N VAL A 227 -7.58 -22.46 -22.99
CA VAL A 227 -6.60 -23.31 -23.60
C VAL A 227 -5.24 -23.12 -22.92
N GLY A 228 -5.02 -21.95 -22.30
CA GLY A 228 -3.83 -21.77 -21.50
C GLY A 228 -3.79 -22.65 -20.27
N ILE A 229 -4.90 -22.77 -19.55
CA ILE A 229 -4.86 -23.58 -18.34
C ILE A 229 -4.72 -25.05 -18.70
N ILE A 230 -5.42 -25.52 -19.74
CA ILE A 230 -5.25 -26.93 -20.11
C ILE A 230 -3.83 -27.18 -20.57
N ALA A 231 -3.23 -26.20 -21.25
CA ALA A 231 -1.82 -26.32 -21.62
C ALA A 231 -0.94 -26.45 -20.39
N MET A 232 -1.22 -25.66 -19.34
CA MET A 232 -0.43 -25.77 -18.12
C MET A 232 -0.68 -27.11 -17.44
N LEU A 233 -1.86 -27.69 -17.60
CA LEU A 233 -2.12 -29.04 -17.10
C LEU A 233 -1.29 -30.10 -17.83
N ILE A 234 -1.12 -29.93 -19.16
CA ILE A 234 -0.49 -30.97 -19.99
C ILE A 234 0.81 -31.50 -19.39
N PRO A 235 1.76 -30.67 -18.91
CA PRO A 235 2.96 -31.21 -18.27
C PRO A 235 2.67 -32.14 -17.11
N THR A 236 1.68 -31.81 -16.28
CA THR A 236 1.38 -32.65 -15.12
C THR A 236 0.93 -34.04 -15.55
N VAL A 237 -0.01 -34.10 -16.50
CA VAL A 237 -0.54 -35.39 -16.91
C VAL A 237 0.56 -36.23 -17.57
N MET A 238 1.37 -35.61 -18.43
CA MET A 238 2.41 -36.41 -19.07
C MET A 238 3.45 -36.85 -18.04
N MET A 239 3.68 -36.05 -17.01
CA MET A 239 4.57 -36.45 -15.94
C MET A 239 4.00 -37.66 -15.21
N THR A 240 2.67 -37.70 -15.05
CA THR A 240 2.05 -38.88 -14.46
C THR A 240 2.25 -40.10 -15.34
N ILE A 241 2.10 -39.94 -16.65
CA ILE A 241 2.34 -41.05 -17.58
C ILE A 241 3.78 -41.55 -17.42
N LEU A 242 4.72 -40.63 -17.29
CA LEU A 242 6.12 -41.03 -17.15
C LEU A 242 6.37 -41.76 -15.83
N THR A 243 5.72 -41.31 -14.76
CA THR A 243 5.81 -42.00 -13.49
C THR A 243 5.28 -43.42 -13.60
N ILE A 244 4.14 -43.58 -14.27
CA ILE A 244 3.58 -44.92 -14.46
C ILE A 244 4.55 -45.78 -15.24
N PHE A 245 5.15 -45.23 -16.29
CA PHE A 245 6.06 -46.02 -17.12
C PHE A 245 7.27 -46.47 -16.30
N VAL A 246 7.90 -45.53 -15.57
CA VAL A 246 9.09 -45.91 -14.83
C VAL A 246 8.73 -46.88 -13.70
N PHE A 247 7.55 -46.75 -13.11
CA PHE A 247 7.10 -47.74 -12.14
C PHE A 247 6.99 -49.11 -12.79
N LEU A 248 6.59 -49.16 -14.05
CA LEU A 248 6.50 -50.43 -14.77
C LEU A 248 7.84 -50.88 -15.33
N LEU A 249 8.84 -50.01 -15.37
CA LEU A 249 10.13 -50.35 -15.96
C LEU A 249 10.78 -51.50 -15.19
N PRO A 250 11.53 -52.38 -15.87
CA PRO A 250 12.20 -53.48 -15.15
C PRO A 250 13.13 -52.97 -14.07
N PRO A 251 13.08 -53.53 -12.85
CA PRO A 251 14.10 -53.18 -11.85
C PRO A 251 15.54 -53.31 -12.30
N GLU A 252 15.82 -54.21 -13.24
CA GLU A 252 17.19 -54.50 -13.66
C GLU A 252 17.61 -53.72 -14.90
N SER A 253 16.84 -52.70 -15.31
CA SER A 253 17.27 -51.87 -16.42
C SER A 253 18.57 -51.14 -16.08
N GLY A 254 18.70 -50.66 -14.83
CA GLY A 254 19.87 -49.97 -14.36
C GLY A 254 19.70 -48.47 -14.22
N GLU A 255 18.73 -47.89 -14.92
CA GLU A 255 18.45 -46.45 -14.86
C GLU A 255 17.29 -46.11 -13.92
N LYS A 256 16.70 -47.12 -13.27
CA LYS A 256 15.53 -46.94 -12.42
C LYS A 256 15.77 -45.83 -11.40
N VAL A 257 16.80 -46.00 -10.57
CA VAL A 257 17.09 -45.05 -9.51
C VAL A 257 17.35 -43.66 -10.07
N SER A 258 18.07 -43.58 -11.19
CA SER A 258 18.41 -42.28 -11.76
C SER A 258 17.18 -41.50 -12.16
N LEU A 259 16.30 -42.11 -12.96
CA LEU A 259 15.11 -41.37 -13.35
C LEU A 259 14.16 -41.19 -12.19
N ALA A 260 14.13 -42.12 -11.24
CA ALA A 260 13.26 -41.96 -10.08
C ALA A 260 13.69 -40.74 -9.27
N THR A 261 14.99 -40.56 -9.08
CA THR A 261 15.48 -39.38 -8.36
C THR A 261 15.13 -38.11 -9.11
N THR A 262 15.43 -38.08 -10.42
CA THR A 262 15.21 -36.84 -11.18
C THR A 262 13.72 -36.47 -11.20
N ILE A 263 12.84 -37.46 -11.36
CA ILE A 263 11.44 -37.14 -11.52
C ILE A 263 10.78 -36.91 -10.17
N PHE A 264 11.32 -37.50 -9.09
CA PHE A 264 10.86 -37.11 -7.76
C PHE A 264 11.24 -35.66 -7.47
N LEU A 265 12.45 -35.25 -7.85
CA LEU A 265 12.82 -33.84 -7.76
C LEU A 265 11.81 -32.96 -8.47
N SER A 266 11.51 -33.28 -9.74
CA SER A 266 10.57 -32.47 -10.49
C SER A 266 9.17 -32.49 -9.87
N ASN A 267 8.75 -33.66 -9.38
CA ASN A 267 7.44 -33.80 -8.74
C ASN A 267 7.36 -32.92 -7.51
N VAL A 268 8.40 -32.94 -6.67
CA VAL A 268 8.41 -32.13 -5.46
C VAL A 268 8.42 -30.65 -5.82
N LEU A 269 9.13 -30.29 -6.89
CA LEU A 269 9.13 -28.90 -7.33
C LEU A 269 7.72 -28.46 -7.71
N TYR A 270 7.00 -29.31 -8.46
CA TYR A 270 5.64 -28.96 -8.83
C TYR A 270 4.71 -28.93 -7.62
N LEU A 271 4.97 -29.78 -6.63
CA LEU A 271 4.13 -29.81 -5.45
C LEU A 271 4.28 -28.54 -4.64
N VAL A 272 5.54 -28.14 -4.39
CA VAL A 272 5.81 -26.86 -3.75
C VAL A 272 5.18 -25.72 -4.55
N GLN A 273 5.38 -25.73 -5.87
CA GLN A 273 4.85 -24.67 -6.74
C GLN A 273 3.35 -24.50 -6.56
N ILE A 274 2.58 -25.59 -6.66
CA ILE A 274 1.14 -25.47 -6.50
C ILE A 274 0.79 -25.10 -5.07
N ASP A 275 1.54 -25.61 -4.09
CA ASP A 275 1.22 -25.38 -2.69
C ASP A 275 1.31 -23.90 -2.35
N LYS A 276 2.27 -23.19 -2.94
CA LYS A 276 2.34 -21.76 -2.67
C LYS A 276 1.21 -20.98 -3.36
N THR A 277 0.50 -21.59 -4.30
CA THR A 277 -0.58 -20.92 -5.02
C THR A 277 -1.97 -21.40 -4.61
N THR A 278 -2.09 -22.58 -4.03
CA THR A 278 -3.40 -23.07 -3.63
C THR A 278 -3.88 -22.34 -2.38
N PRO A 279 -5.19 -22.04 -2.26
CA PRO A 279 -5.67 -21.41 -1.03
C PRO A 279 -5.52 -22.33 0.17
N THR A 280 -5.14 -21.74 1.31
CA THR A 280 -5.05 -22.48 2.56
C THR A 280 -6.37 -22.54 3.32
N ASN A 281 -7.37 -21.76 2.91
CA ASN A 281 -8.66 -21.67 3.60
C ASN A 281 -9.76 -22.23 2.70
N THR A 282 -9.97 -23.55 2.76
CA THR A 282 -10.96 -24.22 1.94
C THR A 282 -11.66 -25.28 2.78
N LYS A 283 -12.92 -25.54 2.44
CA LYS A 283 -13.64 -26.62 3.09
C LYS A 283 -12.95 -27.96 2.86
N TYR A 284 -12.48 -28.19 1.63
CA TYR A 284 -11.63 -29.31 1.28
C TYR A 284 -10.47 -28.81 0.44
N PRO A 285 -9.31 -29.46 0.47
CA PRO A 285 -8.22 -29.03 -0.42
C PRO A 285 -8.52 -29.41 -1.86
N SER A 286 -7.69 -28.90 -2.77
CA SER A 286 -7.91 -29.17 -4.19
C SER A 286 -7.50 -30.59 -4.55
N LEU A 287 -8.42 -31.28 -5.23
CA LEU A 287 -8.21 -32.66 -5.63
C LEU A 287 -6.95 -32.82 -6.45
N LEU A 288 -6.66 -31.86 -7.34
CA LEU A 288 -5.44 -31.95 -8.15
C LEU A 288 -4.19 -31.93 -7.28
N MET A 289 -4.16 -31.07 -6.26
CA MET A 289 -3.03 -31.08 -5.34
C MET A 289 -2.93 -32.43 -4.63
N LEU A 290 -4.06 -32.98 -4.20
CA LEU A 290 -3.99 -34.27 -3.51
C LEU A 290 -3.55 -35.37 -4.46
N TYR A 291 -3.94 -35.27 -5.74
CA TYR A 291 -3.54 -36.24 -6.74
C TYR A 291 -2.04 -36.14 -7.04
N LEU A 292 -1.50 -34.93 -7.02
CA LEU A 292 -0.06 -34.80 -7.21
C LEU A 292 0.70 -35.25 -5.97
N MET A 293 0.09 -35.13 -4.80
CA MET A 293 0.71 -35.68 -3.60
C MET A 293 0.71 -37.19 -3.65
N LEU A 294 -0.35 -37.78 -4.20
CA LEU A 294 -0.38 -39.22 -4.42
C LEU A 294 0.68 -39.62 -5.43
N LEU A 295 0.87 -38.79 -6.46
CA LEU A 295 1.92 -39.06 -7.43
C LEU A 295 3.29 -39.05 -6.76
N SER A 296 3.52 -38.08 -5.88
CA SER A 296 4.79 -38.03 -5.16
C SER A 296 4.97 -39.25 -4.27
N MET A 297 3.90 -39.68 -3.62
CA MET A 297 3.96 -40.86 -2.76
C MET A 297 4.27 -42.11 -3.58
N LEU A 298 3.66 -42.23 -4.76
CA LEU A 298 3.96 -43.37 -5.63
C LEU A 298 5.39 -43.31 -6.14
N SER A 299 5.89 -42.11 -6.43
CA SER A 299 7.28 -41.97 -6.83
C SER A 299 8.21 -42.40 -5.69
N GLY A 300 7.83 -42.06 -4.46
CA GLY A 300 8.60 -42.52 -3.32
C GLY A 300 8.61 -44.02 -3.18
N ILE A 301 7.47 -44.67 -3.43
CA ILE A 301 7.45 -46.13 -3.38
C ILE A 301 8.29 -46.72 -4.50
N ALA A 302 8.26 -46.10 -5.69
CA ALA A 302 9.08 -46.57 -6.78
C ALA A 302 10.57 -46.46 -6.44
N THR A 303 10.96 -45.34 -5.85
CA THR A 303 12.34 -45.17 -5.42
C THR A 303 12.71 -46.21 -4.37
N LEU A 304 11.80 -46.46 -3.43
CA LEU A 304 12.02 -47.46 -2.39
C LEU A 304 12.24 -48.84 -2.98
N GLY A 305 11.39 -49.22 -3.93
CA GLY A 305 11.54 -50.51 -4.57
C GLY A 305 12.84 -50.61 -5.35
N SER A 306 13.21 -49.53 -6.04
CA SER A 306 14.45 -49.53 -6.81
C SER A 306 15.66 -49.71 -5.91
N VAL A 307 15.73 -48.96 -4.81
CA VAL A 307 16.86 -49.07 -3.91
C VAL A 307 16.88 -50.43 -3.21
N VAL A 308 15.70 -50.94 -2.83
CA VAL A 308 15.64 -52.24 -2.17
C VAL A 308 16.16 -53.32 -3.09
N ILE A 309 15.71 -53.31 -4.34
CA ILE A 309 16.19 -54.29 -5.32
C ILE A 309 17.68 -54.10 -5.57
N SER A 310 18.14 -52.84 -5.60
CA SER A 310 19.55 -52.58 -5.84
C SER A 310 20.42 -53.16 -4.74
N LYS A 311 20.03 -53.01 -3.48
CA LYS A 311 20.80 -53.62 -2.40
C LYS A 311 20.69 -55.14 -2.44
N LEU A 312 19.48 -55.66 -2.66
CA LEU A 312 19.28 -57.10 -2.79
C LEU A 312 19.56 -57.55 -4.21
N THR B 21 -49.41 11.19 18.18
CA THR B 21 -48.13 10.51 17.85
C THR B 21 -47.02 11.54 17.66
N PRO B 22 -45.77 11.18 17.93
CA PRO B 22 -44.69 12.15 17.78
C PRO B 22 -44.50 12.55 16.32
N THR B 23 -44.08 13.79 16.12
CA THR B 23 -43.95 14.38 14.80
C THR B 23 -42.57 14.97 14.60
N TYR B 24 -42.30 15.35 13.35
CA TYR B 24 -41.03 15.96 12.99
C TYR B 24 -40.82 17.24 13.78
N GLY B 25 -41.85 18.05 13.94
CA GLY B 25 -41.72 19.26 14.73
C GLY B 25 -41.43 18.96 16.19
N ASP B 26 -42.04 17.91 16.73
CA ASP B 26 -41.78 17.54 18.11
C ASP B 26 -40.32 17.15 18.31
N GLU B 27 -39.79 16.32 17.41
CA GLU B 27 -38.38 15.95 17.54
C GLU B 27 -37.47 17.15 17.35
N ARG B 28 -37.85 18.07 16.45
CA ARG B 28 -37.05 19.27 16.25
C ARG B 28 -37.00 20.11 17.52
N LEU B 29 -38.16 20.29 18.16
CA LEU B 29 -38.21 21.05 19.40
C LEU B 29 -37.37 20.37 20.48
N LEU B 30 -37.49 19.04 20.58
CA LEU B 30 -36.73 18.32 21.59
C LEU B 30 -35.24 18.52 21.39
N ARG B 31 -34.76 18.36 20.17
CA ARG B 31 -33.33 18.51 19.91
C ARG B 31 -32.86 19.93 20.19
N GLU B 32 -33.67 20.91 19.79
CA GLU B 32 -33.30 22.32 20.00
C GLU B 32 -33.17 22.63 21.49
N LYS B 33 -34.10 22.13 22.30
CA LYS B 33 -33.96 22.35 23.74
C LYS B 33 -32.80 21.54 24.30
N LEU B 34 -32.57 20.35 23.74
CA LEU B 34 -31.59 19.44 24.31
C LEU B 34 -30.17 20.00 24.19
N LEU B 35 -29.83 20.56 23.02
CA LEU B 35 -28.47 21.01 22.76
C LEU B 35 -28.24 22.47 23.13
N THR B 36 -29.11 23.07 23.94
CA THR B 36 -29.08 24.51 24.17
C THR B 36 -27.74 24.97 24.76
N ASN B 37 -27.30 24.35 25.85
CA ASN B 37 -26.09 24.75 26.57
C ASN B 37 -25.10 23.59 26.67
N TYR B 38 -25.07 22.73 25.66
CA TYR B 38 -24.19 21.58 25.66
C TYR B 38 -22.82 21.97 25.13
N SER B 39 -21.77 21.70 25.91
CA SER B 39 -20.40 21.88 25.49
C SER B 39 -19.81 20.51 25.21
N LYS B 40 -19.36 20.29 23.98
CA LYS B 40 -18.84 18.98 23.59
C LYS B 40 -17.60 18.59 24.37
N SER B 41 -16.86 19.56 24.92
CA SER B 41 -15.58 19.29 25.54
C SER B 41 -15.66 19.10 27.05
N ILE B 42 -16.81 19.33 27.65
CA ILE B 42 -17.01 19.17 29.08
C ILE B 42 -17.59 17.79 29.32
N ARG B 43 -16.98 17.02 30.21
CA ARG B 43 -17.47 15.69 30.50
C ARG B 43 -18.94 15.75 30.93
N PRO B 44 -19.79 14.81 30.52
CA PRO B 44 -21.21 14.96 30.83
C PRO B 44 -21.56 14.48 32.24
N VAL B 45 -21.20 15.27 33.23
CA VAL B 45 -21.48 14.96 34.62
C VAL B 45 -21.86 16.24 35.33
N ILE B 46 -22.93 16.19 36.13
CA ILE B 46 -23.33 17.36 36.91
C ILE B 46 -22.22 17.76 37.88
N ASN B 47 -21.71 16.80 38.64
CA ASN B 47 -20.60 17.02 39.57
C ASN B 47 -19.34 16.46 38.95
N LEU B 48 -18.36 17.32 38.72
CA LEU B 48 -17.16 16.88 38.01
C LEU B 48 -16.31 15.92 38.82
N THR B 49 -16.60 15.73 40.11
CA THR B 49 -15.82 14.79 40.91
C THR B 49 -16.13 13.35 40.58
N LYS B 50 -17.27 13.07 39.96
CA LYS B 50 -17.67 11.71 39.63
C LYS B 50 -17.10 11.30 38.28
N VAL B 51 -16.83 10.01 38.14
CA VAL B 51 -16.28 9.47 36.91
C VAL B 51 -17.43 9.02 36.01
N VAL B 52 -17.17 8.93 34.71
CA VAL B 52 -18.09 8.36 33.75
C VAL B 52 -17.66 6.92 33.47
N ASP B 53 -18.52 5.98 33.79
CA ASP B 53 -18.22 4.56 33.63
C ASP B 53 -18.62 4.12 32.22
N VAL B 54 -17.64 3.71 31.44
CA VAL B 54 -17.85 3.25 30.07
C VAL B 54 -17.72 1.75 30.06
N THR B 55 -18.71 1.06 29.50
CA THR B 55 -18.66 -0.37 29.26
C THR B 55 -18.60 -0.61 27.76
N ALA B 56 -17.59 -1.35 27.33
CA ALA B 56 -17.33 -1.60 25.92
C ALA B 56 -17.74 -3.02 25.55
N LEU B 57 -18.29 -3.16 24.34
CA LEU B 57 -18.74 -4.45 23.81
C LEU B 57 -18.04 -4.69 22.48
N LEU B 58 -17.22 -5.74 22.42
CA LEU B 58 -16.40 -6.04 21.25
C LEU B 58 -16.82 -7.41 20.70
N TYR B 59 -17.65 -7.41 19.66
CA TYR B 59 -18.12 -8.63 19.01
C TYR B 59 -17.31 -8.86 17.74
N LEU B 60 -16.41 -9.83 17.77
CA LEU B 60 -15.68 -10.22 16.57
C LEU B 60 -16.66 -10.63 15.47
N GLN B 61 -16.31 -10.32 14.22
CA GLN B 61 -17.09 -10.71 13.07
C GLN B 61 -16.39 -11.77 12.23
N THR B 62 -15.20 -11.48 11.71
CA THR B 62 -14.44 -12.42 10.90
C THR B 62 -12.96 -12.25 11.22
N LEU B 63 -12.24 -13.37 11.18
CA LEU B 63 -10.79 -13.41 11.36
C LEU B 63 -10.19 -13.58 9.98
N TYR B 64 -9.87 -12.46 9.33
CA TYR B 64 -9.39 -12.49 7.95
C TYR B 64 -8.14 -13.36 7.81
N ASP B 65 -7.14 -13.12 8.65
CA ASP B 65 -5.86 -13.80 8.44
C ASP B 65 -5.02 -13.62 9.71
N LEU B 66 -4.04 -14.51 9.88
CA LEU B 66 -3.05 -14.44 10.95
C LEU B 66 -1.68 -14.39 10.27
N ASP B 67 -1.13 -13.19 10.14
CA ASP B 67 0.12 -13.00 9.42
C ASP B 67 1.28 -13.38 10.34
N PHE B 68 1.98 -14.46 10.00
CA PHE B 68 3.06 -14.92 10.85
C PHE B 68 4.29 -14.03 10.77
N VAL B 69 4.66 -13.59 9.56
CA VAL B 69 5.92 -12.87 9.42
C VAL B 69 5.84 -11.51 10.09
N ASN B 70 4.71 -10.82 9.98
CA ASN B 70 4.56 -9.49 10.55
C ASN B 70 3.97 -9.47 11.94
N ASN B 71 3.59 -10.63 12.50
CA ASN B 71 3.09 -10.74 13.86
C ASN B 71 1.77 -10.00 14.07
N PHE B 72 0.92 -9.98 13.04
CA PHE B 72 -0.37 -9.29 13.09
C PHE B 72 -1.50 -10.29 12.89
N ILE B 73 -2.70 -9.89 13.31
CA ILE B 73 -3.94 -10.62 13.00
C ILE B 73 -4.92 -9.60 12.45
N MET B 74 -5.55 -9.93 11.33
CA MET B 74 -6.49 -9.05 10.67
C MET B 74 -7.90 -9.53 10.95
N ALA B 75 -8.72 -8.66 11.52
CA ALA B 75 -10.10 -9.00 11.85
C ALA B 75 -10.97 -7.77 11.77
N ARG B 76 -12.27 -7.99 11.75
CA ARG B 76 -13.27 -6.95 11.74
C ARG B 76 -14.21 -7.16 12.93
N TYR B 77 -14.40 -6.11 13.73
CA TYR B 77 -15.15 -6.19 14.97
C TYR B 77 -16.40 -5.31 14.89
N TYR B 78 -17.10 -5.24 16.01
CA TYR B 78 -18.31 -4.43 16.19
C TYR B 78 -18.21 -3.65 17.49
N LEU B 79 -17.12 -2.91 17.67
CA LEU B 79 -16.86 -2.22 18.93
C LEU B 79 -18.02 -1.30 19.27
N GLY B 80 -18.63 -1.56 20.43
CA GLY B 80 -19.72 -0.74 20.93
C GLY B 80 -19.31 -0.13 22.25
N LEU B 81 -19.82 1.07 22.51
CA LEU B 81 -19.50 1.82 23.71
C LEU B 81 -20.80 2.31 24.33
N ILE B 82 -20.97 2.07 25.62
CA ILE B 82 -22.18 2.46 26.34
C ILE B 82 -21.76 3.21 27.58
N TRP B 83 -22.37 4.37 27.81
CA TRP B 83 -22.15 5.14 29.02
C TRP B 83 -23.43 5.91 29.30
N ILE B 84 -23.39 6.76 30.33
CA ILE B 84 -24.56 7.50 30.79
C ILE B 84 -24.25 8.98 30.76
N ASP B 85 -25.14 9.75 30.14
CA ASP B 85 -25.07 11.20 30.10
C ASP B 85 -26.09 11.79 31.06
N GLU B 86 -25.64 12.69 31.93
CA GLU B 86 -26.53 13.31 32.91
C GLU B 86 -27.14 14.62 32.43
N LYS B 87 -26.63 15.23 31.37
CA LYS B 87 -27.19 16.46 30.85
C LYS B 87 -28.27 16.23 29.81
N LEU B 88 -28.22 15.09 29.12
CA LEU B 88 -29.12 14.80 28.00
C LEU B 88 -30.23 13.88 28.49
N THR B 89 -31.25 14.49 29.09
CA THR B 89 -32.41 13.75 29.57
C THR B 89 -33.67 14.58 29.30
N TRP B 90 -34.81 13.90 29.33
CA TRP B 90 -36.08 14.57 29.09
C TRP B 90 -37.20 13.68 29.58
N ASN B 91 -38.29 14.29 29.97
CA ASN B 91 -39.49 13.53 30.29
C ASN B 91 -40.24 13.26 28.99
N PRO B 92 -40.33 12.01 28.50
CA PRO B 92 -40.96 11.79 27.19
C PRO B 92 -42.43 12.18 27.13
N LEU B 93 -43.12 12.23 28.26
CA LEU B 93 -44.50 12.67 28.25
C LEU B 93 -44.64 14.13 27.86
N ASP B 94 -43.57 14.91 27.98
CA ASP B 94 -43.57 16.30 27.60
C ASP B 94 -43.30 16.52 26.11
N TYR B 95 -42.99 15.46 25.36
CA TYR B 95 -42.64 15.59 23.94
C TYR B 95 -43.30 14.51 23.12
N ASN B 96 -44.57 14.22 23.41
CA ASN B 96 -45.37 13.28 22.63
C ASN B 96 -44.72 11.90 22.55
N ASN B 97 -44.12 11.47 23.66
CA ASN B 97 -43.66 10.10 23.83
C ASN B 97 -42.44 9.79 22.97
N ILE B 98 -41.64 10.79 22.61
CA ILE B 98 -40.38 10.54 21.93
C ILE B 98 -39.43 9.92 22.96
N THR B 99 -39.08 8.63 22.75
CA THR B 99 -38.24 7.91 23.68
C THR B 99 -36.78 7.81 23.27
N SER B 100 -36.45 8.09 22.02
CA SER B 100 -35.06 7.99 21.59
C SER B 100 -34.85 8.82 20.33
N ILE B 101 -33.65 9.37 20.19
CA ILE B 101 -33.28 10.16 19.03
C ILE B 101 -31.92 9.70 18.53
N TYR B 102 -31.53 10.24 17.38
CA TYR B 102 -30.23 9.98 16.77
C TYR B 102 -29.52 11.31 16.58
N LEU B 103 -28.31 11.42 17.11
CA LEU B 103 -27.52 12.64 17.06
C LEU B 103 -26.26 12.41 16.22
N PRO B 104 -25.74 13.42 15.54
CA PRO B 104 -24.46 13.25 14.87
C PRO B 104 -23.34 13.04 15.88
N LYS B 105 -22.42 12.13 15.53
CA LYS B 105 -21.42 11.68 16.48
C LYS B 105 -20.51 12.83 16.95
N ASP B 106 -20.35 13.87 16.14
CA ASP B 106 -19.39 14.92 16.45
C ASP B 106 -20.00 16.09 17.21
N LYS B 107 -21.28 16.03 17.58
CA LYS B 107 -21.92 17.07 18.36
C LYS B 107 -21.98 16.78 19.85
N ILE B 108 -21.63 15.57 20.27
CA ILE B 108 -21.80 15.12 21.65
C ILE B 108 -20.46 14.66 22.17
N TRP B 109 -20.29 14.74 23.49
CA TRP B 109 -19.08 14.22 24.10
C TRP B 109 -19.00 12.72 23.91
N THR B 110 -17.81 12.25 23.54
CA THR B 110 -17.58 10.85 23.22
C THR B 110 -16.31 10.41 23.96
N PRO B 111 -16.32 9.30 24.71
CA PRO B 111 -15.12 8.90 25.44
C PRO B 111 -13.98 8.63 24.48
N PRO B 112 -12.74 8.97 24.84
CA PRO B 112 -11.63 8.82 23.89
C PRO B 112 -11.01 7.42 23.92
N ILE B 113 -11.82 6.42 23.62
CA ILE B 113 -11.34 5.04 23.63
C ILE B 113 -10.54 4.81 22.37
N LYS B 114 -9.38 4.16 22.51
CA LYS B 114 -8.46 3.92 21.41
C LYS B 114 -8.10 2.45 21.33
N MET B 115 -7.84 1.99 20.11
CA MET B 115 -7.30 0.66 19.84
C MET B 115 -5.80 0.68 20.16
N CYS B 116 -5.51 0.75 21.46
CA CYS B 116 -4.17 1.08 21.96
C CYS B 116 -3.08 0.19 21.36
N ASN B 117 -3.34 -1.10 21.19
CA ASN B 117 -2.34 -2.07 20.78
C ASN B 117 -2.52 -2.47 19.31
N SER B 118 -3.07 -1.58 18.49
CA SER B 118 -3.45 -1.96 17.14
C SER B 118 -3.25 -0.82 16.17
N MET B 119 -3.03 -1.18 14.92
CA MET B 119 -3.11 -0.24 13.80
C MET B 119 -4.52 -0.30 13.25
N ASP B 120 -5.25 0.80 13.36
CA ASP B 120 -6.62 0.88 12.88
C ASP B 120 -6.59 1.27 11.41
N LYS B 121 -7.15 0.41 10.56
CA LYS B 121 -7.17 0.62 9.11
C LYS B 121 -8.59 0.78 8.60
N SER B 122 -9.51 1.21 9.45
CA SER B 122 -10.86 1.49 9.00
C SER B 122 -10.88 2.77 8.18
N GLU B 123 -11.82 2.85 7.24
CA GLU B 123 -11.98 4.03 6.41
C GLU B 123 -13.10 4.92 6.96
N GLU B 124 -13.17 6.13 6.42
CA GLU B 124 -14.28 7.02 6.74
C GLU B 124 -15.60 6.50 6.17
N ASN B 125 -15.54 5.60 5.19
CA ASN B 125 -16.75 4.97 4.68
C ASN B 125 -17.30 3.95 5.65
N ASP B 126 -16.50 3.48 6.61
CA ASP B 126 -16.96 2.60 7.67
C ASP B 126 -17.27 3.33 8.97
N GLY B 127 -17.31 4.67 8.95
CA GLY B 127 -17.64 5.44 10.12
C GLY B 127 -19.11 5.83 10.10
N VAL B 128 -19.84 5.39 11.13
CA VAL B 128 -21.28 5.65 11.17
C VAL B 128 -21.55 7.14 11.34
N GLY B 129 -20.79 7.81 12.20
CA GLY B 129 -20.99 9.23 12.43
C GLY B 129 -22.36 9.58 12.99
N GLU B 130 -22.86 8.76 13.90
CA GLU B 130 -24.17 8.93 14.53
C GLU B 130 -24.22 8.01 15.73
N LEU B 131 -25.10 8.36 16.68
CA LEU B 131 -25.23 7.61 17.91
C LEU B 131 -26.68 7.66 18.35
N MET B 132 -27.11 6.65 19.10
CA MET B 132 -28.48 6.52 19.56
C MET B 132 -28.53 6.86 21.04
N LEU B 133 -29.40 7.79 21.40
CA LEU B 133 -29.53 8.29 22.76
C LEU B 133 -30.93 8.02 23.28
N THR B 134 -31.02 7.56 24.53
CA THR B 134 -32.27 7.20 25.18
C THR B 134 -32.63 8.27 26.20
N TYR B 135 -33.93 8.38 26.49
CA TYR B 135 -34.41 9.46 27.34
C TYR B 135 -33.85 9.40 28.76
N THR B 136 -33.33 8.25 29.18
CA THR B 136 -32.69 8.15 30.49
C THR B 136 -31.25 8.63 30.48
N GLY B 137 -30.70 8.98 29.32
CA GLY B 137 -29.33 9.40 29.19
C GLY B 137 -28.39 8.35 28.64
N TRP B 138 -28.83 7.12 28.50
CA TRP B 138 -27.94 6.06 28.06
C TRP B 138 -27.67 6.20 26.56
N ILE B 139 -26.40 6.19 26.19
CA ILE B 139 -25.96 6.37 24.81
C ILE B 139 -25.34 5.08 24.33
N ASN B 140 -25.73 4.64 23.13
CA ASN B 140 -25.10 3.52 22.44
C ASN B 140 -24.35 4.04 21.22
N MET B 141 -23.10 3.64 21.07
CA MET B 141 -22.27 4.04 19.93
C MET B 141 -21.55 2.81 19.39
N TRP B 142 -22.11 2.25 18.32
CA TRP B 142 -21.62 1.03 17.70
C TRP B 142 -20.93 1.35 16.38
N SER B 143 -19.74 0.80 16.18
CA SER B 143 -18.93 1.12 15.01
C SER B 143 -18.16 -0.10 14.52
N PHE B 144 -18.18 -0.33 13.21
CA PHE B 144 -17.31 -1.35 12.62
C PHE B 144 -15.87 -0.91 12.73
N ARG B 145 -14.97 -1.87 12.93
CA ARG B 145 -13.56 -1.58 13.12
C ARG B 145 -12.75 -2.73 12.54
N LEU B 146 -11.92 -2.43 11.55
CA LEU B 146 -10.97 -3.38 10.99
C LEU B 146 -9.60 -3.08 11.56
N LEU B 147 -9.00 -4.05 12.24
CA LEU B 147 -7.81 -3.84 13.05
C LEU B 147 -6.66 -4.71 12.56
N HIS B 148 -5.47 -4.11 12.50
CA HIS B 148 -4.21 -4.82 12.31
C HIS B 148 -3.51 -4.74 13.66
N THR B 149 -3.72 -5.76 14.50
CA THR B 149 -3.33 -5.72 15.90
C THR B 149 -2.17 -6.66 16.17
N TYR B 150 -1.22 -6.16 16.96
CA TYR B 150 0.02 -6.89 17.24
C TYR B 150 -0.26 -8.12 18.11
N CYS B 151 0.34 -9.24 17.74
CA CYS B 151 0.26 -10.46 18.51
C CYS B 151 1.63 -11.11 18.63
N GLN B 152 1.94 -11.61 19.82
CA GLN B 152 3.20 -12.33 20.03
C GLN B 152 2.98 -13.76 19.58
N ILE B 153 3.49 -14.08 18.39
CA ILE B 153 3.18 -15.32 17.70
C ILE B 153 4.32 -16.30 17.96
N ASN B 154 4.03 -17.36 18.70
CA ASN B 154 5.01 -18.39 19.04
C ASN B 154 4.72 -19.64 18.21
N ALA B 155 5.63 -19.96 17.29
CA ALA B 155 5.50 -21.12 16.41
C ALA B 155 6.25 -22.33 16.94
N TYR B 156 6.28 -22.49 18.26
CA TYR B 156 7.00 -23.61 18.87
C TYR B 156 6.43 -24.95 18.40
N THR B 157 5.17 -25.20 18.71
CA THR B 157 4.52 -26.48 18.46
C THR B 157 3.90 -26.56 17.07
N TYR B 158 4.49 -25.88 16.09
CA TYR B 158 3.96 -25.91 14.73
C TYR B 158 3.95 -27.34 14.21
N PRO B 159 2.93 -27.77 13.45
CA PRO B 159 1.69 -27.08 13.06
C PRO B 159 0.53 -27.35 14.01
N PHE B 160 0.77 -28.03 15.13
CA PHE B 160 -0.25 -28.24 16.16
C PHE B 160 -0.16 -27.15 17.21
N ASP B 161 -0.14 -25.90 16.77
CA ASP B 161 0.18 -24.78 17.64
C ASP B 161 -1.07 -24.02 18.06
N GLU B 162 -1.00 -23.43 19.26
CA GLU B 162 -2.03 -22.56 19.78
C GLU B 162 -1.40 -21.21 20.08
N HIS B 163 -2.22 -20.16 20.13
CA HIS B 163 -1.71 -18.80 20.30
C HIS B 163 -2.75 -17.98 21.05
N THR B 164 -2.27 -16.93 21.70
CA THR B 164 -3.10 -16.02 22.47
C THR B 164 -2.81 -14.59 22.01
N CYS B 165 -3.82 -13.93 21.46
CA CYS B 165 -3.72 -12.53 21.04
C CYS B 165 -4.65 -11.69 21.90
N GLU B 166 -4.10 -10.64 22.48
CA GLU B 166 -4.84 -9.75 23.37
C GLU B 166 -5.17 -8.45 22.64
N ILE B 167 -6.45 -8.13 22.57
CA ILE B 167 -6.93 -6.89 21.95
C ILE B 167 -7.12 -5.88 23.07
N TYR B 168 -6.36 -4.79 23.03
CA TYR B 168 -6.32 -3.83 24.13
C TYR B 168 -7.23 -2.64 23.85
N LEU B 169 -7.93 -2.21 24.89
CA LEU B 169 -8.63 -0.94 24.92
C LEU B 169 -8.08 -0.13 26.08
N CYS B 170 -7.84 1.16 25.87
CA CYS B 170 -7.40 2.02 26.96
C CYS B 170 -7.87 3.43 26.69
N VAL B 171 -8.55 4.02 27.69
CA VAL B 171 -8.90 5.43 27.65
C VAL B 171 -7.66 6.23 27.29
N ALA B 172 -7.84 7.26 26.47
CA ALA B 172 -6.68 7.94 25.92
C ALA B 172 -5.99 8.77 26.97
N LEU B 173 -6.65 9.83 27.46
CA LEU B 173 -6.00 10.87 28.24
C LEU B 173 -6.63 11.17 29.58
N HIS B 174 -7.85 10.72 29.84
CA HIS B 174 -8.49 11.09 31.10
C HIS B 174 -7.99 10.16 32.20
N THR B 175 -7.72 10.74 33.37
CA THR B 175 -7.25 9.94 34.48
C THR B 175 -8.39 9.09 35.03
N ILE B 176 -8.01 8.10 35.84
CA ILE B 176 -9.00 7.17 36.39
C ILE B 176 -10.00 7.90 37.27
N ASN B 177 -9.64 9.08 37.78
CA ASN B 177 -10.58 9.90 38.51
C ASN B 177 -11.51 10.69 37.59
N HIS B 178 -11.36 10.55 36.28
CA HIS B 178 -12.25 11.17 35.30
C HIS B 178 -13.03 10.17 34.47
N THR B 179 -12.37 9.22 33.82
CA THR B 179 -13.03 8.24 32.94
C THR B 179 -12.47 6.86 33.22
N ARG B 180 -13.36 5.87 33.28
CA ARG B 180 -12.99 4.50 33.58
C ARG B 180 -13.72 3.54 32.65
N ILE B 181 -13.08 2.43 32.34
CA ILE B 181 -13.68 1.34 31.58
C ILE B 181 -14.29 0.38 32.59
N LYS B 182 -15.62 0.43 32.74
CA LYS B 182 -16.28 -0.41 33.73
C LYS B 182 -16.08 -1.89 33.44
N GLU B 183 -16.27 -2.30 32.19
CA GLU B 183 -16.17 -3.71 31.81
C GLU B 183 -15.89 -3.81 30.34
N LEU B 184 -15.46 -5.00 29.92
CA LEU B 184 -15.29 -5.34 28.52
C LEU B 184 -15.98 -6.68 28.29
N ILE B 185 -17.00 -6.68 27.46
CA ILE B 185 -17.77 -7.88 27.13
C ILE B 185 -17.39 -8.25 25.72
N TYR B 186 -16.71 -9.38 25.55
CA TYR B 186 -16.25 -9.85 24.26
C TYR B 186 -16.91 -11.18 23.93
N GLU B 187 -17.34 -11.31 22.69
CA GLU B 187 -17.96 -12.54 22.21
C GLU B 187 -17.57 -12.74 20.76
N ASP B 188 -17.99 -13.88 20.20
CA ASP B 188 -17.84 -14.18 18.78
C ASP B 188 -19.22 -14.18 18.16
N SER B 189 -19.37 -13.45 17.06
CA SER B 189 -20.67 -13.30 16.43
C SER B 189 -21.01 -14.44 15.50
N LYS B 190 -20.07 -15.32 15.18
CA LYS B 190 -20.32 -16.48 14.33
C LYS B 190 -20.83 -16.08 12.96
N PHE B 191 -20.44 -14.89 12.49
CA PHE B 191 -20.92 -14.42 11.20
C PHE B 191 -20.45 -15.33 10.08
N THR B 192 -19.18 -15.74 10.12
CA THR B 192 -18.60 -16.63 9.14
C THR B 192 -17.85 -17.76 9.84
N GLN B 193 -17.72 -18.88 9.14
CA GLN B 193 -16.93 -20.00 9.62
C GLN B 193 -15.52 -19.88 9.06
N ASN B 194 -14.53 -20.24 9.88
CA ASN B 194 -13.14 -20.02 9.50
C ASN B 194 -12.60 -21.19 8.67
N TYR B 195 -12.62 -22.40 9.22
CA TYR B 195 -12.10 -23.64 8.63
C TYR B 195 -10.59 -23.73 8.69
N LYS B 196 -9.89 -22.77 9.29
CA LYS B 196 -8.44 -22.84 9.41
C LYS B 196 -8.01 -22.63 10.86
N TRP B 197 -8.74 -21.79 11.60
CA TRP B 197 -8.46 -21.49 12.99
C TRP B 197 -9.71 -21.71 13.83
N ASP B 198 -9.54 -22.35 14.98
CA ASP B 198 -10.61 -22.47 15.97
C ASP B 198 -10.50 -21.28 16.92
N ILE B 199 -11.46 -20.37 16.85
CA ILE B 199 -11.44 -19.13 17.63
C ILE B 199 -12.27 -19.32 18.88
N ASN B 200 -11.78 -18.80 20.00
CA ASN B 200 -12.44 -18.90 21.30
C ASN B 200 -12.36 -17.53 21.98
N VAL B 201 -13.33 -16.68 21.70
CA VAL B 201 -13.39 -15.32 22.25
C VAL B 201 -14.69 -15.23 23.03
N SER B 202 -14.64 -15.52 24.33
CA SER B 202 -15.81 -15.33 25.18
C SER B 202 -15.34 -15.02 26.59
N GLY B 203 -16.11 -14.19 27.28
CA GLY B 203 -15.84 -13.84 28.66
C GLY B 203 -16.02 -12.36 28.94
N LYS B 204 -16.09 -12.04 30.22
CA LYS B 204 -16.27 -10.69 30.73
C LYS B 204 -15.13 -10.37 31.69
N VAL B 205 -14.58 -9.16 31.57
CA VAL B 205 -13.46 -8.73 32.40
C VAL B 205 -13.67 -7.28 32.82
N ASN B 206 -13.39 -6.98 34.09
CA ASN B 206 -13.39 -5.62 34.58
C ASN B 206 -12.18 -4.85 34.04
N GLY B 207 -12.30 -3.53 34.06
CA GLY B 207 -11.19 -2.70 33.62
C GLY B 207 -10.06 -2.68 34.65
N THR B 208 -8.85 -2.48 34.14
CA THR B 208 -7.65 -2.43 34.97
C THR B 208 -7.23 -0.97 35.13
N ASP B 209 -7.01 -0.56 36.38
CA ASP B 209 -6.70 0.83 36.71
C ASP B 209 -5.22 0.95 37.10
N GLU B 210 -4.40 1.50 36.19
CA GLU B 210 -3.01 1.87 36.52
C GLU B 210 -2.75 3.23 35.85
N LEU B 211 -3.16 4.29 36.54
CA LEU B 211 -3.03 5.68 36.13
C LEU B 211 -3.92 6.10 34.95
N PHE B 212 -4.30 5.17 34.07
CA PHE B 212 -5.35 5.37 33.09
C PHE B 212 -5.98 4.00 32.84
N SER B 213 -7.31 3.95 32.83
CA SER B 213 -7.99 2.66 32.74
C SER B 213 -7.69 1.98 31.40
N TYR B 214 -7.77 0.65 31.42
CA TYR B 214 -7.59 -0.13 30.20
C TYR B 214 -8.01 -1.56 30.48
N ALA B 215 -8.41 -2.25 29.42
CA ALA B 215 -8.83 -3.64 29.50
C ALA B 215 -8.37 -4.34 28.23
N PHE B 216 -8.40 -5.67 28.24
CA PHE B 216 -8.07 -6.42 27.04
C PHE B 216 -8.84 -7.73 27.00
N ALA B 217 -9.23 -8.14 25.79
CA ALA B 217 -9.94 -9.39 25.57
C ALA B 217 -8.95 -10.46 25.10
N PRO B 218 -8.81 -11.60 25.78
CA PRO B 218 -7.89 -12.63 25.26
C PRO B 218 -8.54 -13.47 24.17
N MET B 219 -7.88 -13.53 23.02
CA MET B 219 -8.31 -14.33 21.88
C MET B 219 -7.40 -15.55 21.77
N TYR B 220 -7.99 -16.74 21.90
CA TYR B 220 -7.26 -17.99 21.75
C TYR B 220 -7.51 -18.55 20.35
N LEU B 221 -6.43 -18.93 19.68
CA LEU B 221 -6.48 -19.39 18.30
C LEU B 221 -5.73 -20.71 18.19
N ARG B 222 -6.43 -21.75 17.75
CA ARG B 222 -5.86 -23.07 17.54
C ARG B 222 -5.94 -23.40 16.06
N ARG B 223 -4.80 -23.75 15.45
CA ARG B 223 -4.80 -24.16 14.06
C ARG B 223 -5.54 -25.48 13.90
N LYS B 224 -6.50 -25.52 12.98
CA LYS B 224 -7.25 -26.74 12.73
C LYS B 224 -6.44 -27.65 11.82
N LEU B 225 -6.40 -28.93 12.16
CA LEU B 225 -5.63 -29.89 11.39
C LEU B 225 -6.40 -30.22 10.11
N THR B 226 -5.92 -29.70 8.99
CA THR B 226 -6.54 -29.93 7.70
C THR B 226 -5.84 -31.05 6.93
N VAL B 227 -6.63 -31.72 6.09
CA VAL B 227 -6.09 -32.81 5.31
C VAL B 227 -5.08 -32.27 4.31
N GLY B 228 -5.21 -31.00 3.93
CA GLY B 228 -4.19 -30.37 3.11
C GLY B 228 -2.85 -30.22 3.79
N ILE B 229 -2.84 -29.80 5.07
CA ILE B 229 -1.55 -29.61 5.73
C ILE B 229 -0.89 -30.97 5.98
N ILE B 230 -1.68 -31.98 6.39
CA ILE B 230 -1.05 -33.29 6.59
C ILE B 230 -0.54 -33.82 5.26
N ALA B 231 -1.25 -33.55 4.16
CA ALA B 231 -0.76 -33.94 2.85
C ALA B 231 0.56 -33.26 2.54
N MET B 232 0.70 -31.99 2.88
CA MET B 232 1.97 -31.30 2.68
C MET B 232 3.04 -31.88 3.59
N LEU B 233 2.63 -32.41 4.75
CA LEU B 233 3.57 -33.02 5.68
C LEU B 233 4.06 -34.39 5.23
N ILE B 234 3.31 -35.07 4.36
CA ILE B 234 3.70 -36.43 3.94
C ILE B 234 5.07 -36.44 3.27
N PRO B 235 5.35 -35.59 2.26
CA PRO B 235 6.71 -35.56 1.67
C PRO B 235 7.84 -35.50 2.68
N THR B 236 7.64 -34.79 3.79
CA THR B 236 8.73 -34.64 4.75
C THR B 236 8.99 -35.95 5.49
N VAL B 237 7.93 -36.61 5.97
CA VAL B 237 8.12 -37.84 6.71
C VAL B 237 8.70 -38.91 5.79
N MET B 238 8.20 -39.00 4.55
CA MET B 238 8.77 -40.02 3.66
C MET B 238 10.21 -39.69 3.30
N MET B 239 10.56 -38.40 3.25
CA MET B 239 11.95 -38.02 3.04
C MET B 239 12.80 -38.49 4.21
N THR B 240 12.25 -38.41 5.42
CA THR B 240 12.97 -38.93 6.58
C THR B 240 13.17 -40.43 6.46
N ILE B 241 12.14 -41.15 6.03
CA ILE B 241 12.27 -42.60 5.84
C ILE B 241 13.38 -42.89 4.83
N LEU B 242 13.43 -42.11 3.75
CA LEU B 242 14.44 -42.34 2.72
C LEU B 242 15.83 -42.04 3.25
N THR B 243 15.97 -40.99 4.06
CA THR B 243 17.26 -40.69 4.68
C THR B 243 17.71 -41.83 5.57
N ILE B 244 16.79 -42.37 6.37
CA ILE B 244 17.12 -43.50 7.23
C ILE B 244 17.57 -44.69 6.39
N PHE B 245 16.85 -44.95 5.30
CA PHE B 245 17.19 -46.11 4.48
C PHE B 245 18.58 -45.95 3.88
N VAL B 246 18.87 -44.79 3.29
CA VAL B 246 20.19 -44.62 2.67
C VAL B 246 21.29 -44.60 3.73
N PHE B 247 21.00 -44.10 4.93
CA PHE B 247 21.97 -44.19 6.01
C PHE B 247 22.26 -45.64 6.36
N LEU B 248 21.25 -46.51 6.23
CA LEU B 248 21.43 -47.93 6.50
C LEU B 248 21.97 -48.69 5.29
N LEU B 249 21.95 -48.08 4.10
CA LEU B 249 22.37 -48.76 2.88
C LEU B 249 23.85 -49.15 2.97
N PRO B 250 24.26 -50.27 2.37
CA PRO B 250 25.68 -50.65 2.41
C PRO B 250 26.57 -49.56 1.83
N PRO B 251 27.69 -49.22 2.48
CA PRO B 251 28.66 -48.30 1.85
C PRO B 251 29.09 -48.70 0.44
N GLU B 252 29.12 -50.00 0.13
CA GLU B 252 29.64 -50.48 -1.14
C GLU B 252 28.54 -50.72 -2.17
N SER B 253 27.33 -50.22 -1.93
CA SER B 253 26.28 -50.35 -2.94
C SER B 253 26.65 -49.64 -4.23
N GLY B 254 27.26 -48.46 -4.13
CA GLY B 254 27.67 -47.66 -5.27
C GLY B 254 26.80 -46.45 -5.51
N GLU B 255 25.58 -46.44 -4.99
CA GLU B 255 24.65 -45.32 -5.12
C GLU B 255 24.67 -44.39 -3.92
N LYS B 256 25.50 -44.69 -2.91
CA LYS B 256 25.52 -43.92 -1.67
C LYS B 256 25.76 -42.44 -1.93
N VAL B 257 26.90 -42.11 -2.51
CA VAL B 257 27.30 -40.71 -2.68
C VAL B 257 26.29 -39.96 -3.56
N SER B 258 25.86 -40.59 -4.66
CA SER B 258 24.94 -39.92 -5.57
C SER B 258 23.63 -39.60 -4.89
N LEU B 259 23.03 -40.59 -4.22
CA LEU B 259 21.74 -40.36 -3.61
C LEU B 259 21.85 -39.45 -2.41
N ALA B 260 22.98 -39.50 -1.71
CA ALA B 260 23.20 -38.59 -0.59
C ALA B 260 23.27 -37.16 -1.07
N THR B 261 23.96 -36.93 -2.19
CA THR B 261 24.04 -35.59 -2.76
C THR B 261 22.65 -35.10 -3.16
N THR B 262 21.90 -35.93 -3.90
CA THR B 262 20.59 -35.50 -4.37
C THR B 262 19.64 -35.20 -3.22
N ILE B 263 19.68 -36.02 -2.17
CA ILE B 263 18.72 -35.83 -1.10
C ILE B 263 19.18 -34.76 -0.13
N PHE B 264 20.47 -34.49 -0.05
CA PHE B 264 20.94 -33.30 0.65
C PHE B 264 20.47 -32.04 -0.06
N LEU B 265 20.54 -32.03 -1.40
CA LEU B 265 19.96 -30.93 -2.16
C LEU B 265 18.49 -30.74 -1.80
N SER B 266 17.71 -31.82 -1.84
CA SER B 266 16.29 -31.72 -1.53
C SER B 266 16.05 -31.25 -0.10
N ASN B 267 16.83 -31.76 0.86
CA ASN B 267 16.70 -31.35 2.24
C ASN B 267 16.98 -29.86 2.40
N VAL B 268 18.05 -29.37 1.77
CA VAL B 268 18.41 -27.97 1.88
C VAL B 268 17.33 -27.11 1.23
N LEU B 269 16.75 -27.59 0.12
CA LEU B 269 15.68 -26.84 -0.51
C LEU B 269 14.48 -26.72 0.42
N TYR B 270 14.11 -27.83 1.08
CA TYR B 270 12.99 -27.75 2.02
C TYR B 270 13.32 -26.89 3.22
N LEU B 271 14.59 -26.88 3.65
CA LEU B 271 14.97 -26.10 4.81
C LEU B 271 14.87 -24.61 4.50
N VAL B 272 15.43 -24.19 3.37
CA VAL B 272 15.29 -22.81 2.91
C VAL B 272 13.80 -22.46 2.78
N GLN B 273 13.03 -23.34 2.15
CA GLN B 273 11.60 -23.09 1.93
C GLN B 273 10.88 -22.80 3.23
N ILE B 274 11.04 -23.68 4.22
CA ILE B 274 10.36 -23.45 5.50
C ILE B 274 10.92 -22.23 6.20
N ASP B 275 12.24 -22.00 6.08
CA ASP B 275 12.87 -20.90 6.80
C ASP B 275 12.34 -19.55 6.32
N LYS B 276 12.02 -19.43 5.03
CA LYS B 276 11.44 -18.17 4.59
C LYS B 276 10.00 -18.00 5.06
N THR B 277 9.35 -19.06 5.54
CA THR B 277 7.98 -19.00 6.01
C THR B 277 7.84 -19.05 7.53
N THR B 278 8.84 -19.56 8.24
CA THR B 278 8.73 -19.66 9.68
C THR B 278 8.91 -18.27 10.31
N PRO B 279 8.16 -17.94 11.37
CA PRO B 279 8.38 -16.65 12.04
C PRO B 279 9.76 -16.57 12.68
N THR B 280 10.37 -15.39 12.58
CA THR B 280 11.65 -15.13 13.22
C THR B 280 11.52 -14.64 14.67
N ASN B 281 10.31 -14.29 15.11
CA ASN B 281 10.05 -13.74 16.45
C ASN B 281 9.20 -14.73 17.25
N THR B 282 9.87 -15.67 17.91
CA THR B 282 9.19 -16.69 18.69
C THR B 282 9.92 -16.94 20.00
N LYS B 283 9.15 -17.36 21.01
CA LYS B 283 9.76 -17.77 22.28
C LYS B 283 10.75 -18.92 22.06
N TYR B 284 10.41 -19.84 21.17
CA TYR B 284 11.26 -20.93 20.73
C TYR B 284 11.01 -21.13 19.24
N PRO B 285 11.99 -21.67 18.50
CA PRO B 285 11.74 -21.94 17.08
C PRO B 285 10.84 -23.16 16.92
N SER B 286 10.38 -23.38 15.70
CA SER B 286 9.48 -24.49 15.45
C SER B 286 10.24 -25.81 15.45
N LEU B 287 9.71 -26.76 16.25
CA LEU B 287 10.32 -28.07 16.39
C LEU B 287 10.49 -28.76 15.05
N LEU B 288 9.51 -28.62 14.15
CA LEU B 288 9.62 -29.26 12.85
C LEU B 288 10.79 -28.71 12.05
N MET B 289 10.99 -27.40 12.08
CA MET B 289 12.17 -26.84 11.40
C MET B 289 13.45 -27.38 12.03
N LEU B 290 13.49 -27.47 13.36
CA LEU B 290 14.70 -27.98 13.99
C LEU B 290 14.89 -29.46 13.67
N TYR B 291 13.80 -30.20 13.51
CA TYR B 291 13.88 -31.60 13.15
C TYR B 291 14.36 -31.78 11.72
N LEU B 292 13.98 -30.87 10.82
CA LEU B 292 14.51 -30.96 9.46
C LEU B 292 15.97 -30.52 9.42
N MET B 293 16.36 -29.61 10.30
CA MET B 293 17.78 -29.28 10.42
C MET B 293 18.55 -30.51 10.87
N LEU B 294 18.03 -31.23 11.86
CA LEU B 294 18.65 -32.47 12.30
C LEU B 294 18.72 -33.47 11.16
N LEU B 295 17.67 -33.53 10.35
CA LEU B 295 17.67 -34.43 9.19
C LEU B 295 18.79 -34.07 8.23
N SER B 296 18.95 -32.77 7.95
CA SER B 296 20.01 -32.34 7.04
C SER B 296 21.38 -32.65 7.63
N MET B 297 21.53 -32.46 8.94
CA MET B 297 22.80 -32.76 9.60
C MET B 297 23.12 -34.25 9.51
N LEU B 298 22.11 -35.10 9.69
CA LEU B 298 22.33 -36.54 9.55
C LEU B 298 22.66 -36.90 8.11
N SER B 299 22.03 -36.24 7.15
CA SER B 299 22.38 -36.45 5.75
C SER B 299 23.82 -36.04 5.48
N GLY B 300 24.27 -34.96 6.11
CA GLY B 300 25.66 -34.56 6.00
C GLY B 300 26.60 -35.61 6.57
N ILE B 301 26.23 -36.20 7.71
CA ILE B 301 27.08 -37.25 8.27
C ILE B 301 27.09 -38.47 7.36
N ALA B 302 25.95 -38.79 6.76
CA ALA B 302 25.91 -39.92 5.82
C ALA B 302 26.80 -39.65 4.62
N THR B 303 26.76 -38.44 4.10
CA THR B 303 27.64 -38.08 2.99
C THR B 303 29.09 -38.16 3.40
N LEU B 304 29.41 -37.70 4.62
CA LEU B 304 30.77 -37.77 5.14
C LEU B 304 31.25 -39.21 5.23
N GLY B 305 30.41 -40.10 5.76
CA GLY B 305 30.78 -41.50 5.84
C GLY B 305 30.98 -42.11 4.46
N SER B 306 30.10 -41.77 3.52
CA SER B 306 30.21 -42.32 2.17
C SER B 306 31.51 -41.90 1.51
N VAL B 307 31.85 -40.61 1.59
CA VAL B 307 33.08 -40.13 0.97
C VAL B 307 34.31 -40.70 1.68
N VAL B 308 34.26 -40.81 3.01
CA VAL B 308 35.38 -41.36 3.76
C VAL B 308 35.64 -42.80 3.34
N ILE B 309 34.57 -43.59 3.27
CA ILE B 309 34.71 -44.98 2.83
C ILE B 309 35.20 -45.04 1.39
N SER B 310 34.72 -44.12 0.55
CA SER B 310 35.12 -44.11 -0.85
C SER B 310 36.61 -43.86 -1.00
N LYS B 311 37.16 -42.90 -0.24
CA LYS B 311 38.59 -42.67 -0.30
C LYS B 311 39.36 -43.84 0.31
N LEU B 312 38.91 -44.35 1.45
CA LEU B 312 39.53 -45.51 2.07
C LEU B 312 38.98 -46.80 1.47
N THR C 21 -18.90 21.93 45.42
CA THR C 21 -18.12 21.12 44.44
C THR C 21 -18.26 21.74 43.04
N PRO C 22 -17.26 21.57 42.19
CA PRO C 22 -17.34 22.18 40.85
C PRO C 22 -18.44 21.55 40.03
N THR C 23 -19.05 22.35 39.16
CA THR C 23 -20.20 21.94 38.37
C THR C 23 -19.96 22.20 36.89
N TYR C 24 -20.88 21.66 36.09
CA TYR C 24 -20.83 21.84 34.66
C TYR C 24 -20.91 23.30 34.29
N GLY C 25 -21.77 24.06 34.96
CA GLY C 25 -21.85 25.48 34.70
C GLY C 25 -20.57 26.20 35.08
N ASP C 26 -19.93 25.78 36.17
CA ASP C 26 -18.67 26.41 36.57
C ASP C 26 -17.60 26.18 35.51
N GLU C 27 -17.48 24.95 35.01
CA GLU C 27 -16.48 24.71 33.96
C GLU C 27 -16.83 25.47 32.69
N ARG C 28 -18.12 25.58 32.37
CA ARG C 28 -18.51 26.33 31.18
C ARG C 28 -18.11 27.79 31.32
N LEU C 29 -18.37 28.39 32.48
CA LEU C 29 -17.99 29.78 32.71
C LEU C 29 -16.48 29.94 32.61
N LEU C 30 -15.73 29.01 33.21
CA LEU C 30 -14.28 29.12 33.18
C LEU C 30 -13.77 29.09 31.74
N ARG C 31 -14.26 28.14 30.94
CA ARG C 31 -13.78 28.03 29.57
C ARG C 31 -14.16 29.28 28.77
N GLU C 32 -15.37 29.78 28.97
CA GLU C 32 -15.83 30.95 28.24
C GLU C 32 -14.96 32.16 28.55
N LYS C 33 -14.62 32.35 29.81
CA LYS C 33 -13.72 33.46 30.13
C LYS C 33 -12.31 33.19 29.62
N LEU C 34 -11.89 31.92 29.64
CA LEU C 34 -10.52 31.58 29.32
C LEU C 34 -10.21 31.88 27.86
N LEU C 35 -11.11 31.53 26.95
CA LEU C 35 -10.86 31.66 25.52
C LEU C 35 -11.33 33.00 24.96
N THR C 36 -11.56 34.01 25.80
CA THR C 36 -12.20 35.25 25.36
C THR C 36 -11.41 35.94 24.24
N ASN C 37 -10.11 36.18 24.46
CA ASN C 37 -9.27 36.90 23.50
C ASN C 37 -8.07 36.06 23.09
N TYR C 38 -8.25 34.74 23.00
CA TYR C 38 -7.15 33.86 22.65
C TYR C 38 -7.01 33.78 21.13
N SER C 39 -5.80 34.04 20.65
CA SER C 39 -5.45 33.86 19.24
C SER C 39 -4.59 32.61 19.12
N LYS C 40 -5.08 31.64 18.35
CA LYS C 40 -4.37 30.38 18.20
C LYS C 40 -3.01 30.55 17.56
N SER C 41 -2.81 31.61 16.78
CA SER C 41 -1.59 31.76 15.98
C SER C 41 -0.52 32.62 16.66
N ILE C 42 -0.84 33.23 17.79
CA ILE C 42 0.11 34.06 18.52
C ILE C 42 0.73 33.20 19.60
N ARG C 43 2.06 33.17 19.66
CA ARG C 43 2.75 32.37 20.66
C ARG C 43 2.26 32.77 22.06
N PRO C 44 2.10 31.81 22.98
CA PRO C 44 1.52 32.18 24.28
C PRO C 44 2.55 32.75 25.25
N VAL C 45 2.95 33.99 25.00
CA VAL C 45 3.92 34.68 25.85
C VAL C 45 3.49 36.12 25.99
N ILE C 46 3.52 36.65 27.22
CA ILE C 46 3.18 38.05 27.44
C ILE C 46 4.14 38.96 26.69
N ASN C 47 5.45 38.72 26.86
CA ASN C 47 6.49 39.47 26.16
C ASN C 47 7.02 38.59 25.04
N LEU C 48 6.87 39.05 23.79
CA LEU C 48 7.24 38.20 22.67
C LEU C 48 8.74 37.98 22.55
N THR C 49 9.56 38.69 23.33
CA THR C 49 10.99 38.50 23.27
C THR C 49 11.43 37.20 23.94
N LYS C 50 10.60 36.62 24.79
CA LYS C 50 10.94 35.39 25.50
C LYS C 50 10.56 34.18 24.66
N VAL C 51 11.33 33.11 24.81
CA VAL C 51 11.10 31.87 24.10
C VAL C 51 10.18 30.99 24.92
N VAL C 52 9.52 30.05 24.26
CA VAL C 52 8.73 29.02 24.92
C VAL C 52 9.56 27.74 24.95
N ASP C 53 9.85 27.26 26.16
CA ASP C 53 10.67 26.07 26.35
C ASP C 53 9.77 24.84 26.33
N VAL C 54 9.98 23.98 25.34
CA VAL C 54 9.21 22.75 25.18
C VAL C 54 10.09 21.59 25.59
N THR C 55 9.59 20.74 26.47
CA THR C 55 10.25 19.50 26.84
C THR C 55 9.43 18.33 26.32
N ALA C 56 10.06 17.45 25.55
CA ALA C 56 9.41 16.34 24.90
C ALA C 56 9.73 15.04 25.62
N LEU C 57 8.74 14.15 25.70
CA LEU C 57 8.87 12.85 26.34
C LEU C 57 8.48 11.78 25.34
N LEU C 58 9.43 10.91 24.99
CA LEU C 58 9.24 9.88 23.98
C LEU C 58 9.41 8.51 24.62
N TYR C 59 8.29 7.85 24.95
CA TYR C 59 8.31 6.52 25.56
C TYR C 59 7.99 5.49 24.47
N LEU C 60 9.00 4.75 24.03
CA LEU C 60 8.78 3.65 23.12
C LEU C 60 7.80 2.64 23.71
N GLN C 61 6.99 2.04 22.84
CA GLN C 61 6.05 0.99 23.22
C GLN C 61 6.46 -0.37 22.68
N THR C 62 6.55 -0.52 21.37
CA THR C 62 6.93 -1.79 20.74
C THR C 62 7.78 -1.49 19.52
N LEU C 63 8.75 -2.38 19.28
CA LEU C 63 9.60 -2.33 18.10
C LEU C 63 9.09 -3.39 17.14
N TYR C 64 8.19 -2.97 16.24
CA TYR C 64 7.54 -3.92 15.34
C TYR C 64 8.55 -4.70 14.51
N ASP C 65 9.47 -4.00 13.85
CA ASP C 65 10.34 -4.69 12.92
C ASP C 65 11.50 -3.77 12.59
N LEU C 66 12.59 -4.36 12.09
CA LEU C 66 13.77 -3.64 11.60
C LEU C 66 13.96 -4.07 10.15
N ASP C 67 13.48 -3.26 9.21
CA ASP C 67 13.52 -3.61 7.81
C ASP C 67 14.91 -3.34 7.26
N PHE C 68 15.63 -4.41 6.91
CA PHE C 68 17.00 -4.26 6.46
C PHE C 68 17.08 -3.67 5.06
N VAL C 69 16.21 -4.14 4.15
CA VAL C 69 16.35 -3.74 2.76
C VAL C 69 16.03 -2.26 2.59
N ASN C 70 15.01 -1.77 3.29
CA ASN C 70 14.58 -0.38 3.16
C ASN C 70 15.21 0.55 4.17
N ASN C 71 16.02 0.04 5.09
CA ASN C 71 16.74 0.86 6.07
C ASN C 71 15.80 1.60 7.02
N PHE C 72 14.68 0.98 7.38
CA PHE C 72 13.69 1.57 8.26
C PHE C 72 13.52 0.71 9.51
N ILE C 73 12.99 1.33 10.56
CA ILE C 73 12.57 0.63 11.77
C ILE C 73 11.15 1.07 12.08
N MET C 74 10.28 0.11 12.34
CA MET C 74 8.87 0.38 12.63
C MET C 74 8.64 0.25 14.13
N ALA C 75 8.12 1.30 14.75
CA ALA C 75 7.85 1.30 16.17
C ALA C 75 6.67 2.20 16.47
N ARG C 76 6.13 2.04 17.68
CA ARG C 76 5.02 2.84 18.18
C ARG C 76 5.45 3.50 19.48
N TYR C 77 5.28 4.81 19.57
CA TYR C 77 5.75 5.60 20.69
C TYR C 77 4.58 6.24 21.45
N TYR C 78 4.92 7.06 22.43
CA TYR C 78 3.98 7.83 23.25
C TYR C 78 4.44 9.27 23.35
N LEU C 79 4.68 9.89 22.20
CA LEU C 79 5.28 11.23 22.18
C LEU C 79 4.44 12.20 23.00
N GLY C 80 5.06 12.77 24.03
CA GLY C 80 4.43 13.76 24.87
C GLY C 80 5.15 15.08 24.77
N LEU C 81 4.41 16.16 24.89
CA LEU C 81 4.93 17.51 24.79
C LEU C 81 4.41 18.31 25.98
N ILE C 82 5.32 18.99 26.68
CA ILE C 82 4.97 19.79 27.85
C ILE C 82 5.58 21.16 27.66
N TRP C 83 4.76 22.19 27.86
CA TRP C 83 5.23 23.56 27.84
C TRP C 83 4.34 24.38 28.76
N ILE C 84 4.56 25.68 28.80
CA ILE C 84 3.86 26.58 29.72
C ILE C 84 3.19 27.67 28.91
N ASP C 85 1.90 27.88 29.16
CA ASP C 85 1.12 28.95 28.57
C ASP C 85 0.90 30.03 29.60
N GLU C 86 1.20 31.28 29.23
CA GLU C 86 1.06 32.41 30.15
C GLU C 86 -0.29 33.10 30.06
N LYS C 87 -1.07 32.86 29.02
CA LYS C 87 -2.38 33.47 28.89
C LYS C 87 -3.48 32.64 29.54
N LEU C 88 -3.27 31.33 29.65
CA LEU C 88 -4.30 30.42 30.13
C LEU C 88 -4.02 30.07 31.59
N THR C 89 -4.47 30.95 32.48
CA THR C 89 -4.32 30.75 33.91
C THR C 89 -5.58 31.23 34.61
N TRP C 90 -5.76 30.78 35.86
CA TRP C 90 -6.92 31.16 36.63
C TRP C 90 -6.64 30.85 38.09
N ASN C 91 -7.27 31.61 38.98
CA ASN C 91 -7.25 31.28 40.39
C ASN C 91 -8.34 30.25 40.66
N PRO C 92 -8.01 29.00 40.98
CA PRO C 92 -9.07 27.98 41.13
C PRO C 92 -10.05 28.28 42.25
N LEU C 93 -9.67 29.08 43.24
CA LEU C 93 -10.61 29.45 44.30
C LEU C 93 -11.75 30.30 43.77
N ASP C 94 -11.57 30.93 42.61
CA ASP C 94 -12.60 31.74 41.99
C ASP C 94 -13.57 30.92 41.14
N TYR C 95 -13.33 29.62 40.97
CA TYR C 95 -14.17 28.77 40.12
C TYR C 95 -14.44 27.44 40.79
N ASN C 96 -14.72 27.45 42.09
CA ASN C 96 -15.13 26.25 42.83
C ASN C 96 -14.08 25.15 42.72
N ASN C 97 -12.81 25.53 42.76
CA ASN C 97 -11.70 24.60 42.89
C ASN C 97 -11.49 23.76 41.63
N ILE C 98 -11.89 24.26 40.47
CA ILE C 98 -11.55 23.59 39.22
C ILE C 98 -10.06 23.74 38.98
N THR C 99 -9.32 22.63 39.06
CA THR C 99 -7.86 22.66 38.92
C THR C 99 -7.35 22.27 37.55
N SER C 100 -8.18 21.67 36.70
CA SER C 100 -7.70 21.27 35.38
C SER C 100 -8.90 21.07 34.45
N ILE C 101 -8.69 21.36 33.18
CA ILE C 101 -9.71 21.19 32.15
C ILE C 101 -9.10 20.47 30.95
N TYR C 102 -9.97 20.11 30.01
CA TYR C 102 -9.59 19.48 28.76
C TYR C 102 -10.08 20.34 27.61
N LEU C 103 -9.18 20.71 26.72
CA LEU C 103 -9.50 21.57 25.58
C LEU C 103 -9.30 20.82 24.27
N PRO C 104 -10.05 21.12 23.22
CA PRO C 104 -9.76 20.50 21.92
C PRO C 104 -8.41 20.97 21.40
N LYS C 105 -7.69 20.03 20.77
CA LYS C 105 -6.30 20.29 20.41
C LYS C 105 -6.17 21.43 19.41
N ASP C 106 -7.20 21.70 18.62
CA ASP C 106 -7.10 22.67 17.53
C ASP C 106 -7.54 24.08 17.94
N LYS C 107 -7.89 24.31 19.20
CA LYS C 107 -8.27 25.63 19.67
C LYS C 107 -7.14 26.38 20.35
N ILE C 108 -6.02 25.73 20.63
CA ILE C 108 -4.95 26.30 21.43
C ILE C 108 -3.66 26.26 20.62
N TRP C 109 -2.75 27.18 20.92
CA TRP C 109 -1.45 27.16 20.27
C TRP C 109 -0.71 25.89 20.66
N THR C 110 -0.09 25.26 19.67
CA THR C 110 0.59 23.98 19.83
C THR C 110 1.97 24.09 19.17
N PRO C 111 3.05 23.72 19.84
CA PRO C 111 4.36 23.84 19.22
C PRO C 111 4.45 22.98 17.99
N PRO C 112 5.11 23.44 16.92
CA PRO C 112 5.12 22.67 15.67
C PRO C 112 6.22 21.61 15.61
N ILE C 113 6.19 20.69 16.54
CA ILE C 113 7.19 19.63 16.59
C ILE C 113 6.88 18.62 15.51
N LYS C 114 7.91 18.19 14.78
CA LYS C 114 7.76 17.28 13.66
C LYS C 114 8.70 16.09 13.82
N MET C 115 8.26 14.94 13.33
CA MET C 115 9.08 13.74 13.25
C MET C 115 10.03 13.89 12.05
N CYS C 116 11.00 14.78 12.24
CA CYS C 116 11.84 15.29 11.16
C CYS C 116 12.47 14.19 10.32
N ASN C 117 12.95 13.13 10.96
CA ASN C 117 13.71 12.08 10.28
C ASN C 117 12.86 10.83 10.08
N SER C 118 11.56 11.00 9.90
CA SER C 118 10.67 9.84 9.88
C SER C 118 9.51 10.06 8.94
N MET C 119 8.98 8.96 8.42
CA MET C 119 7.69 8.94 7.74
C MET C 119 6.65 8.59 8.79
N ASP C 120 5.77 9.53 9.08
CA ASP C 120 4.74 9.32 10.08
C ASP C 120 3.54 8.65 9.41
N LYS C 121 3.16 7.47 9.90
CA LYS C 121 2.09 6.67 9.34
C LYS C 121 0.95 6.50 10.34
N SER C 122 0.80 7.43 11.27
CA SER C 122 -0.31 7.39 12.19
C SER C 122 -1.59 7.80 11.46
N GLU C 123 -2.71 7.27 11.93
CA GLU C 123 -4.02 7.60 11.37
C GLU C 123 -4.71 8.64 12.22
N GLU C 124 -5.79 9.21 11.67
CA GLU C 124 -6.63 10.12 12.45
C GLU C 124 -7.36 9.40 13.57
N ASN C 125 -7.48 8.08 13.49
CA ASN C 125 -8.08 7.31 14.58
C ASN C 125 -7.12 7.21 15.76
N ASP C 126 -5.83 7.46 15.56
CA ASP C 126 -4.86 7.51 16.65
C ASP C 126 -4.55 8.93 17.10
N GLY C 127 -5.32 9.92 16.66
CA GLY C 127 -5.14 11.30 17.06
C GLY C 127 -6.09 11.63 18.18
N VAL C 128 -5.55 12.01 19.33
CA VAL C 128 -6.37 12.28 20.50
C VAL C 128 -7.22 13.54 20.28
N GLY C 129 -6.64 14.58 19.69
CA GLY C 129 -7.37 15.81 19.45
C GLY C 129 -7.89 16.47 20.70
N GLU C 130 -7.10 16.45 21.77
CA GLU C 130 -7.44 17.02 23.08
C GLU C 130 -6.16 17.11 23.88
N LEU C 131 -6.18 18.00 24.87
CA LEU C 131 -5.00 18.25 25.68
C LEU C 131 -5.42 18.60 27.10
N MET C 132 -4.52 18.36 28.04
CA MET C 132 -4.76 18.62 29.45
C MET C 132 -4.07 19.91 29.85
N LEU C 133 -4.82 20.83 30.42
CA LEU C 133 -4.31 22.12 30.86
C LEU C 133 -4.54 22.29 32.35
N THR C 134 -3.52 22.77 33.05
CA THR C 134 -3.54 22.95 34.49
C THR C 134 -3.62 24.44 34.80
N TYR C 135 -4.14 24.75 35.99
CA TYR C 135 -4.40 26.15 36.34
C TYR C 135 -3.13 27.00 36.39
N THR C 136 -1.95 26.38 36.48
CA THR C 136 -0.71 27.14 36.43
C THR C 136 -0.27 27.44 35.02
N GLY C 137 -0.96 26.94 34.00
CA GLY C 137 -0.60 27.14 32.62
C GLY C 137 0.10 25.97 31.96
N TRP C 138 0.47 24.95 32.71
CA TRP C 138 1.21 23.84 32.14
C TRP C 138 0.27 22.97 31.32
N ILE C 139 0.67 22.68 30.08
CA ILE C 139 -0.12 21.89 29.15
C ILE C 139 0.59 20.57 28.88
N ASN C 140 -0.16 19.48 28.94
CA ASN C 140 0.33 18.17 28.53
C ASN C 140 -0.38 17.74 27.25
N MET C 141 0.39 17.28 26.26
CA MET C 141 -0.15 16.83 24.99
C MET C 141 0.50 15.50 24.63
N TRP C 142 -0.22 14.42 24.89
CA TRP C 142 0.27 13.07 24.67
C TRP C 142 -0.42 12.45 23.47
N SER C 143 0.35 11.87 22.57
CA SER C 143 -0.18 11.35 21.31
C SER C 143 0.53 10.05 20.93
N PHE C 144 -0.24 9.05 20.54
CA PHE C 144 0.34 7.85 19.95
C PHE C 144 0.94 8.17 18.60
N ARG C 145 2.06 7.52 18.28
CA ARG C 145 2.77 7.81 17.03
C ARG C 145 3.43 6.53 16.54
N LEU C 146 3.04 6.08 15.36
CA LEU C 146 3.67 4.97 14.67
C LEU C 146 4.57 5.54 13.58
N LEU C 147 5.87 5.24 13.65
CA LEU C 147 6.88 5.89 12.82
C LEU C 147 7.61 4.88 11.94
N HIS C 148 7.83 5.26 10.70
CA HIS C 148 8.72 4.56 9.77
C HIS C 148 9.94 5.49 9.63
N THR C 149 10.94 5.27 10.46
CA THR C 149 12.06 6.20 10.60
C THR C 149 13.33 5.63 10.01
N TYR C 150 14.06 6.49 9.30
CA TYR C 150 15.26 6.10 8.58
C TYR C 150 16.38 5.76 9.56
N CYS C 151 17.06 4.65 9.32
CA CYS C 151 18.22 4.23 10.10
C CYS C 151 19.33 3.77 9.19
N GLN C 152 20.56 4.15 9.51
CA GLN C 152 21.73 3.70 8.76
C GLN C 152 22.11 2.33 9.29
N ILE C 153 21.72 1.29 8.56
CA ILE C 153 21.80 -0.09 9.03
C ILE C 153 23.08 -0.70 8.45
N ASN C 154 24.02 -1.01 9.34
CA ASN C 154 25.32 -1.60 8.95
C ASN C 154 25.31 -3.06 9.34
N ALA C 155 25.36 -3.94 8.33
CA ALA C 155 25.36 -5.38 8.54
C ALA C 155 26.77 -5.96 8.53
N TYR C 156 27.75 -5.22 9.04
CA TYR C 156 29.13 -5.68 9.03
C TYR C 156 29.29 -6.96 9.84
N THR C 157 28.98 -6.91 11.13
CA THR C 157 29.20 -8.01 12.05
C THR C 157 28.01 -8.98 12.10
N TYR C 158 27.28 -9.12 10.99
CA TYR C 158 26.13 -10.02 10.97
C TYR C 158 26.59 -11.45 11.30
N PRO C 159 25.79 -12.23 12.06
CA PRO C 159 24.53 -11.93 12.74
C PRO C 159 24.73 -11.48 14.18
N PHE C 160 25.98 -11.27 14.62
CA PHE C 160 26.26 -10.73 15.95
C PHE C 160 26.41 -9.22 15.89
N ASP C 161 25.45 -8.55 15.27
CA ASP C 161 25.57 -7.15 14.91
C ASP C 161 24.80 -6.27 15.88
N GLU C 162 25.30 -5.04 16.06
CA GLU C 162 24.64 -4.01 16.82
C GLU C 162 24.42 -2.81 15.91
N HIS C 163 23.46 -1.96 16.27
CA HIS C 163 23.08 -0.84 15.42
C HIS C 163 22.60 0.30 16.29
N THR C 164 22.67 1.51 15.73
CA THR C 164 22.24 2.73 16.41
C THR C 164 21.29 3.48 15.49
N CYS C 165 20.06 3.66 15.93
CA CYS C 165 19.05 4.43 15.21
C CYS C 165 18.68 5.64 16.03
N GLU C 166 18.77 6.82 15.42
CA GLU C 166 18.50 8.08 16.08
C GLU C 166 17.14 8.60 15.63
N ILE C 167 16.26 8.85 16.59
CA ILE C 167 14.94 9.40 16.33
C ILE C 167 15.02 10.90 16.55
N TYR C 168 14.81 11.69 15.49
CA TYR C 168 15.02 13.13 15.52
C TYR C 168 13.72 13.86 15.79
N LEU C 169 13.80 14.88 16.62
CA LEU C 169 12.76 15.89 16.78
C LEU C 169 13.35 17.24 16.43
N CYS C 170 12.60 18.05 15.70
CA CYS C 170 13.06 19.41 15.40
C CYS C 170 11.85 20.31 15.23
N VAL C 171 11.85 21.42 15.96
CA VAL C 171 10.86 22.47 15.77
C VAL C 171 10.78 22.81 14.30
N ALA C 172 9.57 23.05 13.81
CA ALA C 172 9.38 23.16 12.37
C ALA C 172 9.96 24.46 11.85
N LEU C 173 9.37 25.59 12.25
CA LEU C 173 9.61 26.88 11.61
C LEU C 173 10.02 28.01 12.53
N HIS C 174 9.86 27.87 13.83
CA HIS C 174 10.17 28.99 14.72
C HIS C 174 11.66 29.00 14.99
N THR C 175 12.25 30.19 14.98
CA THR C 175 13.67 30.31 15.25
C THR C 175 13.95 30.06 16.73
N ILE C 176 15.22 29.83 17.04
CA ILE C 176 15.62 29.53 18.42
C ILE C 176 15.30 30.70 19.34
N ASN C 177 15.17 31.91 18.80
CA ASN C 177 14.72 33.04 19.58
C ASN C 177 13.22 33.07 19.77
N HIS C 178 12.49 32.10 19.21
CA HIS C 178 11.06 31.95 19.41
C HIS C 178 10.68 30.68 20.16
N THR C 179 11.10 29.51 19.67
CA THR C 179 10.74 28.23 20.26
C THR C 179 11.98 27.35 20.38
N ARG C 180 12.12 26.68 21.52
CA ARG C 180 13.26 25.82 21.79
C ARG C 180 12.81 24.53 22.43
N ILE C 181 13.54 23.45 22.14
CA ILE C 181 13.32 22.15 22.78
C ILE C 181 14.23 22.10 24.00
N LYS C 182 13.65 22.27 25.19
CA LYS C 182 14.45 22.30 26.40
C LYS C 182 15.18 20.97 26.63
N GLU C 183 14.47 19.86 26.49
CA GLU C 183 15.06 18.55 26.76
C GLU C 183 14.26 17.49 26.02
N LEU C 184 14.86 16.31 25.92
CA LEU C 184 14.21 15.12 25.39
C LEU C 184 14.46 13.99 26.37
N ILE C 185 13.40 13.48 26.98
CA ILE C 185 13.47 12.39 27.93
C ILE C 185 12.90 11.16 27.24
N TYR C 186 13.76 10.17 26.99
CA TYR C 186 13.38 8.96 26.29
C TYR C 186 13.57 7.76 27.21
N GLU C 187 12.60 6.85 27.19
CA GLU C 187 12.65 5.64 27.99
C GLU C 187 11.97 4.52 27.19
N ASP C 188 12.02 3.32 27.75
CA ASP C 188 11.32 2.16 27.22
C ASP C 188 10.22 1.79 28.18
N SER C 189 9.01 1.63 27.66
CA SER C 189 7.86 1.37 28.50
C SER C 189 7.69 -0.11 28.85
N LYS C 190 8.46 -1.00 28.21
CA LYS C 190 8.42 -2.43 28.52
C LYS C 190 7.03 -3.00 28.32
N PHE C 191 6.26 -2.43 27.40
CA PHE C 191 4.91 -2.91 27.17
C PHE C 191 4.90 -4.35 26.68
N THR C 192 5.79 -4.67 25.74
CA THR C 192 5.95 -6.03 25.23
C THR C 192 7.42 -6.40 25.22
N GLN C 193 7.67 -7.70 25.26
CA GLN C 193 9.03 -8.23 25.14
C GLN C 193 9.29 -8.58 23.68
N ASN C 194 10.52 -8.34 23.22
CA ASN C 194 10.83 -8.49 21.81
C ASN C 194 11.19 -9.93 21.46
N TYR C 195 12.22 -10.47 22.11
CA TYR C 195 12.78 -11.80 21.90
C TYR C 195 13.64 -11.89 20.64
N LYS C 196 13.86 -10.79 19.91
CA LYS C 196 14.72 -10.79 18.73
C LYS C 196 15.78 -9.70 18.82
N TRP C 197 15.43 -8.56 19.42
CA TRP C 197 16.32 -7.42 19.57
C TRP C 197 16.35 -6.99 21.03
N ASP C 198 17.56 -6.72 21.52
CA ASP C 198 17.74 -6.12 22.84
C ASP C 198 17.76 -4.60 22.67
N ILE C 199 16.72 -3.93 23.15
CA ILE C 199 16.55 -2.49 22.99
C ILE C 199 17.07 -1.79 24.24
N ASN C 200 17.76 -0.66 24.04
CA ASN C 200 18.36 0.11 25.13
C ASN C 200 18.09 1.59 24.87
N VAL C 201 16.96 2.08 25.37
CA VAL C 201 16.53 3.47 25.17
C VAL C 201 16.41 4.08 26.56
N SER C 202 17.47 4.74 27.02
CA SER C 202 17.40 5.48 28.26
C SER C 202 18.37 6.65 28.20
N GLY C 203 17.99 7.75 28.82
CA GLY C 203 18.84 8.93 28.91
C GLY C 203 18.09 10.22 28.65
N LYS C 204 18.72 11.31 29.06
CA LYS C 204 18.21 12.66 28.93
C LYS C 204 19.22 13.50 28.16
N VAL C 205 18.75 14.30 27.22
CA VAL C 205 19.62 15.14 26.39
C VAL C 205 18.98 16.52 26.21
N ASN C 206 19.79 17.56 26.34
CA ASN C 206 19.35 18.91 26.03
C ASN C 206 19.17 19.09 24.53
N GLY C 207 18.38 20.10 24.17
CA GLY C 207 18.19 20.40 22.76
C GLY C 207 19.41 21.04 22.15
N THR C 208 19.58 20.81 20.84
CA THR C 208 20.69 21.33 20.07
C THR C 208 20.21 22.54 19.27
N ASP C 209 20.93 23.65 19.38
CA ASP C 209 20.54 24.91 18.75
C ASP C 209 21.46 25.21 17.57
N GLU C 210 20.97 25.01 16.34
CA GLU C 210 21.68 25.47 15.13
C GLU C 210 20.61 26.05 14.19
N LEU C 211 20.28 27.31 14.43
CA LEU C 211 19.30 28.10 13.68
C LEU C 211 17.84 27.67 13.87
N PHE C 212 17.59 26.40 14.20
CA PHE C 212 16.30 25.94 14.66
C PHE C 212 16.57 24.76 15.60
N SER C 213 15.91 24.76 16.75
CA SER C 213 16.21 23.75 17.76
C SER C 213 15.87 22.36 17.27
N TYR C 214 16.56 21.36 17.81
CA TYR C 214 16.30 19.97 17.48
C TYR C 214 17.07 19.08 18.45
N ALA C 215 16.54 17.88 18.66
CA ALA C 215 17.17 16.90 19.53
C ALA C 215 16.95 15.52 18.92
N PHE C 216 17.66 14.52 19.42
CA PHE C 216 17.46 13.16 18.95
C PHE C 216 17.76 12.16 20.06
N ALA C 217 16.97 11.08 20.09
CA ALA C 217 17.14 10.00 21.05
C ALA C 217 17.92 8.86 20.41
N PRO C 218 19.06 8.40 20.95
CA PRO C 218 19.74 7.26 20.32
C PRO C 218 19.14 5.94 20.76
N MET C 219 18.78 5.11 19.79
CA MET C 219 18.24 3.77 20.00
C MET C 219 19.31 2.75 19.64
N TYR C 220 19.75 1.98 20.63
CA TYR C 220 20.71 0.90 20.43
C TYR C 220 19.98 -0.43 20.33
N LEU C 221 20.30 -1.21 19.29
CA LEU C 221 19.63 -2.46 19.01
C LEU C 221 20.67 -3.54 18.79
N ARG C 222 20.60 -4.59 19.61
CA ARG C 222 21.50 -5.75 19.50
C ARG C 222 20.65 -6.97 19.15
N ARG C 223 21.02 -7.65 18.07
CA ARG C 223 20.32 -8.87 17.71
C ARG C 223 20.59 -9.95 18.75
N LYS C 224 19.52 -10.55 19.26
CA LYS C 224 19.66 -11.61 20.25
C LYS C 224 19.97 -12.92 19.55
N LEU C 225 20.93 -13.66 20.08
CA LEU C 225 21.36 -14.91 19.46
C LEU C 225 20.32 -15.98 19.76
N THR C 226 19.53 -16.34 18.76
CA THR C 226 18.49 -17.36 18.91
C THR C 226 18.95 -18.71 18.39
N VAL C 227 18.38 -19.75 18.99
CA VAL C 227 18.73 -21.10 18.58
C VAL C 227 18.22 -21.35 17.17
N GLY C 228 17.21 -20.60 16.72
CA GLY C 228 16.80 -20.69 15.33
C GLY C 228 17.88 -20.18 14.38
N ILE C 229 18.51 -19.05 14.69
CA ILE C 229 19.53 -18.55 13.77
C ILE C 229 20.74 -19.47 13.80
N ILE C 230 21.12 -20.00 14.97
CA ILE C 230 22.31 -20.84 14.97
C ILE C 230 21.99 -22.15 14.24
N ALA C 231 20.74 -22.59 14.30
CA ALA C 231 20.36 -23.79 13.56
C ALA C 231 20.32 -23.52 12.07
N MET C 232 20.09 -22.27 11.68
CA MET C 232 20.14 -21.94 10.26
C MET C 232 21.59 -21.74 9.80
N LEU C 233 22.49 -21.40 10.73
CA LEU C 233 23.90 -21.27 10.40
C LEU C 233 24.61 -22.61 10.35
N ILE C 234 24.05 -23.64 10.97
CA ILE C 234 24.72 -24.95 11.01
C ILE C 234 24.95 -25.50 9.61
N PRO C 235 23.96 -25.48 8.70
CA PRO C 235 24.24 -25.97 7.32
C PRO C 235 25.41 -25.29 6.66
N THR C 236 25.57 -23.97 6.84
CA THR C 236 26.66 -23.27 6.19
C THR C 236 28.02 -23.78 6.68
N VAL C 237 28.18 -23.89 8.00
CA VAL C 237 29.46 -24.32 8.54
C VAL C 237 29.78 -25.75 8.13
N MET C 238 28.78 -26.65 8.18
CA MET C 238 29.08 -28.01 7.76
C MET C 238 29.38 -28.08 6.28
N MET C 239 28.77 -27.20 5.48
CA MET C 239 29.10 -27.13 4.06
C MET C 239 30.55 -26.70 3.89
N THR C 240 31.02 -25.78 4.73
CA THR C 240 32.43 -25.42 4.70
C THR C 240 33.32 -26.60 5.04
N ILE C 241 32.93 -27.38 6.05
CA ILE C 241 33.68 -28.58 6.40
C ILE C 241 33.74 -29.53 5.19
N LEU C 242 32.63 -29.67 4.48
CA LEU C 242 32.60 -30.56 3.33
C LEU C 242 33.48 -30.04 2.20
N THR C 243 33.50 -28.73 2.00
CA THR C 243 34.40 -28.15 1.00
C THR C 243 35.85 -28.42 1.35
N ILE C 244 36.20 -28.28 2.63
CA ILE C 244 37.56 -28.58 3.06
C ILE C 244 37.88 -30.04 2.80
N PHE C 245 36.93 -30.93 3.10
CA PHE C 245 37.18 -32.35 2.92
C PHE C 245 37.42 -32.68 1.45
N VAL C 246 36.57 -32.17 0.56
CA VAL C 246 36.73 -32.49 -0.86
C VAL C 246 38.02 -31.87 -1.39
N PHE C 247 38.36 -30.65 -0.94
CA PHE C 247 39.62 -30.05 -1.35
C PHE C 247 40.79 -30.94 -0.94
N LEU C 248 40.70 -31.58 0.23
CA LEU C 248 41.73 -32.53 0.65
C LEU C 248 41.59 -33.90 0.00
N LEU C 249 40.45 -34.20 -0.64
CA LEU C 249 40.22 -35.51 -1.20
C LEU C 249 41.23 -35.79 -2.33
N PRO C 250 41.66 -37.06 -2.52
CA PRO C 250 42.60 -37.36 -3.59
C PRO C 250 42.05 -36.95 -4.95
N PRO C 251 42.84 -36.28 -5.80
CA PRO C 251 42.41 -36.05 -7.19
C PRO C 251 41.96 -37.30 -7.94
N GLU C 252 42.51 -38.47 -7.61
CA GLU C 252 42.25 -39.69 -8.35
C GLU C 252 41.15 -40.55 -7.72
N SER C 253 40.36 -39.99 -6.80
CA SER C 253 39.22 -40.73 -6.27
C SER C 253 38.22 -41.07 -7.36
N GLY C 254 37.99 -40.13 -8.28
CA GLY C 254 37.08 -40.31 -9.40
C GLY C 254 35.76 -39.56 -9.27
N GLU C 255 35.37 -39.19 -8.05
CA GLU C 255 34.14 -38.46 -7.81
C GLU C 255 34.37 -36.95 -7.66
N LYS C 256 35.63 -36.49 -7.74
CA LYS C 256 35.99 -35.11 -7.48
C LYS C 256 35.13 -34.14 -8.25
N VAL C 257 35.14 -34.26 -9.59
CA VAL C 257 34.42 -33.33 -10.43
C VAL C 257 32.93 -33.36 -10.09
N SER C 258 32.37 -34.55 -9.89
CA SER C 258 30.94 -34.67 -9.67
C SER C 258 30.50 -33.95 -8.39
N LEU C 259 31.12 -34.29 -7.26
CA LEU C 259 30.64 -33.66 -6.02
C LEU C 259 31.08 -32.21 -5.95
N ALA C 260 32.20 -31.86 -6.58
CA ALA C 260 32.61 -30.46 -6.62
C ALA C 260 31.59 -29.62 -7.38
N THR C 261 31.08 -30.15 -8.49
CA THR C 261 30.05 -29.45 -9.25
C THR C 261 28.79 -29.30 -8.41
N THR C 262 28.35 -30.40 -7.79
CA THR C 262 27.10 -30.34 -7.02
C THR C 262 27.20 -29.35 -5.88
N ILE C 263 28.35 -29.30 -5.20
CA ILE C 263 28.46 -28.45 -4.02
C ILE C 263 28.75 -27.02 -4.43
N PHE C 264 29.35 -26.80 -5.60
CA PHE C 264 29.43 -25.44 -6.13
C PHE C 264 28.04 -24.92 -6.47
N LEU C 265 27.20 -25.77 -7.06
CA LEU C 265 25.81 -25.39 -7.29
C LEU C 265 25.14 -24.97 -5.98
N SER C 266 25.23 -25.82 -4.96
CA SER C 266 24.58 -25.51 -3.69
C SER C 266 25.15 -24.25 -3.05
N ASN C 267 26.48 -24.08 -3.10
CA ASN C 267 27.12 -22.90 -2.54
C ASN C 267 26.63 -21.64 -3.26
N VAL C 268 26.56 -21.68 -4.59
CA VAL C 268 26.10 -20.53 -5.34
C VAL C 268 24.65 -20.23 -5.02
N LEU C 269 23.84 -21.28 -4.80
CA LEU C 269 22.46 -21.07 -4.39
C LEU C 269 22.40 -20.34 -3.06
N TYR C 270 23.25 -20.74 -2.11
CA TYR C 270 23.27 -20.05 -0.82
C TYR C 270 23.78 -18.62 -0.96
N LEU C 271 24.70 -18.38 -1.89
CA LEU C 271 25.22 -17.04 -2.08
C LEU C 271 24.14 -16.11 -2.62
N VAL C 272 23.45 -16.55 -3.67
CA VAL C 272 22.29 -15.81 -4.18
C VAL C 272 21.27 -15.58 -3.08
N GLN C 273 20.96 -16.64 -2.32
CA GLN C 273 19.96 -16.56 -1.25
C GLN C 273 20.30 -15.45 -0.26
N ILE C 274 21.53 -15.45 0.26
CA ILE C 274 21.90 -14.40 1.21
C ILE C 274 21.93 -13.04 0.52
N ASP C 275 22.37 -13.00 -0.74
CA ASP C 275 22.51 -11.73 -1.43
C ASP C 275 21.17 -11.03 -1.60
N LYS C 276 20.09 -11.79 -1.80
CA LYS C 276 18.79 -11.14 -1.90
C LYS C 276 18.27 -10.64 -0.54
N THR C 277 18.87 -11.09 0.57
CA THR C 277 18.43 -10.69 1.91
C THR C 277 19.39 -9.72 2.59
N THR C 278 20.64 -9.65 2.15
CA THR C 278 21.59 -8.76 2.79
C THR C 278 21.32 -7.31 2.40
N PRO C 279 21.50 -6.34 3.32
CA PRO C 279 21.35 -4.94 2.92
C PRO C 279 22.40 -4.52 1.91
N THR C 280 21.97 -3.71 0.94
CA THR C 280 22.89 -3.15 -0.06
C THR C 280 23.54 -1.85 0.39
N ASN C 281 23.06 -1.23 1.48
CA ASN C 281 23.54 0.06 1.97
C ASN C 281 24.20 -0.12 3.33
N THR C 282 25.49 -0.43 3.33
CA THR C 282 26.25 -0.66 4.55
C THR C 282 27.61 -0.01 4.41
N LYS C 283 28.16 0.42 5.55
CA LYS C 283 29.52 0.95 5.55
C LYS C 283 30.52 -0.10 5.08
N TYR C 284 30.33 -1.34 5.51
CA TYR C 284 31.05 -2.50 5.03
C TYR C 284 30.07 -3.62 4.77
N PRO C 285 30.40 -4.58 3.91
CA PRO C 285 29.52 -5.74 3.74
C PRO C 285 29.67 -6.70 4.92
N SER C 286 28.78 -7.68 4.95
CA SER C 286 28.77 -8.66 6.03
C SER C 286 29.91 -9.66 5.89
N LEU C 287 30.60 -9.89 7.01
CA LEU C 287 31.70 -10.85 7.02
C LEU C 287 31.25 -12.21 6.51
N LEU C 288 30.04 -12.62 6.87
CA LEU C 288 29.55 -13.94 6.45
C LEU C 288 29.38 -14.05 4.94
N MET C 289 28.79 -13.04 4.29
CA MET C 289 28.66 -13.13 2.83
C MET C 289 30.04 -13.14 2.20
N LEU C 290 30.97 -12.32 2.73
CA LEU C 290 32.31 -12.33 2.14
C LEU C 290 33.01 -13.66 2.37
N TYR C 291 32.75 -14.30 3.50
CA TYR C 291 33.32 -15.61 3.79
C TYR C 291 32.73 -16.68 2.90
N LEU C 292 31.44 -16.57 2.56
CA LEU C 292 30.86 -17.53 1.64
C LEU C 292 31.33 -17.27 0.21
N MET C 293 31.62 -16.01 -0.12
CA MET C 293 32.25 -15.73 -1.41
C MET C 293 33.62 -16.38 -1.47
N LEU C 294 34.39 -16.27 -0.39
CA LEU C 294 35.69 -16.94 -0.33
C LEU C 294 35.51 -18.44 -0.46
N LEU C 295 34.46 -18.99 0.15
CA LEU C 295 34.18 -20.42 0.01
C LEU C 295 33.92 -20.78 -1.44
N SER C 296 33.14 -19.95 -2.14
CA SER C 296 32.86 -20.22 -3.54
C SER C 296 34.13 -20.14 -4.37
N MET C 297 35.00 -19.18 -4.06
CA MET C 297 36.26 -19.04 -4.77
C MET C 297 37.15 -20.26 -4.56
N LEU C 298 37.19 -20.76 -3.33
CA LEU C 298 37.97 -21.97 -3.05
C LEU C 298 37.37 -23.18 -3.75
N SER C 299 36.03 -23.26 -3.81
CA SER C 299 35.39 -24.34 -4.56
C SER C 299 35.74 -24.25 -6.03
N GLY C 300 35.82 -23.02 -6.56
CA GLY C 300 36.23 -22.85 -7.94
C GLY C 300 37.65 -23.32 -8.17
N ILE C 301 38.56 -23.03 -7.23
CA ILE C 301 39.93 -23.54 -7.38
C ILE C 301 39.96 -25.06 -7.29
N ALA C 302 39.13 -25.63 -6.41
CA ALA C 302 39.07 -27.09 -6.33
C ALA C 302 38.59 -27.70 -7.63
N THR C 303 37.55 -27.10 -8.23
CA THR C 303 37.08 -27.57 -9.52
C THR C 303 38.15 -27.42 -10.58
N LEU C 304 38.87 -26.30 -10.56
CA LEU C 304 39.96 -26.07 -11.51
C LEU C 304 41.03 -27.14 -11.39
N GLY C 305 41.44 -27.44 -10.15
CA GLY C 305 42.44 -28.48 -9.96
C GLY C 305 41.96 -29.84 -10.42
N SER C 306 40.69 -30.15 -10.13
CA SER C 306 40.14 -31.44 -10.53
C SER C 306 40.13 -31.59 -12.04
N VAL C 307 39.66 -30.56 -12.76
CA VAL C 307 39.61 -30.64 -14.21
C VAL C 307 41.02 -30.65 -14.81
N VAL C 308 41.93 -29.86 -14.25
CA VAL C 308 43.30 -29.83 -14.76
C VAL C 308 43.95 -31.20 -14.62
N ILE C 309 43.79 -31.83 -13.45
CA ILE C 309 44.34 -33.16 -13.25
C ILE C 309 43.65 -34.16 -14.17
N SER C 310 42.34 -33.99 -14.38
CA SER C 310 41.61 -34.90 -15.24
C SER C 310 42.13 -34.86 -16.67
N LYS C 311 42.38 -33.66 -17.20
CA LYS C 311 42.93 -33.58 -18.55
C LYS C 311 44.37 -34.09 -18.58
N LEU C 312 45.18 -33.71 -17.59
CA LEU C 312 46.54 -34.20 -17.50
C LEU C 312 46.58 -35.56 -16.78
N THR D 21 8.53 46.90 25.09
CA THR D 21 8.69 45.62 24.35
C THR D 21 7.36 45.20 23.75
N PRO D 22 7.38 44.46 22.64
CA PRO D 22 6.12 44.05 22.02
C PRO D 22 5.36 43.09 22.90
N THR D 23 4.03 43.15 22.81
CA THR D 23 3.15 42.37 23.67
C THR D 23 2.14 41.59 22.84
N TYR D 24 1.45 40.70 23.52
CA TYR D 24 0.42 39.87 22.90
C TYR D 24 -0.68 40.75 22.31
N GLY D 25 -1.08 41.78 23.03
CA GLY D 25 -2.09 42.69 22.51
C GLY D 25 -1.60 43.44 21.29
N ASP D 26 -0.33 43.80 21.27
CA ASP D 26 0.23 44.49 20.10
C ASP D 26 0.18 43.60 18.88
N GLU D 27 0.60 42.34 19.02
CA GLU D 27 0.54 41.44 17.88
C GLU D 27 -0.90 41.17 17.46
N ARG D 28 -1.82 41.10 18.42
CA ARG D 28 -3.22 40.91 18.07
C ARG D 28 -3.74 42.08 17.26
N LEU D 29 -3.42 43.30 17.69
CA LEU D 29 -3.85 44.48 16.95
C LEU D 29 -3.26 44.50 15.55
N LEU D 30 -1.97 44.15 15.44
CA LEU D 30 -1.32 44.15 14.14
C LEU D 30 -2.01 43.17 13.20
N ARG D 31 -2.26 41.95 13.67
CA ARG D 31 -2.88 40.96 12.80
C ARG D 31 -4.28 41.37 12.42
N GLU D 32 -5.04 41.93 13.36
CA GLU D 32 -6.41 42.35 13.08
C GLU D 32 -6.44 43.43 12.02
N LYS D 33 -5.53 44.41 12.10
CA LYS D 33 -5.49 45.42 11.05
C LYS D 33 -4.97 44.82 9.75
N LEU D 34 -4.05 43.88 9.84
CA LEU D 34 -3.38 43.36 8.65
C LEU D 34 -4.36 42.60 7.76
N LEU D 35 -5.22 41.78 8.35
CA LEU D 35 -6.11 40.92 7.58
C LEU D 35 -7.47 41.57 7.29
N THR D 36 -7.58 42.89 7.43
CA THR D 36 -8.89 43.55 7.38
C THR D 36 -9.60 43.32 6.06
N ASN D 37 -8.94 43.61 4.93
CA ASN D 37 -9.53 43.51 3.61
C ASN D 37 -8.72 42.57 2.71
N TYR D 38 -8.14 41.53 3.28
CA TYR D 38 -7.34 40.59 2.52
C TYR D 38 -8.22 39.54 1.90
N SER D 39 -8.10 39.37 0.58
CA SER D 39 -8.78 38.30 -0.14
C SER D 39 -7.75 37.24 -0.51
N LYS D 40 -7.98 36.02 -0.04
CA LYS D 40 -7.03 34.94 -0.26
C LYS D 40 -6.85 34.61 -1.73
N SER D 41 -7.84 34.92 -2.57
CA SER D 41 -7.84 34.49 -3.96
C SER D 41 -7.32 35.55 -4.92
N ILE D 42 -7.05 36.76 -4.45
CA ILE D 42 -6.55 37.84 -5.28
C ILE D 42 -5.03 37.87 -5.13
N ARG D 43 -4.32 37.85 -6.25
CA ARG D 43 -2.87 37.88 -6.21
C ARG D 43 -2.41 39.11 -5.41
N PRO D 44 -1.34 39.00 -4.61
CA PRO D 44 -0.97 40.14 -3.75
C PRO D 44 -0.13 41.17 -4.48
N VAL D 45 -0.78 41.95 -5.35
CA VAL D 45 -0.12 43.01 -6.10
C VAL D 45 -1.05 44.20 -6.17
N ILE D 46 -0.52 45.39 -5.92
CA ILE D 46 -1.33 46.60 -6.05
C ILE D 46 -1.84 46.76 -7.48
N ASN D 47 -0.95 46.66 -8.45
CA ASN D 47 -1.30 46.72 -9.86
C ASN D 47 -1.29 45.30 -10.42
N LEU D 48 -2.44 44.85 -10.90
CA LEU D 48 -2.54 43.46 -11.34
C LEU D 48 -1.75 43.17 -12.61
N THR D 49 -1.21 44.19 -13.29
CA THR D 49 -0.43 43.96 -14.48
C THR D 49 0.95 43.41 -14.18
N LYS D 50 1.43 43.55 -12.95
CA LYS D 50 2.75 43.07 -12.58
C LYS D 50 2.67 41.62 -12.13
N VAL D 51 3.75 40.89 -12.36
CA VAL D 51 3.84 39.48 -11.98
C VAL D 51 4.42 39.39 -10.58
N VAL D 52 4.16 38.26 -9.91
CA VAL D 52 4.78 37.94 -8.63
C VAL D 52 5.92 36.97 -8.90
N ASP D 53 7.13 37.38 -8.56
CA ASP D 53 8.32 36.58 -8.79
C ASP D 53 8.56 35.67 -7.60
N VAL D 54 8.48 34.36 -7.83
CA VAL D 54 8.67 33.36 -6.79
C VAL D 54 10.05 32.73 -7.01
N THR D 55 10.84 32.70 -5.95
CA THR D 55 12.13 32.00 -5.96
C THR D 55 12.02 30.81 -5.01
N ALA D 56 12.31 29.62 -5.53
CA ALA D 56 12.17 28.37 -4.80
C ALA D 56 13.54 27.85 -4.38
N LEU D 57 13.59 27.27 -3.19
CA LEU D 57 14.81 26.71 -2.63
C LEU D 57 14.56 25.25 -2.27
N LEU D 58 15.28 24.34 -2.92
CA LEU D 58 15.08 22.90 -2.76
C LEU D 58 16.34 22.28 -2.19
N TYR D 59 16.38 22.04 -0.89
CA TYR D 59 17.52 21.42 -0.21
C TYR D 59 17.21 19.95 0.04
N LEU D 60 17.83 19.07 -0.73
CA LEU D 60 17.73 17.64 -0.49
C LEU D 60 18.18 17.31 0.93
N GLN D 61 17.54 16.30 1.53
CA GLN D 61 17.91 15.80 2.85
C GLN D 61 18.50 14.41 2.78
N THR D 62 17.75 13.43 2.27
CA THR D 62 18.23 12.06 2.17
C THR D 62 17.69 11.44 0.89
N LEU D 63 18.49 10.59 0.27
CA LEU D 63 18.12 9.84 -0.91
C LEU D 63 17.82 8.43 -0.45
N TYR D 64 16.54 8.17 -0.15
CA TYR D 64 16.16 6.88 0.43
C TYR D 64 16.56 5.72 -0.48
N ASP D 65 16.18 5.77 -1.74
CA ASP D 65 16.40 4.60 -2.59
C ASP D 65 16.23 5.05 -4.03
N LEU D 66 16.76 4.25 -4.96
CA LEU D 66 16.61 4.44 -6.40
C LEU D 66 15.99 3.17 -6.95
N ASP D 67 14.68 3.18 -7.15
CA ASP D 67 13.95 1.98 -7.57
C ASP D 67 14.16 1.79 -9.07
N PHE D 68 14.88 0.73 -9.45
CA PHE D 68 15.19 0.51 -10.85
C PHE D 68 13.98 0.03 -11.63
N VAL D 69 13.20 -0.88 -11.06
CA VAL D 69 12.12 -1.49 -11.83
C VAL D 69 11.02 -0.48 -12.10
N ASN D 70 10.70 0.37 -11.14
CA ASN D 70 9.62 1.35 -11.28
C ASN D 70 10.10 2.70 -11.79
N ASN D 71 11.40 2.90 -11.97
CA ASN D 71 11.95 4.14 -12.53
C ASN D 71 11.70 5.35 -11.63
N PHE D 72 11.72 5.16 -10.31
CA PHE D 72 11.48 6.21 -9.35
C PHE D 72 12.71 6.39 -8.46
N ILE D 73 12.80 7.56 -7.83
CA ILE D 73 13.77 7.83 -6.78
C ILE D 73 13.02 8.39 -5.59
N MET D 74 13.30 7.85 -4.40
CA MET D 74 12.63 8.27 -3.18
C MET D 74 13.56 9.16 -2.39
N ALA D 75 13.12 10.38 -2.08
CA ALA D 75 13.94 11.31 -1.34
C ALA D 75 13.05 12.22 -0.52
N ARG D 76 13.67 12.91 0.43
CA ARG D 76 13.01 13.90 1.28
C ARG D 76 13.74 15.23 1.14
N TYR D 77 12.98 16.29 0.86
CA TYR D 77 13.53 17.61 0.58
C TYR D 77 13.10 18.61 1.64
N TYR D 78 13.46 19.87 1.42
CA TYR D 78 13.11 21.02 2.25
C TYR D 78 12.60 22.15 1.39
N LEU D 79 11.61 21.87 0.54
CA LEU D 79 11.16 22.85 -0.43
C LEU D 79 10.71 24.13 0.25
N GLY D 80 11.37 25.22 -0.10
CA GLY D 80 11.03 26.54 0.41
C GLY D 80 10.61 27.44 -0.73
N LEU D 81 9.70 28.36 -0.44
CA LEU D 81 9.16 29.29 -1.41
C LEU D 81 9.22 30.68 -0.83
N ILE D 82 9.79 31.62 -1.59
CA ILE D 82 9.94 33.00 -1.14
C ILE D 82 9.35 33.91 -2.21
N TRP D 83 8.52 34.85 -1.80
CA TRP D 83 7.99 35.86 -2.71
C TRP D 83 7.72 37.12 -1.89
N ILE D 84 7.14 38.12 -2.53
CA ILE D 84 6.90 39.42 -1.91
C ILE D 84 5.42 39.74 -2.00
N ASP D 85 4.84 40.10 -0.86
CA ASP D 85 3.47 40.56 -0.76
C ASP D 85 3.45 42.07 -0.59
N GLU D 86 2.66 42.75 -1.41
CA GLU D 86 2.57 44.20 -1.36
C GLU D 86 1.44 44.72 -0.47
N LYS D 87 0.49 43.86 -0.09
CA LYS D 87 -0.60 44.29 0.79
C LYS D 87 -0.26 44.11 2.26
N LEU D 88 0.64 43.18 2.58
CA LEU D 88 0.95 42.83 3.96
C LEU D 88 2.24 43.52 4.37
N THR D 89 2.12 44.78 4.78
CA THR D 89 3.25 45.57 5.24
C THR D 89 2.82 46.42 6.41
N TRP D 90 3.80 46.90 7.16
CA TRP D 90 3.52 47.74 8.32
C TRP D 90 4.79 48.46 8.71
N ASN D 91 4.63 49.64 9.30
CA ASN D 91 5.77 50.32 9.90
C ASN D 91 5.99 49.75 11.30
N PRO D 92 7.08 49.03 11.57
CA PRO D 92 7.22 48.39 12.89
C PRO D 92 7.28 49.37 14.04
N LEU D 93 7.67 50.63 13.80
CA LEU D 93 7.67 51.61 14.88
C LEU D 93 6.27 51.92 15.37
N ASP D 94 5.25 51.62 14.58
CA ASP D 94 3.86 51.85 14.97
C ASP D 94 3.29 50.70 15.79
N TYR D 95 4.02 49.60 15.98
CA TYR D 95 3.51 48.43 16.69
C TYR D 95 4.56 47.87 17.63
N ASN D 96 5.27 48.75 18.33
CA ASN D 96 6.22 48.35 19.37
C ASN D 96 7.29 47.41 18.83
N ASN D 97 7.74 47.67 17.60
CA ASN D 97 8.91 47.01 17.03
C ASN D 97 8.65 45.54 16.69
N ILE D 98 7.40 45.17 16.45
CA ILE D 98 7.10 43.83 15.95
C ILE D 98 7.60 43.75 14.52
N THR D 99 8.63 42.93 14.28
CA THR D 99 9.24 42.84 12.96
C THR D 99 8.79 41.64 12.14
N SER D 100 8.15 40.63 12.75
CA SER D 100 7.73 39.46 12.00
C SER D 100 6.64 38.74 12.77
N ILE D 101 5.73 38.10 12.02
CA ILE D 101 4.64 37.33 12.59
C ILE D 101 4.56 35.99 11.89
N TYR D 102 3.71 35.12 12.44
CA TYR D 102 3.42 33.80 11.87
C TYR D 102 1.94 33.72 11.59
N LEU D 103 1.57 33.39 10.36
CA LEU D 103 0.20 33.31 9.92
C LEU D 103 -0.15 31.87 9.53
N PRO D 104 -1.40 31.44 9.70
CA PRO D 104 -1.76 30.12 9.18
C PRO D 104 -1.69 30.09 7.66
N LYS D 105 -1.22 28.96 7.13
CA LYS D 105 -0.92 28.88 5.70
C LYS D 105 -2.17 29.08 4.84
N ASP D 106 -3.35 28.78 5.37
CA ASP D 106 -4.57 28.79 4.56
C ASP D 106 -5.31 30.12 4.59
N LYS D 107 -4.77 31.14 5.28
CA LYS D 107 -5.38 32.45 5.31
C LYS D 107 -4.78 33.45 4.33
N ILE D 108 -3.66 33.10 3.68
CA ILE D 108 -2.91 34.02 2.85
C ILE D 108 -2.77 33.41 1.46
N TRP D 109 -2.63 34.28 0.46
CA TRP D 109 -2.39 33.80 -0.89
C TRP D 109 -1.06 33.08 -0.95
N THR D 110 -1.05 31.93 -1.62
CA THR D 110 0.12 31.06 -1.72
C THR D 110 0.29 30.66 -3.18
N PRO D 111 1.49 30.79 -3.76
CA PRO D 111 1.64 30.44 -5.17
C PRO D 111 1.35 28.96 -5.39
N PRO D 112 0.73 28.59 -6.51
CA PRO D 112 0.33 27.19 -6.70
C PRO D 112 1.44 26.33 -7.31
N ILE D 113 2.55 26.23 -6.60
CA ILE D 113 3.68 25.44 -7.08
C ILE D 113 3.37 23.97 -6.86
N LYS D 114 3.66 23.15 -7.88
CA LYS D 114 3.35 21.73 -7.84
C LYS D 114 4.60 20.93 -8.19
N MET D 115 4.71 19.74 -7.60
CA MET D 115 5.73 18.76 -7.94
C MET D 115 5.33 18.07 -9.24
N CYS D 116 5.45 18.84 -10.32
CA CYS D 116 4.86 18.50 -11.62
C CYS D 116 5.23 17.11 -12.10
N ASN D 117 6.50 16.71 -11.94
CA ASN D 117 7.01 15.47 -12.48
C ASN D 117 7.16 14.40 -11.40
N SER D 118 6.32 14.44 -10.37
CA SER D 118 6.53 13.59 -9.22
C SER D 118 5.22 13.17 -8.60
N MET D 119 5.24 12.01 -7.94
CA MET D 119 4.17 11.57 -7.07
C MET D 119 4.50 12.05 -5.65
N ASP D 120 3.68 12.94 -5.12
CA ASP D 120 3.91 13.47 -3.78
C ASP D 120 3.23 12.55 -2.78
N LYS D 121 4.02 12.00 -1.86
CA LYS D 121 3.53 11.05 -0.87
C LYS D 121 3.72 11.58 0.55
N SER D 122 3.77 12.90 0.71
CA SER D 122 3.85 13.49 2.03
C SER D 122 2.51 13.38 2.73
N GLU D 123 2.55 13.31 4.06
CA GLU D 123 1.34 13.25 4.87
C GLU D 123 0.98 14.63 5.39
N GLU D 124 -0.24 14.73 5.93
CA GLU D 124 -0.65 15.96 6.60
C GLU D 124 0.11 16.19 7.90
N ASN D 125 0.73 15.15 8.46
CA ASN D 125 1.58 15.32 9.62
C ASN D 125 2.90 15.99 9.28
N ASP D 126 3.28 16.01 8.01
CA ASP D 126 4.46 16.72 7.55
C ASP D 126 4.12 18.08 6.94
N GLY D 127 2.89 18.55 7.10
CA GLY D 127 2.49 19.85 6.62
C GLY D 127 2.56 20.87 7.74
N VAL D 128 3.40 21.90 7.55
CA VAL D 128 3.58 22.89 8.59
C VAL D 128 2.32 23.71 8.80
N GLY D 129 1.65 24.10 7.72
CA GLY D 129 0.43 24.88 7.83
C GLY D 129 0.63 26.23 8.49
N GLU D 130 1.74 26.90 8.20
CA GLU D 130 2.12 28.19 8.76
C GLU D 130 3.25 28.75 7.92
N LEU D 131 3.40 30.07 7.97
CA LEU D 131 4.41 30.76 7.18
C LEU D 131 4.91 31.96 7.94
N MET D 132 6.12 32.38 7.62
CA MET D 132 6.78 33.50 8.27
C MET D 132 6.71 34.71 7.35
N LEU D 133 6.20 35.81 7.89
CA LEU D 133 6.03 37.05 7.14
C LEU D 133 6.81 38.17 7.82
N THR D 134 7.51 38.95 7.01
CA THR D 134 8.36 40.03 7.47
C THR D 134 7.69 41.37 7.15
N TYR D 135 8.05 42.40 7.92
CA TYR D 135 7.37 43.69 7.80
C TYR D 135 7.56 44.32 6.43
N THR D 136 8.56 43.90 5.66
CA THR D 136 8.74 44.40 4.31
C THR D 136 7.85 43.70 3.30
N GLY D 137 7.10 42.68 3.70
CA GLY D 137 6.26 41.90 2.82
C GLY D 137 6.84 40.58 2.38
N TRP D 138 8.08 40.29 2.71
CA TRP D 138 8.71 39.05 2.26
C TRP D 138 8.17 37.89 3.08
N ILE D 139 7.73 36.84 2.39
CA ILE D 139 7.14 35.66 3.02
C ILE D 139 8.06 34.47 2.76
N ASN D 140 8.34 33.71 3.82
CA ASN D 140 9.05 32.44 3.71
C ASN D 140 8.08 31.31 4.04
N MET D 141 8.04 30.29 3.19
CA MET D 141 7.16 29.14 3.38
C MET D 141 7.97 27.88 3.12
N TRP D 142 8.42 27.25 4.19
CA TRP D 142 9.29 26.09 4.13
C TRP D 142 8.50 24.84 4.52
N SER D 143 8.62 23.78 3.72
CA SER D 143 7.82 22.58 3.90
C SER D 143 8.64 21.33 3.61
N PHE D 144 8.54 20.34 4.48
CA PHE D 144 9.10 19.03 4.20
C PHE D 144 8.30 18.36 3.08
N ARG D 145 9.01 17.63 2.23
CA ARG D 145 8.37 17.00 1.06
C ARG D 145 9.08 15.70 0.75
N LEU D 146 8.34 14.60 0.81
CA LEU D 146 8.81 13.29 0.39
C LEU D 146 8.24 12.99 -0.99
N LEU D 147 9.11 12.76 -1.97
CA LEU D 147 8.72 12.67 -3.37
C LEU D 147 9.08 11.31 -3.96
N HIS D 148 8.15 10.76 -4.74
CA HIS D 148 8.39 9.60 -5.59
C HIS D 148 8.38 10.16 -7.01
N THR D 149 9.55 10.49 -7.52
CA THR D 149 9.67 11.26 -8.76
C THR D 149 10.24 10.41 -9.88
N TYR D 150 9.65 10.57 -11.06
CA TYR D 150 10.00 9.76 -12.22
C TYR D 150 11.39 10.11 -12.73
N CYS D 151 12.18 9.09 -13.03
CA CYS D 151 13.51 9.26 -13.60
C CYS D 151 13.72 8.29 -14.75
N GLN D 152 14.34 8.78 -15.82
CA GLN D 152 14.68 7.94 -16.95
C GLN D 152 15.99 7.23 -16.63
N ILE D 153 15.88 5.98 -16.23
CA ILE D 153 16.99 5.23 -15.65
C ILE D 153 17.60 4.37 -16.76
N ASN D 154 18.83 4.68 -17.14
CA ASN D 154 19.57 3.96 -18.18
C ASN D 154 20.64 3.10 -17.51
N ALA D 155 20.46 1.78 -17.59
CA ALA D 155 21.39 0.82 -16.99
C ALA D 155 22.41 0.31 -18.00
N TYR D 156 22.84 1.17 -18.92
CA TYR D 156 23.81 0.76 -19.94
C TYR D 156 25.11 0.30 -19.32
N THR D 157 25.80 1.20 -18.60
CA THR D 157 27.12 0.95 -18.06
C THR D 157 27.08 0.29 -16.68
N TYR D 158 26.06 -0.51 -16.40
CA TYR D 158 25.96 -1.17 -15.11
C TYR D 158 27.18 -2.06 -14.87
N PRO D 159 27.71 -2.13 -13.64
CA PRO D 159 27.38 -1.40 -12.41
C PRO D 159 28.19 -0.12 -12.23
N PHE D 160 28.98 0.28 -13.21
CA PHE D 160 29.71 1.55 -13.16
C PHE D 160 28.91 2.65 -13.85
N ASP D 161 27.64 2.78 -13.47
CA ASP D 161 26.70 3.61 -14.20
C ASP D 161 26.46 4.94 -13.49
N GLU D 162 26.15 5.96 -14.29
CA GLU D 162 25.75 7.27 -13.81
C GLU D 162 24.37 7.58 -14.37
N HIS D 163 23.64 8.48 -13.71
CA HIS D 163 22.27 8.77 -14.08
C HIS D 163 21.96 10.21 -13.74
N THR D 164 20.96 10.75 -14.44
CA THR D 164 20.51 12.12 -14.27
C THR D 164 19.00 12.11 -14.04
N CYS D 165 18.57 12.59 -12.87
CA CYS D 165 17.16 12.72 -12.53
C CYS D 165 16.84 14.19 -12.35
N GLU D 166 15.81 14.67 -13.04
CA GLU D 166 15.41 16.07 -13.00
C GLU D 166 14.16 16.21 -12.14
N ILE D 167 14.25 17.06 -11.12
CA ILE D 167 13.13 17.35 -10.23
C ILE D 167 12.47 18.63 -10.74
N TYR D 168 11.22 18.53 -11.16
CA TYR D 168 10.53 19.62 -11.83
C TYR D 168 9.65 20.40 -10.88
N LEU D 169 9.67 21.72 -11.04
CA LEU D 169 8.69 22.62 -10.46
C LEU D 169 8.01 23.38 -11.58
N CYS D 170 6.69 23.52 -11.50
CA CYS D 170 5.98 24.34 -12.48
C CYS D 170 4.74 24.93 -11.83
N VAL D 171 4.60 26.25 -11.95
CA VAL D 171 3.38 26.94 -11.53
C VAL D 171 2.18 26.23 -12.12
N ALA D 172 1.11 26.13 -11.35
CA ALA D 172 0.00 25.29 -11.74
C ALA D 172 -0.77 25.91 -12.90
N LEU D 173 -1.42 27.05 -12.64
CA LEU D 173 -2.44 27.60 -13.54
C LEU D 173 -2.23 29.04 -13.96
N HIS D 174 -1.38 29.79 -13.30
CA HIS D 174 -1.24 31.21 -13.64
C HIS D 174 -0.31 31.34 -14.83
N THR D 175 -0.67 32.22 -15.76
CA THR D 175 0.15 32.44 -16.92
C THR D 175 1.41 33.21 -16.54
N ILE D 176 2.39 33.21 -17.44
CA ILE D 176 3.65 33.87 -17.17
C ILE D 176 3.46 35.37 -16.97
N ASN D 177 2.37 35.92 -17.48
CA ASN D 177 2.04 37.31 -17.20
C ASN D 177 1.40 37.51 -15.84
N HIS D 178 1.19 36.44 -15.08
CA HIS D 178 0.69 36.51 -13.71
C HIS D 178 1.70 36.05 -12.67
N THR D 179 2.25 34.84 -12.81
CA THR D 179 3.17 34.27 -11.85
C THR D 179 4.36 33.64 -12.57
N ARG D 180 5.56 33.87 -12.04
CA ARG D 180 6.78 33.35 -12.64
C ARG D 180 7.69 32.80 -11.54
N ILE D 181 8.46 31.77 -11.90
CA ILE D 181 9.49 31.22 -11.01
C ILE D 181 10.78 31.96 -11.34
N LYS D 182 11.18 32.88 -10.46
CA LYS D 182 12.37 33.68 -10.71
C LYS D 182 13.62 32.81 -10.81
N GLU D 183 13.79 31.88 -9.87
CA GLU D 183 14.99 31.05 -9.82
C GLU D 183 14.69 29.79 -9.04
N LEU D 184 15.58 28.81 -9.18
CA LEU D 184 15.56 27.60 -8.39
C LEU D 184 16.96 27.38 -7.85
N ILE D 185 17.11 27.42 -6.54
CA ILE D 185 18.39 27.23 -5.87
C ILE D 185 18.34 25.87 -5.21
N TYR D 186 19.14 24.93 -5.70
CA TYR D 186 19.16 23.57 -5.20
C TYR D 186 20.53 23.25 -4.63
N GLU D 187 20.54 22.59 -3.48
CA GLU D 187 21.77 22.19 -2.81
C GLU D 187 21.53 20.85 -2.14
N ASP D 188 22.59 20.30 -1.56
CA ASP D 188 22.54 19.10 -0.74
C ASP D 188 22.82 19.49 0.70
N SER D 189 21.96 19.07 1.61
CA SER D 189 22.07 19.47 2.99
C SER D 189 23.03 18.61 3.79
N LYS D 190 23.51 17.49 3.23
CA LYS D 190 24.49 16.64 3.88
C LYS D 190 23.98 16.11 5.22
N PHE D 191 22.66 15.96 5.34
CA PHE D 191 22.09 15.50 6.59
C PHE D 191 22.57 14.09 6.93
N THR D 192 22.58 13.21 5.94
CA THR D 192 23.06 11.84 6.11
C THR D 192 24.02 11.49 4.97
N GLN D 193 24.87 10.52 5.24
CA GLN D 193 25.77 9.97 4.24
C GLN D 193 25.12 8.77 3.58
N ASN D 194 25.32 8.63 2.28
CA ASN D 194 24.62 7.59 1.53
C ASN D 194 25.34 6.25 1.59
N TYR D 195 26.59 6.21 1.12
CA TYR D 195 27.46 5.04 1.02
C TYR D 195 27.09 4.13 -0.15
N LYS D 196 26.11 4.47 -0.98
CA LYS D 196 25.76 3.66 -2.14
C LYS D 196 25.74 4.50 -3.41
N TRP D 197 25.33 5.77 -3.30
CA TRP D 197 25.26 6.69 -4.41
C TRP D 197 26.01 7.97 -4.07
N ASP D 198 26.79 8.45 -5.02
CA ASP D 198 27.44 9.76 -4.91
C ASP D 198 26.50 10.79 -5.54
N ILE D 199 25.91 11.66 -4.72
CA ILE D 199 24.93 12.63 -5.16
C ILE D 199 25.63 13.96 -5.40
N ASN D 200 25.24 14.64 -6.48
CA ASN D 200 25.82 15.93 -6.88
C ASN D 200 24.66 16.86 -7.28
N VAL D 201 24.10 17.56 -6.30
CA VAL D 201 22.98 18.47 -6.52
C VAL D 201 23.44 19.84 -6.07
N SER D 202 23.95 20.64 -7.00
CA SER D 202 24.31 22.02 -6.70
C SER D 202 24.18 22.85 -7.96
N GLY D 203 23.78 24.10 -7.79
CA GLY D 203 23.67 25.04 -8.89
C GLY D 203 22.41 25.87 -8.81
N LYS D 204 22.40 26.96 -9.59
CA LYS D 204 21.30 27.91 -9.68
C LYS D 204 20.85 28.01 -11.12
N VAL D 205 19.53 28.02 -11.34
CA VAL D 205 18.97 28.10 -12.68
C VAL D 205 17.77 29.03 -12.67
N ASN D 206 17.69 29.88 -13.70
CA ASN D 206 16.51 30.73 -13.90
C ASN D 206 15.32 29.88 -14.35
N GLY D 207 14.13 30.43 -14.15
CA GLY D 207 12.92 29.75 -14.60
C GLY D 207 12.77 29.79 -16.10
N THR D 208 12.11 28.77 -16.64
CA THR D 208 11.87 28.63 -18.06
C THR D 208 10.43 29.02 -18.35
N ASP D 209 10.24 29.91 -19.32
CA ASP D 209 8.93 30.46 -19.66
C ASP D 209 8.45 29.89 -21.00
N GLU D 210 7.49 28.94 -20.94
CA GLU D 210 6.80 28.46 -22.14
C GLU D 210 5.31 28.31 -21.78
N LEU D 211 4.60 29.44 -21.85
CA LEU D 211 3.17 29.56 -21.56
C LEU D 211 2.81 29.41 -20.08
N PHE D 212 3.60 28.68 -19.29
CA PHE D 212 3.53 28.69 -17.84
C PHE D 212 4.93 28.41 -17.32
N SER D 213 5.36 29.18 -16.34
CA SER D 213 6.74 29.07 -15.88
C SER D 213 7.01 27.70 -15.27
N TYR D 214 8.26 27.28 -15.33
CA TYR D 214 8.69 26.02 -14.73
C TYR D 214 10.21 25.97 -14.73
N ALA D 215 10.75 25.22 -13.78
CA ALA D 215 12.19 25.03 -13.65
C ALA D 215 12.42 23.60 -13.19
N PHE D 216 13.68 23.15 -13.29
CA PHE D 216 14.01 21.81 -12.80
C PHE D 216 15.44 21.78 -12.30
N ALA D 217 15.67 20.99 -11.24
CA ALA D 217 16.99 20.79 -10.67
C ALA D 217 17.58 19.49 -11.20
N PRO D 218 18.75 19.47 -11.85
CA PRO D 218 19.32 18.19 -12.27
C PRO D 218 20.06 17.49 -11.14
N MET D 219 19.69 16.24 -10.87
CA MET D 219 20.31 15.40 -9.86
C MET D 219 21.17 14.36 -10.55
N TYR D 220 22.48 14.40 -10.31
CA TYR D 220 23.41 13.42 -10.84
C TYR D 220 23.71 12.38 -9.77
N LEU D 221 23.61 11.10 -10.15
CA LEU D 221 23.76 9.98 -9.22
C LEU D 221 24.75 8.98 -9.82
N ARG D 222 25.83 8.72 -9.10
CA ARG D 222 26.85 7.76 -9.50
C ARG D 222 26.88 6.63 -8.48
N ARG D 223 26.74 5.39 -8.95
CA ARG D 223 26.84 4.26 -8.05
C ARG D 223 28.26 4.13 -7.53
N LYS D 224 28.41 4.05 -6.21
CA LYS D 224 29.71 3.90 -5.59
C LYS D 224 30.15 2.44 -5.66
N LEU D 225 31.39 2.21 -6.05
CA LEU D 225 31.91 0.84 -6.20
C LEU D 225 32.18 0.29 -4.80
N THR D 226 31.33 -0.62 -4.36
CA THR D 226 31.47 -1.26 -3.05
C THR D 226 32.15 -2.62 -3.16
N VAL D 227 32.84 -2.97 -2.08
CA VAL D 227 33.52 -4.25 -2.05
C VAL D 227 32.49 -5.38 -2.05
N GLY D 228 31.27 -5.10 -1.59
CA GLY D 228 30.20 -6.08 -1.71
C GLY D 228 29.79 -6.36 -3.14
N ILE D 229 29.66 -5.31 -3.97
CA ILE D 229 29.24 -5.56 -5.34
C ILE D 229 30.34 -6.27 -6.12
N ILE D 230 31.61 -5.87 -5.92
CA ILE D 230 32.67 -6.59 -6.64
C ILE D 230 32.72 -8.04 -6.16
N ALA D 231 32.48 -8.27 -4.87
CA ALA D 231 32.41 -9.64 -4.37
C ALA D 231 31.32 -10.42 -5.07
N MET D 232 30.16 -9.79 -5.27
CA MET D 232 29.08 -10.45 -6.00
C MET D 232 29.50 -10.70 -7.44
N LEU D 233 30.31 -9.82 -8.01
CA LEU D 233 30.74 -9.98 -9.40
C LEU D 233 31.82 -11.03 -9.58
N ILE D 234 32.48 -11.46 -8.49
CA ILE D 234 33.55 -12.45 -8.62
C ILE D 234 33.02 -13.78 -9.18
N PRO D 235 31.96 -14.40 -8.60
CA PRO D 235 31.38 -15.61 -9.20
C PRO D 235 31.19 -15.56 -10.71
N THR D 236 30.83 -14.40 -11.24
CA THR D 236 30.55 -14.32 -12.67
C THR D 236 31.83 -14.40 -13.49
N VAL D 237 32.86 -13.65 -13.10
CA VAL D 237 34.10 -13.68 -13.86
C VAL D 237 34.74 -15.05 -13.77
N MET D 238 34.73 -15.67 -12.59
CA MET D 238 35.33 -17.00 -12.49
C MET D 238 34.51 -18.02 -13.28
N MET D 239 33.19 -17.82 -13.36
CA MET D 239 32.37 -18.68 -14.21
C MET D 239 32.77 -18.53 -15.67
N THR D 240 33.10 -17.30 -16.08
CA THR D 240 33.60 -17.10 -17.44
C THR D 240 34.92 -17.83 -17.66
N ILE D 241 35.82 -17.74 -16.68
CA ILE D 241 37.09 -18.48 -16.79
C ILE D 241 36.82 -19.97 -16.95
N LEU D 242 35.86 -20.49 -16.19
CA LEU D 242 35.56 -21.91 -16.26
C LEU D 242 34.97 -22.28 -17.62
N THR D 243 34.13 -21.40 -18.18
CA THR D 243 33.59 -21.64 -19.52
C THR D 243 34.71 -21.68 -20.54
N ILE D 244 35.66 -20.75 -20.44
CA ILE D 244 36.80 -20.75 -21.36
C ILE D 244 37.59 -22.05 -21.22
N PHE D 245 37.80 -22.49 -19.99
CA PHE D 245 38.60 -23.70 -19.79
C PHE D 245 37.90 -24.91 -20.40
N VAL D 246 36.60 -25.08 -20.12
CA VAL D 246 35.91 -26.24 -20.66
C VAL D 246 35.82 -26.15 -22.19
N PHE D 247 35.67 -24.94 -22.73
CA PHE D 247 35.69 -24.79 -24.18
C PHE D 247 37.03 -25.23 -24.75
N LEU D 248 38.11 -25.05 -23.99
CA LEU D 248 39.43 -25.50 -24.43
C LEU D 248 39.71 -26.96 -24.06
N LEU D 249 38.90 -27.56 -23.20
CA LEU D 249 39.15 -28.92 -22.75
C LEU D 249 39.08 -29.88 -23.94
N PRO D 250 39.87 -30.96 -23.94
CA PRO D 250 39.81 -31.91 -25.07
C PRO D 250 38.42 -32.48 -25.26
N PRO D 251 37.89 -32.52 -26.50
CA PRO D 251 36.63 -33.24 -26.74
C PRO D 251 36.59 -34.66 -26.22
N GLU D 252 37.73 -35.35 -26.16
CA GLU D 252 37.77 -36.76 -25.81
C GLU D 252 38.09 -37.00 -24.34
N SER D 253 38.00 -35.97 -23.50
CA SER D 253 38.17 -36.18 -22.07
C SER D 253 37.08 -37.08 -21.52
N GLY D 254 35.84 -36.91 -21.99
CA GLY D 254 34.71 -37.70 -21.59
C GLY D 254 33.76 -36.98 -20.65
N GLU D 255 34.21 -35.93 -19.97
CA GLU D 255 33.38 -35.16 -19.05
C GLU D 255 32.84 -33.88 -19.67
N LYS D 256 33.17 -33.62 -20.94
CA LYS D 256 32.79 -32.38 -21.63
C LYS D 256 31.30 -32.10 -21.49
N VAL D 257 30.48 -33.04 -21.97
CA VAL D 257 29.04 -32.86 -21.96
C VAL D 257 28.53 -32.65 -20.54
N SER D 258 29.07 -33.39 -19.58
CA SER D 258 28.59 -33.29 -18.21
C SER D 258 28.80 -31.91 -17.64
N LEU D 259 30.03 -31.38 -17.71
CA LEU D 259 30.23 -30.04 -17.17
C LEU D 259 29.55 -28.99 -18.03
N ALA D 260 29.41 -29.23 -19.33
CA ALA D 260 28.72 -28.27 -20.17
C ALA D 260 27.26 -28.15 -19.76
N THR D 261 26.62 -29.28 -19.47
CA THR D 261 25.23 -29.25 -19.02
C THR D 261 25.14 -28.53 -17.68
N THR D 262 25.99 -28.89 -16.73
CA THR D 262 25.89 -28.29 -15.40
C THR D 262 26.11 -26.78 -15.44
N ILE D 263 27.07 -26.35 -16.25
CA ILE D 263 27.42 -24.93 -16.24
C ILE D 263 26.48 -24.14 -17.11
N PHE D 264 25.86 -24.77 -18.12
CA PHE D 264 24.76 -24.10 -18.81
C PHE D 264 23.57 -23.90 -17.89
N LEU D 265 23.26 -24.91 -17.06
CA LEU D 265 22.25 -24.72 -16.03
C LEU D 265 22.57 -23.51 -15.15
N SER D 266 23.80 -23.46 -14.63
CA SER D 266 24.18 -22.34 -13.76
C SER D 266 24.12 -21.01 -14.50
N ASN D 267 24.57 -20.99 -15.76
CA ASN D 267 24.54 -19.77 -16.55
C ASN D 267 23.11 -19.29 -16.75
N VAL D 268 22.20 -20.21 -17.08
CA VAL D 268 20.81 -19.83 -17.28
C VAL D 268 20.20 -19.33 -15.98
N LEU D 269 20.59 -19.94 -14.85
CA LEU D 269 20.10 -19.46 -13.56
C LEU D 269 20.55 -18.02 -13.32
N TYR D 270 21.82 -17.72 -13.61
CA TYR D 270 22.30 -16.35 -13.42
C TYR D 270 21.63 -15.40 -14.40
N LEU D 271 21.33 -15.87 -15.60
CA LEU D 271 20.72 -15.00 -16.60
C LEU D 271 19.30 -14.62 -16.19
N VAL D 272 18.51 -15.62 -15.80
CA VAL D 272 17.18 -15.35 -15.23
C VAL D 272 17.27 -14.41 -14.04
N GLN D 273 18.20 -14.70 -13.12
CA GLN D 273 18.37 -13.90 -11.91
C GLN D 273 18.60 -12.43 -12.25
N ILE D 274 19.56 -12.14 -13.12
CA ILE D 274 19.83 -10.75 -13.47
C ILE D 274 18.66 -10.16 -14.24
N ASP D 275 18.01 -10.96 -15.10
CA ASP D 275 16.94 -10.45 -15.94
C ASP D 275 15.77 -9.97 -15.10
N LYS D 276 15.48 -10.65 -13.99
CA LYS D 276 14.39 -10.16 -13.14
C LYS D 276 14.77 -8.89 -12.38
N THR D 277 16.07 -8.54 -12.33
CA THR D 277 16.53 -7.35 -11.62
C THR D 277 16.93 -6.21 -12.53
N THR D 278 17.25 -6.48 -13.80
CA THR D 278 17.65 -5.41 -14.69
C THR D 278 16.43 -4.59 -15.11
N PRO D 279 16.57 -3.26 -15.25
CA PRO D 279 15.43 -2.46 -15.73
C PRO D 279 15.07 -2.82 -17.16
N THR D 280 13.77 -2.83 -17.43
CA THR D 280 13.27 -3.06 -18.78
C THR D 280 13.16 -1.79 -19.61
N ASN D 281 13.29 -0.61 -18.99
CA ASN D 281 13.14 0.69 -19.65
C ASN D 281 14.48 1.43 -19.66
N THR D 282 15.29 1.17 -20.68
CA THR D 282 16.62 1.76 -20.79
C THR D 282 16.88 2.17 -22.23
N LYS D 283 17.69 3.21 -22.40
CA LYS D 283 18.13 3.61 -23.73
C LYS D 283 18.87 2.46 -24.42
N TYR D 284 19.67 1.72 -23.66
CA TYR D 284 20.34 0.50 -24.09
C TYR D 284 20.29 -0.49 -22.93
N PRO D 285 20.36 -1.79 -23.19
CA PRO D 285 20.39 -2.73 -22.07
C PRO D 285 21.78 -2.76 -21.45
N SER D 286 21.88 -3.42 -20.30
CA SER D 286 23.14 -3.46 -19.58
C SER D 286 24.14 -4.38 -20.26
N LEU D 287 25.34 -3.85 -20.48
CA LEU D 287 26.42 -4.58 -21.14
C LEU D 287 26.71 -5.89 -20.42
N LEU D 288 26.70 -5.88 -19.09
CA LEU D 288 26.99 -7.11 -18.36
C LEU D 288 25.96 -8.19 -18.65
N MET D 289 24.67 -7.84 -18.69
CA MET D 289 23.66 -8.82 -19.06
C MET D 289 23.91 -9.33 -20.48
N LEU D 290 24.25 -8.43 -21.40
CA LEU D 290 24.49 -8.89 -22.77
C LEU D 290 25.74 -9.76 -22.83
N TYR D 291 26.72 -9.48 -21.98
CA TYR D 291 27.93 -10.29 -21.93
C TYR D 291 27.65 -11.66 -21.36
N LEU D 292 26.74 -11.76 -20.39
CA LEU D 292 26.39 -13.08 -19.89
C LEU D 292 25.51 -13.83 -20.89
N MET D 293 24.73 -13.11 -21.70
CA MET D 293 24.01 -13.75 -22.79
C MET D 293 25.00 -14.33 -23.78
N LEU D 294 26.03 -13.56 -24.13
CA LEU D 294 27.08 -14.06 -25.02
C LEU D 294 27.77 -15.27 -24.41
N LEU D 295 28.00 -15.23 -23.10
CA LEU D 295 28.62 -16.36 -22.41
C LEU D 295 27.76 -17.61 -22.52
N SER D 296 26.45 -17.46 -22.31
CA SER D 296 25.55 -18.59 -22.44
C SER D 296 25.52 -19.10 -23.87
N MET D 297 25.56 -18.20 -24.85
CA MET D 297 25.59 -18.60 -26.25
C MET D 297 26.85 -19.40 -26.55
N LEU D 298 27.99 -18.97 -26.01
CA LEU D 298 29.23 -19.72 -26.18
C LEU D 298 29.15 -21.07 -25.50
N SER D 299 28.53 -21.13 -24.32
CA SER D 299 28.32 -22.40 -23.65
C SER D 299 27.46 -23.33 -24.50
N GLY D 300 26.45 -22.77 -25.16
CA GLY D 300 25.63 -23.56 -26.06
C GLY D 300 26.42 -24.11 -27.22
N ILE D 301 27.31 -23.29 -27.79
CA ILE D 301 28.15 -23.78 -28.88
C ILE D 301 29.10 -24.86 -28.38
N ALA D 302 29.63 -24.70 -27.17
CA ALA D 302 30.51 -25.71 -26.61
C ALA D 302 29.76 -27.03 -26.42
N THR D 303 28.52 -26.95 -25.91
CA THR D 303 27.71 -28.15 -25.75
C THR D 303 27.43 -28.77 -27.11
N LEU D 304 27.15 -27.95 -28.12
CA LEU D 304 26.90 -28.44 -29.47
C LEU D 304 28.11 -29.19 -30.02
N GLY D 305 29.30 -28.59 -29.86
CA GLY D 305 30.50 -29.25 -30.33
C GLY D 305 30.75 -30.55 -29.60
N SER D 306 30.53 -30.56 -28.29
CA SER D 306 30.76 -31.78 -27.51
C SER D 306 29.83 -32.91 -27.96
N VAL D 307 28.54 -32.60 -28.12
CA VAL D 307 27.59 -33.63 -28.55
C VAL D 307 27.87 -34.08 -29.98
N VAL D 308 28.23 -33.13 -30.86
CA VAL D 308 28.53 -33.48 -32.24
C VAL D 308 29.71 -34.44 -32.30
N ILE D 309 30.77 -34.13 -31.55
CA ILE D 309 31.93 -35.01 -31.51
C ILE D 309 31.55 -36.36 -30.90
N SER D 310 30.70 -36.34 -29.87
CA SER D 310 30.29 -37.57 -29.22
C SER D 310 29.55 -38.49 -30.17
N LYS D 311 28.62 -37.95 -30.97
CA LYS D 311 27.92 -38.79 -31.93
C LYS D 311 28.86 -39.23 -33.05
N LEU D 312 29.68 -38.32 -33.57
CA LEU D 312 30.66 -38.66 -34.59
C LEU D 312 31.93 -39.22 -33.94
N THR E 21 -5.16 51.54 -14.67
CA THR E 21 -4.86 50.08 -14.62
C THR E 21 -5.68 49.42 -13.53
N PRO E 22 -6.00 48.13 -13.69
CA PRO E 22 -6.81 47.46 -12.67
C PRO E 22 -6.05 47.35 -11.35
N THR E 23 -6.80 47.37 -10.26
CA THR E 23 -6.24 47.37 -8.92
C THR E 23 -6.87 46.27 -8.07
N TYR E 24 -6.26 46.07 -6.90
CA TYR E 24 -6.74 45.07 -5.97
C TYR E 24 -8.16 45.38 -5.53
N GLY E 25 -8.45 46.64 -5.27
CA GLY E 25 -9.82 47.01 -4.91
C GLY E 25 -10.79 46.77 -6.04
N ASP E 26 -10.36 47.01 -7.28
CA ASP E 26 -11.24 46.76 -8.42
C ASP E 26 -11.59 45.28 -8.53
N GLU E 27 -10.58 44.40 -8.39
CA GLU E 27 -10.87 42.98 -8.46
C GLU E 27 -11.74 42.55 -7.27
N ARG E 28 -11.53 43.14 -6.11
CA ARG E 28 -12.34 42.80 -4.95
C ARG E 28 -13.80 43.17 -5.19
N LEU E 29 -14.03 44.37 -5.73
CA LEU E 29 -15.39 44.79 -6.04
C LEU E 29 -16.03 43.87 -7.08
N LEU E 30 -15.25 43.50 -8.11
CA LEU E 30 -15.79 42.63 -9.15
C LEU E 30 -16.22 41.30 -8.56
N ARG E 31 -15.36 40.69 -7.74
CA ARG E 31 -15.68 39.40 -7.18
C ARG E 31 -16.90 39.50 -6.27
N GLU E 32 -16.96 40.56 -5.46
CA GLU E 32 -18.09 40.72 -4.54
C GLU E 32 -19.40 40.85 -5.29
N LYS E 33 -19.41 41.61 -6.38
CA LYS E 33 -20.64 41.69 -7.15
C LYS E 33 -20.92 40.39 -7.88
N LEU E 34 -19.87 39.70 -8.31
CA LEU E 34 -20.04 38.51 -9.13
C LEU E 34 -20.71 37.39 -8.34
N LEU E 35 -20.30 37.18 -7.09
CA LEU E 35 -20.79 36.05 -6.31
C LEU E 35 -22.03 36.40 -5.47
N THR E 36 -22.71 37.50 -5.79
CA THR E 36 -23.77 38.01 -4.91
C THR E 36 -24.88 36.98 -4.70
N ASN E 37 -25.45 36.43 -5.79
CA ASN E 37 -26.58 35.51 -5.72
C ASN E 37 -26.24 34.18 -6.41
N TYR E 38 -24.99 33.76 -6.32
CA TYR E 38 -24.57 32.52 -6.95
C TYR E 38 -24.85 31.34 -6.03
N SER E 39 -25.56 30.35 -6.56
CA SER E 39 -25.79 29.09 -5.87
C SER E 39 -24.92 28.03 -6.54
N LYS E 40 -24.03 27.42 -5.76
CA LYS E 40 -23.11 26.45 -6.31
C LYS E 40 -23.82 25.22 -6.85
N SER E 41 -25.04 24.93 -6.38
CA SER E 41 -25.73 23.69 -6.72
C SER E 41 -26.69 23.83 -7.89
N ILE E 42 -26.93 25.04 -8.37
CA ILE E 42 -27.82 25.30 -9.49
C ILE E 42 -26.97 25.36 -10.74
N ARG E 43 -27.34 24.58 -11.75
CA ARG E 43 -26.59 24.59 -13.00
C ARG E 43 -26.51 26.03 -13.53
N PRO E 44 -25.39 26.43 -14.13
CA PRO E 44 -25.28 27.85 -14.52
C PRO E 44 -25.91 28.12 -15.88
N VAL E 45 -27.24 28.15 -15.90
CA VAL E 45 -27.99 28.42 -17.12
C VAL E 45 -29.17 29.30 -16.76
N ILE E 46 -29.40 30.35 -17.55
CA ILE E 46 -30.56 31.21 -17.31
C ILE E 46 -31.85 30.42 -17.45
N ASN E 47 -31.99 29.65 -18.53
CA ASN E 47 -33.15 28.80 -18.76
C ASN E 47 -32.73 27.37 -18.47
N LEU E 48 -33.38 26.73 -17.50
CA LEU E 48 -32.95 25.40 -17.09
C LEU E 48 -33.24 24.34 -18.14
N THR E 49 -33.98 24.65 -19.20
CA THR E 49 -34.24 23.68 -20.24
C THR E 49 -33.02 23.43 -21.13
N LYS E 50 -32.05 24.33 -21.14
CA LYS E 50 -30.87 24.19 -21.98
C LYS E 50 -29.80 23.39 -21.23
N VAL E 51 -29.00 22.64 -21.99
CA VAL E 51 -27.94 21.84 -21.44
C VAL E 51 -26.66 22.66 -21.42
N VAL E 52 -25.73 22.25 -20.55
CA VAL E 52 -24.38 22.83 -20.52
C VAL E 52 -23.44 21.89 -21.26
N ASP E 53 -22.84 22.38 -22.33
CA ASP E 53 -21.96 21.59 -23.16
C ASP E 53 -20.53 21.68 -22.62
N VAL E 54 -20.01 20.55 -22.18
CA VAL E 54 -18.66 20.46 -21.63
C VAL E 54 -17.77 19.79 -22.67
N THR E 55 -16.64 20.43 -22.97
CA THR E 55 -15.61 19.84 -23.81
C THR E 55 -14.38 19.57 -22.96
N ALA E 56 -13.91 18.32 -22.97
CA ALA E 56 -12.81 17.89 -22.14
C ALA E 56 -11.55 17.72 -23.00
N LEU E 57 -10.41 18.07 -22.42
CA LEU E 57 -9.11 17.97 -23.07
C LEU E 57 -8.19 17.13 -22.21
N LEU E 58 -7.76 15.98 -22.74
CA LEU E 58 -6.96 15.01 -22.00
C LEU E 58 -5.60 14.86 -22.69
N TYR E 59 -4.58 15.54 -22.17
CA TYR E 59 -3.22 15.48 -22.71
C TYR E 59 -2.39 14.54 -21.85
N LEU E 60 -2.10 13.35 -22.37
CA LEU E 60 -1.19 12.44 -21.69
C LEU E 60 0.16 13.11 -21.45
N GLN E 61 0.78 12.76 -20.31
CA GLN E 61 2.11 13.26 -19.97
C GLN E 61 3.15 12.15 -20.01
N THR E 62 3.00 11.11 -19.21
CA THR E 62 3.93 9.99 -19.18
C THR E 62 3.16 8.70 -18.95
N LEU E 63 3.63 7.62 -19.57
CA LEU E 63 3.06 6.29 -19.41
C LEU E 63 3.99 5.52 -18.49
N TYR E 64 3.70 5.56 -17.19
CA TYR E 64 4.58 4.96 -16.20
C TYR E 64 4.81 3.49 -16.47
N ASP E 65 3.74 2.72 -16.64
CA ASP E 65 3.92 1.27 -16.73
C ASP E 65 2.62 0.67 -17.29
N LEU E 66 2.74 -0.55 -17.82
CA LEU E 66 1.62 -1.35 -18.29
C LEU E 66 1.67 -2.67 -17.52
N ASP E 67 0.88 -2.76 -16.45
CA ASP E 67 0.91 -3.92 -15.57
C ASP E 67 0.11 -5.05 -16.20
N PHE E 68 0.80 -6.12 -16.60
CA PHE E 68 0.12 -7.22 -17.28
C PHE E 68 -0.73 -8.04 -16.32
N VAL E 69 -0.21 -8.33 -15.14
CA VAL E 69 -0.91 -9.26 -14.26
C VAL E 69 -2.21 -8.64 -13.74
N ASN E 70 -2.20 -7.36 -13.43
CA ASN E 70 -3.37 -6.69 -12.88
C ASN E 70 -4.24 -6.00 -13.93
N ASN E 71 -3.82 -6.02 -15.19
CA ASN E 71 -4.61 -5.46 -16.30
C ASN E 71 -4.81 -3.95 -16.17
N PHE E 72 -3.82 -3.24 -15.63
CA PHE E 72 -3.88 -1.80 -15.44
C PHE E 72 -2.77 -1.12 -16.23
N ILE E 73 -2.96 0.16 -16.49
CA ILE E 73 -1.93 1.02 -17.07
C ILE E 73 -1.83 2.27 -16.19
N MET E 74 -0.62 2.64 -15.82
CA MET E 74 -0.38 3.79 -14.97
C MET E 74 0.12 4.95 -15.82
N ALA E 75 -0.57 6.08 -15.74
CA ALA E 75 -0.19 7.25 -16.51
C ALA E 75 -0.61 8.50 -15.76
N ARG E 76 -0.04 9.63 -16.17
CA ARG E 76 -0.35 10.94 -15.63
C ARG E 76 -0.80 11.84 -16.77
N TYR E 77 -1.94 12.50 -16.59
CA TYR E 77 -2.58 13.28 -17.64
C TYR E 77 -2.63 14.76 -17.22
N TYR E 78 -3.28 15.56 -18.06
CA TYR E 78 -3.52 16.99 -17.86
C TYR E 78 -4.98 17.29 -18.13
N LEU E 79 -5.87 16.57 -17.46
CA LEU E 79 -7.30 16.68 -17.74
C LEU E 79 -7.78 18.12 -17.59
N GLY E 80 -8.30 18.67 -18.68
CA GLY E 80 -8.87 19.99 -18.67
C GLY E 80 -10.35 19.91 -19.02
N LEU E 81 -11.12 20.83 -18.45
CA LEU E 81 -12.56 20.89 -18.67
C LEU E 81 -12.93 22.32 -19.01
N ILE E 82 -13.69 22.51 -20.07
CA ILE E 82 -14.10 23.82 -20.53
C ILE E 82 -15.61 23.81 -20.71
N TRP E 83 -16.28 24.82 -20.16
CA TRP E 83 -17.70 25.02 -20.38
C TRP E 83 -17.97 26.51 -20.29
N ILE E 84 -19.24 26.88 -20.37
CA ILE E 84 -19.67 28.27 -20.41
C ILE E 84 -20.65 28.52 -19.29
N ASP E 85 -20.40 29.56 -18.50
CA ASP E 85 -21.27 30.00 -17.43
C ASP E 85 -22.02 31.25 -17.88
N GLU E 86 -23.35 31.24 -17.74
CA GLU E 86 -24.17 32.36 -18.15
C GLU E 86 -24.43 33.36 -17.03
N LYS E 87 -24.17 33.00 -15.77
CA LYS E 87 -24.37 33.94 -14.67
C LYS E 87 -23.13 34.74 -14.35
N LEU E 88 -21.95 34.23 -14.69
CA LEU E 88 -20.69 34.86 -14.33
C LEU E 88 -20.14 35.61 -15.55
N THR E 89 -20.65 36.83 -15.74
CA THR E 89 -20.21 37.69 -16.83
C THR E 89 -20.12 39.12 -16.33
N TRP E 90 -19.40 39.95 -17.07
CA TRP E 90 -19.24 41.35 -16.71
C TRP E 90 -18.73 42.11 -17.91
N ASN E 91 -19.07 43.39 -17.97
CA ASN E 91 -18.48 44.26 -18.98
C ASN E 91 -17.13 44.73 -18.45
N PRO E 92 -16.00 44.33 -19.05
CA PRO E 92 -14.70 44.71 -18.47
C PRO E 92 -14.46 46.21 -18.44
N LEU E 93 -15.12 46.98 -19.31
CA LEU E 93 -14.93 48.44 -19.27
C LEU E 93 -15.47 49.04 -18.00
N ASP E 94 -16.33 48.34 -17.28
CA ASP E 94 -16.89 48.83 -16.02
C ASP E 94 -16.00 48.52 -14.83
N TYR E 95 -14.90 47.78 -15.01
CA TYR E 95 -14.03 47.38 -13.91
C TYR E 95 -12.57 47.54 -14.28
N ASN E 96 -12.23 48.64 -14.96
CA ASN E 96 -10.84 48.98 -15.27
C ASN E 96 -10.16 47.86 -16.06
N ASN E 97 -10.90 47.26 -16.99
CA ASN E 97 -10.34 46.35 -17.99
C ASN E 97 -9.90 45.02 -17.39
N ILE E 98 -10.48 44.61 -16.27
CA ILE E 98 -10.22 43.28 -15.74
C ILE E 98 -10.88 42.27 -16.66
N THR E 99 -10.08 41.47 -17.35
CA THR E 99 -10.59 40.51 -18.32
C THR E 99 -10.67 39.09 -17.81
N SER E 100 -10.02 38.77 -16.69
CA SER E 100 -10.05 37.41 -16.19
C SER E 100 -9.69 37.40 -14.72
N ILE E 101 -10.29 36.46 -13.98
CA ILE E 101 -10.05 36.30 -12.55
C ILE E 101 -9.81 34.82 -12.26
N TYR E 102 -9.40 34.55 -11.01
CA TYR E 102 -9.19 33.21 -10.51
C TYR E 102 -10.07 33.01 -9.29
N LEU E 103 -10.89 31.96 -9.31
CA LEU E 103 -11.83 31.65 -8.25
C LEU E 103 -11.45 30.32 -7.59
N PRO E 104 -11.72 30.14 -6.30
CA PRO E 104 -11.50 28.82 -5.70
C PRO E 104 -12.44 27.80 -6.31
N LYS E 105 -11.93 26.58 -6.50
CA LYS E 105 -12.68 25.57 -7.25
C LYS E 105 -13.98 25.19 -6.58
N ASP E 106 -14.08 25.34 -5.26
CA ASP E 106 -15.24 24.86 -4.53
C ASP E 106 -16.34 25.91 -4.34
N LYS E 107 -16.17 27.10 -4.91
CA LYS E 107 -17.19 28.14 -4.81
C LYS E 107 -18.09 28.23 -6.04
N ILE E 108 -17.76 27.50 -7.11
CA ILE E 108 -18.45 27.62 -8.39
C ILE E 108 -18.95 26.25 -8.80
N TRP E 109 -20.03 26.24 -9.59
CA TRP E 109 -20.53 24.98 -10.11
C TRP E 109 -19.50 24.37 -11.05
N THR E 110 -19.29 23.06 -10.90
CA THR E 110 -18.28 22.33 -11.64
C THR E 110 -18.93 21.06 -12.17
N PRO E 111 -18.79 20.72 -13.46
CA PRO E 111 -19.45 19.53 -13.98
C PRO E 111 -18.94 18.28 -13.28
N PRO E 112 -19.80 17.30 -13.01
CA PRO E 112 -19.36 16.13 -12.22
C PRO E 112 -18.74 15.03 -13.08
N ILE E 113 -17.65 15.37 -13.75
CA ILE E 113 -16.98 14.40 -14.61
C ILE E 113 -16.17 13.45 -13.74
N LYS E 114 -16.25 12.16 -14.03
CA LYS E 114 -15.56 11.14 -13.27
C LYS E 114 -14.76 10.26 -14.21
N MET E 115 -13.63 9.75 -13.73
CA MET E 115 -12.84 8.77 -14.46
C MET E 115 -13.51 7.40 -14.29
N CYS E 116 -14.63 7.25 -15.01
CA CYS E 116 -15.57 6.16 -14.80
C CYS E 116 -14.91 4.79 -14.81
N ASN E 117 -13.93 4.58 -15.71
CA ASN E 117 -13.32 3.27 -15.92
C ASN E 117 -11.94 3.19 -15.27
N SER E 118 -11.70 3.93 -14.19
CA SER E 118 -10.35 4.02 -13.65
C SER E 118 -10.39 4.15 -12.14
N MET E 119 -9.30 3.72 -11.52
CA MET E 119 -9.01 4.02 -10.12
C MET E 119 -8.17 5.27 -10.08
N ASP E 120 -8.70 6.34 -9.51
CA ASP E 120 -7.99 7.60 -9.42
C ASP E 120 -7.14 7.58 -8.15
N LYS E 121 -5.83 7.74 -8.31
CA LYS E 121 -4.88 7.72 -7.21
C LYS E 121 -4.16 9.06 -7.05
N SER E 122 -4.79 10.14 -7.50
CA SER E 122 -4.22 11.46 -7.30
C SER E 122 -4.37 11.86 -5.84
N GLU E 123 -3.44 12.68 -5.38
CA GLU E 123 -3.47 13.20 -4.01
C GLU E 123 -4.06 14.61 -4.00
N GLU E 124 -4.37 15.08 -2.79
CA GLU E 124 -4.80 16.45 -2.61
C GLU E 124 -3.68 17.43 -2.89
N ASN E 125 -2.42 16.99 -2.85
CA ASN E 125 -1.31 17.85 -3.23
C ASN E 125 -1.25 18.09 -4.73
N ASP E 126 -1.91 17.26 -5.52
CA ASP E 126 -2.03 17.46 -6.96
C ASP E 126 -3.35 18.10 -7.35
N GLY E 127 -4.12 18.61 -6.40
CA GLY E 127 -5.37 19.28 -6.67
C GLY E 127 -5.15 20.77 -6.68
N VAL E 128 -5.45 21.39 -7.83
CA VAL E 128 -5.19 22.83 -7.97
C VAL E 128 -6.13 23.63 -7.07
N GLY E 129 -7.39 23.25 -6.99
CA GLY E 129 -8.34 23.97 -6.16
C GLY E 129 -8.53 25.42 -6.56
N GLU E 130 -8.55 25.69 -7.86
CA GLU E 130 -8.70 27.02 -8.44
C GLU E 130 -9.01 26.85 -9.92
N LEU E 131 -9.63 27.88 -10.49
CA LEU E 131 -10.05 27.81 -11.88
C LEU E 131 -9.95 29.20 -12.49
N MET E 132 -9.83 29.23 -13.82
CA MET E 132 -9.68 30.46 -14.58
C MET E 132 -11.02 30.77 -15.22
N LEU E 133 -11.52 31.98 -14.98
CA LEU E 133 -12.78 32.43 -15.53
C LEU E 133 -12.56 33.68 -16.36
N THR E 134 -13.18 33.72 -17.54
CA THR E 134 -13.06 34.82 -18.48
C THR E 134 -14.36 35.61 -18.50
N TYR E 135 -14.25 36.89 -18.88
CA TYR E 135 -15.40 37.79 -18.78
C TYR E 135 -16.57 37.36 -19.66
N THR E 136 -16.35 36.50 -20.66
CA THR E 136 -17.43 35.99 -21.47
C THR E 136 -18.15 34.81 -20.83
N GLY E 137 -17.68 34.32 -19.68
CA GLY E 137 -18.25 33.19 -19.00
C GLY E 137 -17.50 31.88 -19.20
N TRP E 138 -16.50 31.85 -20.07
CA TRP E 138 -15.79 30.61 -20.35
C TRP E 138 -14.86 30.29 -19.19
N ILE E 139 -14.94 29.07 -18.67
CA ILE E 139 -14.15 28.62 -17.53
C ILE E 139 -13.20 27.54 -18.00
N ASN E 140 -11.94 27.64 -17.59
CA ASN E 140 -10.95 26.58 -17.78
C ASN E 140 -10.61 25.97 -16.43
N MET E 141 -10.63 24.65 -16.34
CA MET E 141 -10.34 23.92 -15.11
C MET E 141 -9.39 22.77 -15.46
N TRP E 142 -8.11 23.01 -15.26
CA TRP E 142 -7.05 22.08 -15.62
C TRP E 142 -6.45 21.44 -14.39
N SER E 143 -6.32 20.12 -14.40
CA SER E 143 -5.88 19.37 -13.22
C SER E 143 -5.00 18.18 -13.62
N PHE E 144 -3.88 18.01 -12.92
CA PHE E 144 -3.11 16.78 -13.06
C PHE E 144 -3.90 15.61 -12.50
N ARG E 145 -3.78 14.45 -13.14
CA ARG E 145 -4.52 13.27 -12.74
C ARG E 145 -3.68 12.04 -13.02
N LEU E 146 -3.37 11.28 -11.98
CA LEU E 146 -2.69 10.01 -12.11
C LEU E 146 -3.72 8.89 -11.97
N LEU E 147 -3.83 8.06 -13.01
CA LEU E 147 -4.91 7.09 -13.13
C LEU E 147 -4.36 5.67 -13.20
N HIS E 148 -5.03 4.77 -12.48
CA HIS E 148 -4.83 3.32 -12.60
C HIS E 148 -6.07 2.81 -13.30
N THR E 149 -6.01 2.72 -14.62
CA THR E 149 -7.19 2.48 -15.44
C THR E 149 -7.18 1.09 -16.05
N TYR E 150 -8.34 0.46 -16.03
CA TYR E 150 -8.50 -0.92 -16.47
C TYR E 150 -8.32 -1.03 -17.98
N CYS E 151 -7.54 -2.02 -18.41
CA CYS E 151 -7.33 -2.31 -19.82
C CYS E 151 -7.45 -3.80 -20.07
N GLN E 152 -8.10 -4.16 -21.17
CA GLN E 152 -8.21 -5.55 -21.57
C GLN E 152 -6.95 -5.90 -22.33
N ILE E 153 -6.03 -6.58 -21.65
CA ILE E 153 -4.67 -6.78 -22.14
C ILE E 153 -4.61 -8.18 -22.75
N ASN E 154 -4.44 -8.25 -24.07
CA ASN E 154 -4.36 -9.50 -24.81
C ASN E 154 -2.91 -9.75 -25.20
N ALA E 155 -2.31 -10.79 -24.62
CA ALA E 155 -0.92 -11.16 -24.88
C ALA E 155 -0.80 -12.23 -25.94
N TYR E 156 -1.69 -12.21 -26.94
CA TYR E 156 -1.67 -13.23 -27.99
C TYR E 156 -0.35 -13.22 -28.74
N THR E 157 -0.04 -12.11 -29.39
CA THR E 157 1.14 -11.99 -30.26
C THR E 157 2.39 -11.58 -29.50
N TYR E 158 2.51 -11.97 -28.24
CA TYR E 158 3.68 -11.61 -27.45
C TYR E 158 4.94 -12.17 -28.11
N PRO E 159 6.07 -11.43 -28.11
CA PRO E 159 6.31 -10.07 -27.62
C PRO E 159 6.15 -9.01 -28.71
N PHE E 160 5.66 -9.38 -29.89
CA PHE E 160 5.35 -8.41 -30.95
C PHE E 160 3.89 -8.01 -30.88
N ASP E 161 3.44 -7.60 -29.71
CA ASP E 161 2.02 -7.41 -29.43
C ASP E 161 1.65 -5.95 -29.46
N GLU E 162 0.39 -5.70 -29.83
CA GLU E 162 -0.23 -4.38 -29.78
C GLU E 162 -1.46 -4.47 -28.91
N HIS E 163 -1.88 -3.32 -28.37
CA HIS E 163 -2.99 -3.28 -27.41
C HIS E 163 -3.70 -1.95 -27.54
N THR E 164 -4.96 -1.95 -27.14
CA THR E 164 -5.81 -0.76 -27.16
C THR E 164 -6.43 -0.59 -25.78
N CYS E 165 -6.14 0.53 -25.14
CA CYS E 165 -6.71 0.88 -23.84
C CYS E 165 -7.57 2.12 -24.01
N GLU E 166 -8.82 2.03 -23.57
CA GLU E 166 -9.78 3.12 -23.69
C GLU E 166 -9.95 3.81 -22.35
N ILE E 167 -9.71 5.12 -22.33
CA ILE E 167 -9.87 5.93 -21.13
C ILE E 167 -11.24 6.58 -21.20
N TYR E 168 -12.11 6.25 -20.25
CA TYR E 168 -13.51 6.64 -20.29
C TYR E 168 -13.75 7.89 -19.45
N LEU E 169 -14.58 8.78 -19.99
CA LEU E 169 -15.16 9.89 -19.25
C LEU E 169 -16.66 9.75 -19.29
N CYS E 170 -17.33 9.97 -18.16
CA CYS E 170 -18.79 9.97 -18.17
C CYS E 170 -19.30 10.89 -17.08
N VAL E 171 -20.18 11.82 -17.46
CA VAL E 171 -20.89 12.65 -16.51
C VAL E 171 -21.49 11.77 -15.42
N ALA E 172 -21.46 12.24 -14.19
CA ALA E 172 -21.81 11.38 -13.07
C ALA E 172 -23.31 11.12 -13.05
N LEU E 173 -24.11 12.16 -12.79
CA LEU E 173 -25.52 12.01 -12.43
C LEU E 173 -26.49 12.81 -13.27
N HIS E 174 -26.05 13.80 -14.02
CA HIS E 174 -26.99 14.63 -14.75
C HIS E 174 -27.38 13.94 -16.05
N THR E 175 -28.66 14.00 -16.37
CA THR E 175 -29.14 13.39 -17.60
C THR E 175 -28.69 14.19 -18.80
N ILE E 176 -28.78 13.58 -19.97
CA ILE E 176 -28.34 14.22 -21.20
C ILE E 176 -29.14 15.48 -21.49
N ASN E 177 -30.33 15.61 -20.92
CA ASN E 177 -31.09 16.84 -21.01
C ASN E 177 -30.61 17.89 -20.02
N HIS E 178 -29.62 17.59 -19.19
CA HIS E 178 -29.01 18.55 -18.27
C HIS E 178 -27.56 18.85 -18.59
N THR E 179 -26.70 17.83 -18.69
CA THR E 179 -25.29 18.00 -18.95
C THR E 179 -24.82 17.03 -20.01
N ARG E 180 -24.00 17.51 -20.94
CA ARG E 180 -23.49 16.70 -22.04
C ARG E 180 -22.01 16.96 -22.24
N ILE E 181 -21.29 15.92 -22.68
CA ILE E 181 -19.89 16.04 -23.06
C ILE E 181 -19.88 16.34 -24.56
N LYS E 182 -19.59 17.60 -24.91
CA LYS E 182 -19.61 17.99 -26.32
C LYS E 182 -18.57 17.23 -27.12
N GLU E 183 -17.34 17.16 -26.62
CA GLU E 183 -16.25 16.53 -27.36
C GLU E 183 -15.17 16.11 -26.38
N LEU E 184 -14.27 15.26 -26.87
CA LEU E 184 -13.07 14.87 -26.16
C LEU E 184 -11.89 15.01 -27.11
N ILE E 185 -10.97 15.90 -26.77
CA ILE E 185 -9.77 16.16 -27.58
C ILE E 185 -8.61 15.56 -26.80
N TYR E 186 -8.02 14.50 -27.33
CA TYR E 186 -6.91 13.80 -26.69
C TYR E 186 -5.68 13.89 -27.56
N GLU E 187 -4.54 14.15 -26.93
CA GLU E 187 -3.26 14.24 -27.61
C GLU E 187 -2.18 13.69 -26.70
N ASP E 188 -0.96 13.63 -27.23
CA ASP E 188 0.22 13.26 -26.47
C ASP E 188 1.11 14.48 -26.34
N SER E 189 1.51 14.78 -25.10
CA SER E 189 2.29 15.98 -24.84
C SER E 189 3.78 15.80 -25.09
N LYS E 190 4.24 14.57 -25.30
CA LYS E 190 5.65 14.29 -25.61
C LYS E 190 6.58 14.79 -24.50
N PHE E 191 6.07 14.81 -23.26
CA PHE E 191 6.89 15.31 -22.16
C PHE E 191 8.13 14.44 -21.96
N THR E 192 7.95 13.11 -22.00
CA THR E 192 9.04 12.17 -21.87
C THR E 192 8.95 11.13 -22.97
N GLN E 193 10.09 10.53 -23.29
CA GLN E 193 10.15 9.43 -24.25
C GLN E 193 10.08 8.11 -23.48
N ASN E 194 9.38 7.14 -24.07
CA ASN E 194 9.12 5.89 -23.38
C ASN E 194 10.27 4.89 -23.52
N TYR E 195 10.60 4.52 -24.75
CA TYR E 195 11.63 3.55 -25.14
C TYR E 195 11.18 2.11 -24.92
N LYS E 196 9.95 1.86 -24.49
CA LYS E 196 9.45 0.49 -24.32
C LYS E 196 8.13 0.31 -25.05
N TRP E 197 7.31 1.35 -25.10
CA TRP E 197 6.03 1.33 -25.78
C TRP E 197 5.94 2.49 -26.75
N ASP E 198 5.44 2.22 -27.95
CA ASP E 198 5.12 3.25 -28.92
C ASP E 198 3.67 3.67 -28.70
N ILE E 199 3.46 4.88 -28.20
CA ILE E 199 2.13 5.38 -27.85
C ILE E 199 1.59 6.19 -29.01
N ASN E 200 0.29 6.02 -29.30
CA ASN E 200 -0.39 6.71 -30.39
C ASN E 200 -1.75 7.18 -29.85
N VAL E 201 -1.77 8.36 -29.26
CA VAL E 201 -2.98 8.93 -28.67
C VAL E 201 -3.22 10.26 -29.37
N SER E 202 -4.02 10.25 -30.43
CA SER E 202 -4.40 11.48 -31.10
C SER E 202 -5.77 11.28 -31.74
N GLY E 203 -6.56 12.34 -31.76
CA GLY E 203 -7.86 12.33 -32.39
C GLY E 203 -8.92 13.04 -31.56
N LYS E 204 -10.04 13.34 -32.22
CA LYS E 204 -11.18 14.02 -31.64
C LYS E 204 -12.42 13.16 -31.81
N VAL E 205 -13.24 13.09 -30.76
CA VAL E 205 -14.46 12.27 -30.77
C VAL E 205 -15.58 13.03 -30.08
N ASN E 206 -16.78 13.00 -30.67
CA ASN E 206 -17.96 13.54 -30.03
C ASN E 206 -18.40 12.65 -28.87
N GLY E 207 -19.19 13.23 -27.97
CA GLY E 207 -19.71 12.47 -26.86
C GLY E 207 -20.80 11.51 -27.28
N THR E 208 -20.92 10.42 -26.54
CA THR E 208 -21.92 9.39 -26.80
C THR E 208 -23.06 9.54 -25.79
N ASP E 209 -24.29 9.59 -26.29
CA ASP E 209 -25.48 9.83 -25.47
C ASP E 209 -26.28 8.55 -25.34
N GLU E 210 -26.21 7.89 -24.16
CA GLU E 210 -27.11 6.78 -23.84
C GLU E 210 -27.52 6.96 -22.36
N LEU E 211 -28.54 7.79 -22.16
CA LEU E 211 -29.14 8.11 -20.87
C LEU E 211 -28.25 8.98 -19.96
N PHE E 212 -26.93 8.91 -20.11
CA PHE E 212 -26.01 9.87 -19.52
C PHE E 212 -24.81 9.94 -20.45
N SER E 213 -24.35 11.16 -20.75
CA SER E 213 -23.30 11.33 -21.73
C SER E 213 -22.00 10.68 -21.25
N TYR E 214 -21.18 10.27 -22.21
CA TYR E 214 -19.88 9.70 -21.91
C TYR E 214 -19.09 9.61 -23.21
N ALA E 215 -17.77 9.65 -23.08
CA ALA E 215 -16.87 9.53 -24.21
C ALA E 215 -15.64 8.75 -23.77
N PHE E 216 -14.84 8.31 -24.73
CA PHE E 216 -13.60 7.62 -24.38
C PHE E 216 -12.55 7.87 -25.45
N ALA E 217 -11.28 7.97 -24.99
CA ALA E 217 -10.14 8.15 -25.88
C ALA E 217 -9.47 6.80 -26.12
N PRO E 218 -9.36 6.30 -27.35
CA PRO E 218 -8.64 5.04 -27.54
C PRO E 218 -7.14 5.27 -27.63
N MET E 219 -6.38 4.60 -26.78
CA MET E 219 -4.92 4.68 -26.76
C MET E 219 -4.35 3.38 -27.28
N TYR E 220 -3.57 3.45 -28.34
CA TYR E 220 -2.91 2.29 -28.93
C TYR E 220 -1.48 2.20 -28.43
N LEU E 221 -1.08 1.00 -27.99
CA LEU E 221 0.24 0.77 -27.41
C LEU E 221 0.89 -0.41 -28.11
N ARG E 222 2.06 -0.17 -28.70
CA ARG E 222 2.86 -1.18 -29.38
C ARG E 222 4.17 -1.35 -28.64
N ARG E 223 4.48 -2.59 -28.25
CA ARG E 223 5.75 -2.86 -27.62
C ARG E 223 6.89 -2.67 -28.61
N LYS E 224 7.89 -1.87 -28.23
CA LYS E 224 9.04 -1.65 -29.09
C LYS E 224 10.02 -2.80 -28.96
N LEU E 225 10.51 -3.28 -30.10
CA LEU E 225 11.42 -4.42 -30.11
C LEU E 225 12.78 -3.94 -29.65
N THR E 226 13.16 -4.33 -28.43
CA THR E 226 14.45 -3.95 -27.85
C THR E 226 15.48 -5.07 -27.99
N VAL E 227 16.74 -4.63 -28.07
CA VAL E 227 17.82 -5.59 -28.19
C VAL E 227 17.91 -6.43 -26.92
N GLY E 228 17.44 -5.89 -25.79
CA GLY E 228 17.37 -6.68 -24.57
C GLY E 228 16.37 -7.81 -24.65
N ILE E 229 15.18 -7.56 -25.20
CA ILE E 229 14.19 -8.64 -25.25
C ILE E 229 14.63 -9.72 -26.23
N ILE E 230 15.19 -9.33 -27.39
CA ILE E 230 15.67 -10.37 -28.30
C ILE E 230 16.81 -11.14 -27.65
N ALA E 231 17.66 -10.46 -26.88
CA ALA E 231 18.71 -11.15 -26.15
C ALA E 231 18.12 -12.17 -25.18
N MET E 232 17.02 -11.80 -24.51
CA MET E 232 16.37 -12.75 -23.62
C MET E 232 15.73 -13.89 -24.40
N LEU E 233 15.35 -13.64 -25.66
CA LEU E 233 14.73 -14.65 -26.49
C LEU E 233 15.72 -15.58 -27.15
N ILE E 234 17.00 -15.26 -27.15
CA ILE E 234 18.00 -16.11 -27.80
C ILE E 234 18.09 -17.46 -27.09
N PRO E 235 18.23 -17.52 -25.74
CA PRO E 235 18.22 -18.81 -25.06
C PRO E 235 17.11 -19.76 -25.47
N THR E 236 15.91 -19.22 -25.79
CA THR E 236 14.79 -20.10 -26.11
C THR E 236 14.98 -20.74 -27.47
N VAL E 237 15.37 -19.94 -28.47
CA VAL E 237 15.55 -20.50 -29.81
C VAL E 237 16.68 -21.51 -29.81
N MET E 238 17.79 -21.20 -29.13
CA MET E 238 18.88 -22.16 -29.13
C MET E 238 18.49 -23.42 -28.35
N MET E 239 17.64 -23.29 -27.33
CA MET E 239 17.12 -24.46 -26.65
C MET E 239 16.29 -25.30 -27.60
N THR E 240 15.53 -24.65 -28.48
CA THR E 240 14.80 -25.40 -29.50
C THR E 240 15.74 -26.14 -30.43
N ILE E 241 16.82 -25.48 -30.85
CA ILE E 241 17.80 -26.15 -31.70
C ILE E 241 18.36 -27.38 -30.99
N LEU E 242 18.66 -27.25 -29.70
CA LEU E 242 19.22 -28.37 -28.96
C LEU E 242 18.21 -29.51 -28.82
N THR E 243 16.94 -29.17 -28.59
CA THR E 243 15.90 -30.19 -28.53
C THR E 243 15.79 -30.94 -29.86
N ILE E 244 15.84 -30.20 -30.97
CA ILE E 244 15.78 -30.83 -32.28
C ILE E 244 16.96 -31.77 -32.47
N PHE E 245 18.16 -31.31 -32.06
CA PHE E 245 19.34 -32.13 -32.26
C PHE E 245 19.25 -33.42 -31.46
N VAL E 246 18.88 -33.31 -30.17
CA VAL E 246 18.82 -34.52 -29.35
C VAL E 246 17.71 -35.44 -29.83
N PHE E 247 16.61 -34.89 -30.33
CA PHE E 247 15.58 -35.72 -30.93
C PHE E 247 16.12 -36.47 -32.14
N LEU E 248 17.03 -35.85 -32.88
CA LEU E 248 17.67 -36.53 -34.01
C LEU E 248 18.84 -37.42 -33.61
N LEU E 249 19.32 -37.29 -32.38
CA LEU E 249 20.49 -38.05 -31.93
C LEU E 249 20.21 -39.55 -31.97
N PRO E 250 21.21 -40.39 -32.27
CA PRO E 250 20.97 -41.84 -32.28
C PRO E 250 20.47 -42.33 -30.93
N PRO E 251 19.43 -43.20 -30.91
CA PRO E 251 19.05 -43.82 -29.63
C PRO E 251 20.18 -44.51 -28.88
N GLU E 252 21.18 -45.03 -29.58
CA GLU E 252 22.27 -45.78 -28.97
C GLU E 252 23.51 -44.95 -28.69
N SER E 253 23.40 -43.62 -28.74
CA SER E 253 24.54 -42.77 -28.40
C SER E 253 24.96 -42.97 -26.96
N GLY E 254 23.99 -43.10 -26.05
CA GLY E 254 24.22 -43.28 -24.64
C GLY E 254 23.94 -42.05 -23.80
N GLU E 255 23.93 -40.87 -24.41
CA GLU E 255 23.64 -39.62 -23.71
C GLU E 255 22.17 -39.19 -23.86
N LYS E 256 21.36 -39.97 -24.58
CA LYS E 256 19.98 -39.62 -24.85
C LYS E 256 19.21 -39.35 -23.56
N VAL E 257 19.12 -40.35 -22.69
CA VAL E 257 18.29 -40.24 -21.49
C VAL E 257 18.79 -39.12 -20.58
N SER E 258 20.10 -39.03 -20.38
CA SER E 258 20.65 -38.02 -19.48
C SER E 258 20.35 -36.62 -19.98
N LEU E 259 20.65 -36.37 -21.25
CA LEU E 259 20.45 -35.01 -21.77
C LEU E 259 18.97 -34.69 -21.89
N ALA E 260 18.14 -35.70 -22.17
CA ALA E 260 16.71 -35.47 -22.23
C ALA E 260 16.17 -35.08 -20.86
N THR E 261 16.65 -35.73 -19.81
CA THR E 261 16.23 -35.38 -18.46
C THR E 261 16.64 -33.95 -18.12
N THR E 262 17.92 -33.62 -18.39
CA THR E 262 18.40 -32.29 -18.03
C THR E 262 17.66 -31.20 -18.79
N ILE E 263 17.37 -31.43 -20.06
CA ILE E 263 16.76 -30.37 -20.85
C ILE E 263 15.26 -30.33 -20.63
N PHE E 264 14.64 -31.44 -20.23
CA PHE E 264 13.27 -31.37 -19.75
C PHE E 264 13.18 -30.55 -18.48
N LEU E 265 14.13 -30.73 -17.56
CA LEU E 265 14.20 -29.87 -16.39
C LEU E 265 14.27 -28.40 -16.80
N SER E 266 15.19 -28.07 -17.70
CA SER E 266 15.34 -26.67 -18.12
C SER E 266 14.08 -26.14 -18.80
N ASN E 267 13.44 -26.96 -19.65
CA ASN E 267 12.21 -26.56 -20.32
C ASN E 267 11.11 -26.29 -19.31
N VAL E 268 10.96 -27.17 -18.33
CA VAL E 268 9.92 -26.99 -17.33
C VAL E 268 10.19 -25.74 -16.50
N LEU E 269 11.46 -25.48 -16.21
CA LEU E 269 11.81 -24.27 -15.47
C LEU E 269 11.41 -23.03 -16.27
N TYR E 270 11.70 -23.02 -17.57
CA TYR E 270 11.31 -21.87 -18.38
C TYR E 270 9.80 -21.76 -18.50
N LEU E 271 9.10 -22.90 -18.52
CA LEU E 271 7.66 -22.86 -18.67
C LEU E 271 7.01 -22.27 -17.43
N VAL E 272 7.42 -22.74 -16.26
CA VAL E 272 6.95 -22.15 -15.00
C VAL E 272 7.30 -20.66 -14.96
N GLN E 273 8.53 -20.31 -15.32
CA GLN E 273 8.99 -18.92 -15.30
C GLN E 273 8.08 -18.02 -16.12
N ILE E 274 7.83 -18.39 -17.38
CA ILE E 274 6.97 -17.55 -18.22
C ILE E 274 5.54 -17.58 -17.70
N ASP E 275 5.08 -18.73 -17.18
CA ASP E 275 3.70 -18.85 -16.75
C ASP E 275 3.41 -17.91 -15.59
N LYS E 276 4.37 -17.70 -14.69
CA LYS E 276 4.12 -16.75 -13.62
C LYS E 276 4.13 -15.31 -14.11
N THR E 277 4.62 -15.04 -15.32
CA THR E 277 4.67 -13.69 -15.88
C THR E 277 3.64 -13.44 -16.97
N THR E 278 3.12 -14.48 -17.61
CA THR E 278 2.14 -14.28 -18.67
C THR E 278 0.79 -13.89 -18.06
N PRO E 279 0.04 -12.98 -18.68
CA PRO E 279 -1.30 -12.67 -18.16
C PRO E 279 -2.23 -13.87 -18.25
N THR E 280 -3.05 -14.05 -17.21
CA THR E 280 -4.06 -15.08 -17.18
C THR E 280 -5.38 -14.66 -17.83
N ASN E 281 -5.56 -13.37 -18.11
CA ASN E 281 -6.80 -12.81 -18.65
C ASN E 281 -6.54 -12.29 -20.07
N THR E 282 -6.67 -13.18 -21.05
CA THR E 282 -6.42 -12.84 -22.44
C THR E 282 -7.47 -13.50 -23.32
N LYS E 283 -7.76 -12.85 -24.45
CA LYS E 283 -8.65 -13.46 -25.44
C LYS E 283 -8.09 -14.79 -25.93
N TYR E 284 -6.78 -14.85 -26.16
CA TYR E 284 -6.04 -16.07 -26.46
C TYR E 284 -4.75 -16.04 -25.65
N PRO E 285 -4.19 -17.20 -25.31
CA PRO E 285 -2.90 -17.19 -24.61
C PRO E 285 -1.77 -16.81 -25.56
N SER E 286 -0.59 -16.57 -24.99
CA SER E 286 0.54 -16.16 -25.81
C SER E 286 1.10 -17.35 -26.59
N LEU E 287 1.25 -17.11 -27.90
CA LEU E 287 1.76 -18.14 -28.81
C LEU E 287 3.11 -18.66 -28.36
N LEU E 288 3.98 -17.79 -27.87
CA LEU E 288 5.30 -18.25 -27.43
C LEU E 288 5.19 -19.22 -26.26
N MET E 289 4.32 -18.93 -25.30
CA MET E 289 4.11 -19.88 -24.21
C MET E 289 3.59 -21.20 -24.74
N LEU E 290 2.64 -21.16 -25.68
CA LEU E 290 2.12 -22.41 -26.22
C LEU E 290 3.19 -23.14 -27.01
N TYR E 291 4.08 -22.40 -27.66
CA TYR E 291 5.17 -23.00 -28.40
C TYR E 291 6.19 -23.65 -27.47
N LEU E 292 6.41 -23.06 -26.29
CA LEU E 292 7.30 -23.71 -25.35
C LEU E 292 6.63 -24.91 -24.70
N MET E 293 5.30 -24.87 -24.56
CA MET E 293 4.59 -26.07 -24.12
C MET E 293 4.77 -27.19 -25.14
N LEU E 294 4.64 -26.86 -26.42
CA LEU E 294 4.88 -27.85 -27.47
C LEU E 294 6.31 -28.36 -27.41
N LEU E 295 7.26 -27.48 -27.13
CA LEU E 295 8.66 -27.90 -27.01
C LEU E 295 8.82 -28.89 -25.87
N SER E 296 8.21 -28.61 -24.72
CA SER E 296 8.31 -29.52 -23.58
C SER E 296 7.63 -30.84 -23.91
N MET E 297 6.52 -30.80 -24.62
CA MET E 297 5.82 -32.03 -25.00
C MET E 297 6.68 -32.87 -25.94
N LEU E 298 7.37 -32.22 -26.89
CA LEU E 298 8.26 -32.94 -27.77
C LEU E 298 9.45 -33.51 -27.00
N SER E 299 9.94 -32.77 -26.01
CA SER E 299 11.00 -33.29 -25.16
C SER E 299 10.52 -34.52 -24.39
N GLY E 300 9.27 -34.49 -23.94
CA GLY E 300 8.70 -35.66 -23.29
C GLY E 300 8.62 -36.85 -24.22
N ILE E 301 8.24 -36.62 -25.48
CA ILE E 301 8.19 -37.73 -26.43
C ILE E 301 9.60 -38.26 -26.70
N ALA E 302 10.58 -37.36 -26.78
CA ALA E 302 11.96 -37.81 -26.97
C ALA E 302 12.43 -38.66 -25.80
N THR E 303 12.10 -38.22 -24.58
CA THR E 303 12.44 -39.01 -23.40
C THR E 303 11.75 -40.36 -23.44
N LEU E 304 10.47 -40.38 -23.85
CA LEU E 304 9.71 -41.62 -23.95
C LEU E 304 10.35 -42.57 -24.94
N GLY E 305 10.74 -42.06 -26.11
CA GLY E 305 11.39 -42.91 -27.09
C GLY E 305 12.72 -43.45 -26.59
N SER E 306 13.49 -42.60 -25.92
CA SER E 306 14.79 -43.03 -25.42
C SER E 306 14.63 -44.14 -24.39
N VAL E 307 13.72 -43.96 -23.43
CA VAL E 307 13.53 -44.99 -22.40
C VAL E 307 12.94 -46.26 -23.01
N VAL E 308 12.03 -46.13 -23.97
CA VAL E 308 11.44 -47.30 -24.61
C VAL E 308 12.52 -48.12 -25.31
N ILE E 309 13.39 -47.43 -26.06
CA ILE E 309 14.48 -48.12 -26.73
C ILE E 309 15.44 -48.72 -25.72
N SER E 310 15.68 -48.01 -24.61
CA SER E 310 16.59 -48.52 -23.59
C SER E 310 16.07 -49.82 -22.98
N LYS E 311 14.77 -49.87 -22.65
CA LYS E 311 14.23 -51.12 -22.11
C LYS E 311 14.20 -52.22 -23.17
N LEU E 312 13.78 -51.88 -24.39
CA LEU E 312 13.78 -52.85 -25.49
C LEU E 312 15.15 -52.89 -26.15
#